data_3RDD
# 
_entry.id   3RDD 
# 
_audit_conform.dict_name       mmcif_pdbx.dic 
_audit_conform.dict_version    5.379 
_audit_conform.dict_location   http://mmcif.pdb.org/dictionaries/ascii/mmcif_pdbx.dic 
# 
loop_
_database_2.database_id 
_database_2.database_code 
_database_2.pdbx_database_accession 
_database_2.pdbx_DOI 
PDB   3RDD         pdb_00003rdd 10.2210/pdb3rdd/pdb 
RCSB  RCSB064792   ?            ?                   
WWPDB D_1000064792 ?            ?                   
# 
loop_
_pdbx_database_related.db_name 
_pdbx_database_related.db_id 
_pdbx_database_related.details 
_pdbx_database_related.content_type 
PDB 3R49 . unspecified 
PDB 3R4G . unspecified 
PDB 3R54 . unspecified 
PDB 3R56 . unspecified 
PDB 3R57 . unspecified 
PDB 3R59 . unspecified 
PDB 3RCF . unspecified 
PDB 3RCG . unspecified 
PDB 3RCI . unspecified 
PDB 3RCK . unspecified 
PDB 3RCL . unspecified 
PDB 3RD9 . unspecified 
PDB 3RDA . unspecified 
PDB 3RDB . unspecified 
PDB 3RDC . unspecified 
# 
_pdbx_database_status.status_code                     REL 
_pdbx_database_status.entry_id                        3RDD 
_pdbx_database_status.recvd_initial_deposition_date   2011-04-01 
_pdbx_database_status.deposit_site                    RCSB 
_pdbx_database_status.process_site                    RCSB 
_pdbx_database_status.status_code_sf                  REL 
_pdbx_database_status.status_code_mr                  ? 
_pdbx_database_status.SG_entry                        ? 
_pdbx_database_status.status_code_cs                  ? 
_pdbx_database_status.pdb_format_compatible           Y 
_pdbx_database_status.status_code_nmr_data            ? 
_pdbx_database_status.methods_development_category    ? 
# 
loop_
_audit_author.name 
_audit_author.pdbx_ordinal 
'Colliandre, L.'     1 
'Ahmed-Belkacem, H.' 2 
'Bessin, Y.'         3 
'Pawlotsky, J.M.'    4 
'Guichou, J.F.'      5 
# 
_citation.id                        primary 
_citation.title                     
'Fragment-based discovery of a new family of non-peptidic small-molecule cyclophilin inhibitors with potent antiviral activities.' 
_citation.journal_abbrev            'Nat Commun' 
_citation.journal_volume            7 
_citation.page_first                12777 
_citation.page_last                 12777 
_citation.year                      2016 
_citation.journal_id_ASTM           ? 
_citation.country                   UK 
_citation.journal_id_ISSN           2041-1723 
_citation.journal_id_CSD            ? 
_citation.book_publisher            ? 
_citation.pdbx_database_id_PubMed   27652979 
_citation.pdbx_database_id_DOI      10.1038/ncomms12777 
# 
loop_
_citation_author.citation_id 
_citation_author.name 
_citation_author.ordinal 
_citation_author.identifier_ORCID 
primary 'Ahmed-Belkacem, A.' 1  ? 
primary 'Colliandre, L.'     2  ? 
primary 'Ahnou, N.'          3  ? 
primary 'Nevers, Q.'         4  ? 
primary 'Gelin, M.'          5  ? 
primary 'Bessin, Y.'         6  ? 
primary 'Brillet, R.'        7  ? 
primary 'Cala, O.'           8  ? 
primary 'Douguet, D.'        9  ? 
primary 'Bourguet, W.'       10 ? 
primary 'Krimm, I.'          11 ? 
primary 'Pawlotsky, J.M.'    12 ? 
primary 'Guichou, J.F.'      13 ? 
# 
_cell.entry_id           3RDD 
_cell.length_a           40.774 
_cell.length_b           52.377 
_cell.length_c           86.965 
_cell.angle_alpha        90.00 
_cell.angle_beta         90.00 
_cell.angle_gamma        90.00 
_cell.Z_PDB              4 
_cell.pdbx_unique_axis   ? 
_cell.length_a_esd       ? 
_cell.length_b_esd       ? 
_cell.length_c_esd       ? 
_cell.angle_alpha_esd    ? 
_cell.angle_beta_esd     ? 
_cell.angle_gamma_esd    ? 
# 
_symmetry.entry_id                         3RDD 
_symmetry.space_group_name_H-M             'P 21 21 21' 
_symmetry.pdbx_full_space_group_name_H-M   ? 
_symmetry.cell_setting                     ? 
_symmetry.Int_Tables_number                19 
_symmetry.space_group_name_Hall            ? 
# 
loop_
_entity.id 
_entity.type 
_entity.src_method 
_entity.pdbx_description 
_entity.formula_weight 
_entity.pdbx_number_of_molecules 
_entity.pdbx_ec 
_entity.pdbx_mutation 
_entity.pdbx_fragment 
_entity.details 
1 polymer     man 'Peptidyl-prolyl cis-trans isomerase A'       20293.943 1  5.2.1.8 ? ? ? 
2 non-polymer syn 'ethyl N-[(4-aminobenzyl)carbamoyl]glycinate' 251.282   1  ?       ? ? ? 
3 water       nat water                                         18.015    90 ?       ? ? ? 
# 
_entity_name_com.entity_id   1 
_entity_name_com.name        'Cyclophilin A, PPIase A, Cyclosporin A-binding protein, Rotamase A' 
# 
_entity_poly.entity_id                      1 
_entity_poly.type                           'polypeptide(L)' 
_entity_poly.nstd_linkage                   no 
_entity_poly.nstd_monomer                   no 
_entity_poly.pdbx_seq_one_letter_code       
;MGHHHHHHSSGRENLYFQGMVNPTVFFDIAVDGEPLGRVSFELFADKVPKTAENFRALSTGEKGFGYKGSCFHRIIPGFM
CQGGDFTRHNGTGGKSIYGEKFEDENFILKHTGPGILSMANAGPNTNGSQFFICTAKTEWLDGKHVVFGKVKEGMNIVEA
MERFGSRNGKTSKKITIADCGQLE
;
_entity_poly.pdbx_seq_one_letter_code_can   
;MGHHHHHHSSGRENLYFQGMVNPTVFFDIAVDGEPLGRVSFELFADKVPKTAENFRALSTGEKGFGYKGSCFHRIIPGFM
CQGGDFTRHNGTGGKSIYGEKFEDENFILKHTGPGILSMANAGPNTNGSQFFICTAKTEWLDGKHVVFGKVKEGMNIVEA
MERFGSRNGKTSKKITIADCGQLE
;
_entity_poly.pdbx_strand_id                 A 
_entity_poly.pdbx_target_identifier         ? 
# 
loop_
_entity_poly_seq.entity_id 
_entity_poly_seq.num 
_entity_poly_seq.mon_id 
_entity_poly_seq.hetero 
1 1   MET n 
1 2   GLY n 
1 3   HIS n 
1 4   HIS n 
1 5   HIS n 
1 6   HIS n 
1 7   HIS n 
1 8   HIS n 
1 9   SER n 
1 10  SER n 
1 11  GLY n 
1 12  ARG n 
1 13  GLU n 
1 14  ASN n 
1 15  LEU n 
1 16  TYR n 
1 17  PHE n 
1 18  GLN n 
1 19  GLY n 
1 20  MET n 
1 21  VAL n 
1 22  ASN n 
1 23  PRO n 
1 24  THR n 
1 25  VAL n 
1 26  PHE n 
1 27  PHE n 
1 28  ASP n 
1 29  ILE n 
1 30  ALA n 
1 31  VAL n 
1 32  ASP n 
1 33  GLY n 
1 34  GLU n 
1 35  PRO n 
1 36  LEU n 
1 37  GLY n 
1 38  ARG n 
1 39  VAL n 
1 40  SER n 
1 41  PHE n 
1 42  GLU n 
1 43  LEU n 
1 44  PHE n 
1 45  ALA n 
1 46  ASP n 
1 47  LYS n 
1 48  VAL n 
1 49  PRO n 
1 50  LYS n 
1 51  THR n 
1 52  ALA n 
1 53  GLU n 
1 54  ASN n 
1 55  PHE n 
1 56  ARG n 
1 57  ALA n 
1 58  LEU n 
1 59  SER n 
1 60  THR n 
1 61  GLY n 
1 62  GLU n 
1 63  LYS n 
1 64  GLY n 
1 65  PHE n 
1 66  GLY n 
1 67  TYR n 
1 68  LYS n 
1 69  GLY n 
1 70  SER n 
1 71  CYS n 
1 72  PHE n 
1 73  HIS n 
1 74  ARG n 
1 75  ILE n 
1 76  ILE n 
1 77  PRO n 
1 78  GLY n 
1 79  PHE n 
1 80  MET n 
1 81  CYS n 
1 82  GLN n 
1 83  GLY n 
1 84  GLY n 
1 85  ASP n 
1 86  PHE n 
1 87  THR n 
1 88  ARG n 
1 89  HIS n 
1 90  ASN n 
1 91  GLY n 
1 92  THR n 
1 93  GLY n 
1 94  GLY n 
1 95  LYS n 
1 96  SER n 
1 97  ILE n 
1 98  TYR n 
1 99  GLY n 
1 100 GLU n 
1 101 LYS n 
1 102 PHE n 
1 103 GLU n 
1 104 ASP n 
1 105 GLU n 
1 106 ASN n 
1 107 PHE n 
1 108 ILE n 
1 109 LEU n 
1 110 LYS n 
1 111 HIS n 
1 112 THR n 
1 113 GLY n 
1 114 PRO n 
1 115 GLY n 
1 116 ILE n 
1 117 LEU n 
1 118 SER n 
1 119 MET n 
1 120 ALA n 
1 121 ASN n 
1 122 ALA n 
1 123 GLY n 
1 124 PRO n 
1 125 ASN n 
1 126 THR n 
1 127 ASN n 
1 128 GLY n 
1 129 SER n 
1 130 GLN n 
1 131 PHE n 
1 132 PHE n 
1 133 ILE n 
1 134 CYS n 
1 135 THR n 
1 136 ALA n 
1 137 LYS n 
1 138 THR n 
1 139 GLU n 
1 140 TRP n 
1 141 LEU n 
1 142 ASP n 
1 143 GLY n 
1 144 LYS n 
1 145 HIS n 
1 146 VAL n 
1 147 VAL n 
1 148 PHE n 
1 149 GLY n 
1 150 LYS n 
1 151 VAL n 
1 152 LYS n 
1 153 GLU n 
1 154 GLY n 
1 155 MET n 
1 156 ASN n 
1 157 ILE n 
1 158 VAL n 
1 159 GLU n 
1 160 ALA n 
1 161 MET n 
1 162 GLU n 
1 163 ARG n 
1 164 PHE n 
1 165 GLY n 
1 166 SER n 
1 167 ARG n 
1 168 ASN n 
1 169 GLY n 
1 170 LYS n 
1 171 THR n 
1 172 SER n 
1 173 LYS n 
1 174 LYS n 
1 175 ILE n 
1 176 THR n 
1 177 ILE n 
1 178 ALA n 
1 179 ASP n 
1 180 CYS n 
1 181 GLY n 
1 182 GLN n 
1 183 LEU n 
1 184 GLU n 
# 
_entity_src_gen.entity_id                          1 
_entity_src_gen.pdbx_src_id                        1 
_entity_src_gen.pdbx_alt_source_flag               sample 
_entity_src_gen.pdbx_seq_type                      ? 
_entity_src_gen.pdbx_beg_seq_num                   ? 
_entity_src_gen.pdbx_end_seq_num                   ? 
_entity_src_gen.gene_src_common_name               human 
_entity_src_gen.gene_src_genus                     ? 
_entity_src_gen.pdbx_gene_src_gene                 'PPIA, CYPA' 
_entity_src_gen.gene_src_species                   ? 
_entity_src_gen.gene_src_strain                    ? 
_entity_src_gen.gene_src_tissue                    ? 
_entity_src_gen.gene_src_tissue_fraction           ? 
_entity_src_gen.gene_src_details                   ? 
_entity_src_gen.pdbx_gene_src_fragment             ? 
_entity_src_gen.pdbx_gene_src_scientific_name      'Homo sapiens' 
_entity_src_gen.pdbx_gene_src_ncbi_taxonomy_id     9606 
_entity_src_gen.pdbx_gene_src_variant              ? 
_entity_src_gen.pdbx_gene_src_cell_line            ? 
_entity_src_gen.pdbx_gene_src_atcc                 ? 
_entity_src_gen.pdbx_gene_src_organ                ? 
_entity_src_gen.pdbx_gene_src_organelle            ? 
_entity_src_gen.pdbx_gene_src_cell                 ? 
_entity_src_gen.pdbx_gene_src_cellular_location    ? 
_entity_src_gen.host_org_common_name               ? 
_entity_src_gen.pdbx_host_org_scientific_name      'Escherichia coli' 
_entity_src_gen.pdbx_host_org_ncbi_taxonomy_id     562 
_entity_src_gen.host_org_genus                     ? 
_entity_src_gen.pdbx_host_org_gene                 ? 
_entity_src_gen.pdbx_host_org_organ                ? 
_entity_src_gen.host_org_species                   ? 
_entity_src_gen.pdbx_host_org_tissue               ? 
_entity_src_gen.pdbx_host_org_tissue_fraction      ? 
_entity_src_gen.pdbx_host_org_strain               ? 
_entity_src_gen.pdbx_host_org_variant              ? 
_entity_src_gen.pdbx_host_org_cell_line            ? 
_entity_src_gen.pdbx_host_org_atcc                 ? 
_entity_src_gen.pdbx_host_org_culture_collection   ? 
_entity_src_gen.pdbx_host_org_cell                 ? 
_entity_src_gen.pdbx_host_org_organelle            ? 
_entity_src_gen.pdbx_host_org_cellular_location    ? 
_entity_src_gen.pdbx_host_org_vector_type          ? 
_entity_src_gen.pdbx_host_org_vector               ? 
_entity_src_gen.host_org_details                   ? 
_entity_src_gen.expression_system_id               ? 
_entity_src_gen.plasmid_name                       ? 
_entity_src_gen.plasmid_details                    ? 
_entity_src_gen.pdbx_description                   ? 
# 
_struct_ref.id                         1 
_struct_ref.db_name                    UNP 
_struct_ref.db_code                    PPIA_HUMAN 
_struct_ref.pdbx_db_accession          P62937 
_struct_ref.entity_id                  1 
_struct_ref.pdbx_seq_one_letter_code   
;MVNPTVFFDIAVDGEPLGRVSFELFADKVPKTAENFRALSTGEKGFGYKGSCFHRIIPGFMCQGGDFTRHNGTGGKSIYG
EKFEDENFILKHTGPGILSMANAGPNTNGSQFFICTAKTEWLDGKHVVFGKVKEGMNIVEAMERFGSRNGKTSKKITIAD
CGQLE
;
_struct_ref.pdbx_align_begin           1 
_struct_ref.pdbx_db_isoform            ? 
# 
_struct_ref_seq.align_id                      1 
_struct_ref_seq.ref_id                        1 
_struct_ref_seq.pdbx_PDB_id_code              3RDD 
_struct_ref_seq.pdbx_strand_id                A 
_struct_ref_seq.seq_align_beg                 20 
_struct_ref_seq.pdbx_seq_align_beg_ins_code   ? 
_struct_ref_seq.seq_align_end                 184 
_struct_ref_seq.pdbx_seq_align_end_ins_code   ? 
_struct_ref_seq.pdbx_db_accession             P62937 
_struct_ref_seq.db_align_beg                  1 
_struct_ref_seq.pdbx_db_align_beg_ins_code    ? 
_struct_ref_seq.db_align_end                  165 
_struct_ref_seq.pdbx_db_align_end_ins_code    ? 
_struct_ref_seq.pdbx_auth_seq_align_beg       1 
_struct_ref_seq.pdbx_auth_seq_align_end       165 
# 
loop_
_struct_ref_seq_dif.align_id 
_struct_ref_seq_dif.pdbx_pdb_id_code 
_struct_ref_seq_dif.mon_id 
_struct_ref_seq_dif.pdbx_pdb_strand_id 
_struct_ref_seq_dif.seq_num 
_struct_ref_seq_dif.pdbx_pdb_ins_code 
_struct_ref_seq_dif.pdbx_seq_db_name 
_struct_ref_seq_dif.pdbx_seq_db_accession_code 
_struct_ref_seq_dif.db_mon_id 
_struct_ref_seq_dif.pdbx_seq_db_seq_num 
_struct_ref_seq_dif.details 
_struct_ref_seq_dif.pdbx_auth_seq_num 
_struct_ref_seq_dif.pdbx_ordinal 
1 3RDD MET A 1  ? UNP P62937 ? ? 'expression tag' -18 1  
1 3RDD GLY A 2  ? UNP P62937 ? ? 'expression tag' -17 2  
1 3RDD HIS A 3  ? UNP P62937 ? ? 'expression tag' -16 3  
1 3RDD HIS A 4  ? UNP P62937 ? ? 'expression tag' -15 4  
1 3RDD HIS A 5  ? UNP P62937 ? ? 'expression tag' -14 5  
1 3RDD HIS A 6  ? UNP P62937 ? ? 'expression tag' -13 6  
1 3RDD HIS A 7  ? UNP P62937 ? ? 'expression tag' -12 7  
1 3RDD HIS A 8  ? UNP P62937 ? ? 'expression tag' -11 8  
1 3RDD SER A 9  ? UNP P62937 ? ? 'expression tag' -10 9  
1 3RDD SER A 10 ? UNP P62937 ? ? 'expression tag' -9  10 
1 3RDD GLY A 11 ? UNP P62937 ? ? 'expression tag' -8  11 
1 3RDD ARG A 12 ? UNP P62937 ? ? 'expression tag' -7  12 
1 3RDD GLU A 13 ? UNP P62937 ? ? 'expression tag' -6  13 
1 3RDD ASN A 14 ? UNP P62937 ? ? 'expression tag' -5  14 
1 3RDD LEU A 15 ? UNP P62937 ? ? 'expression tag' -4  15 
1 3RDD TYR A 16 ? UNP P62937 ? ? 'expression tag' -3  16 
1 3RDD PHE A 17 ? UNP P62937 ? ? 'expression tag' -2  17 
1 3RDD GLN A 18 ? UNP P62937 ? ? 'expression tag' -1  18 
1 3RDD GLY A 19 ? UNP P62937 ? ? 'expression tag' 0   19 
# 
loop_
_chem_comp.id 
_chem_comp.type 
_chem_comp.mon_nstd_flag 
_chem_comp.name 
_chem_comp.pdbx_synonyms 
_chem_comp.formula 
_chem_comp.formula_weight 
ALA 'L-peptide linking' y ALANINE                                       ? 'C3 H7 N O2'     89.093  
ARG 'L-peptide linking' y ARGININE                                      ? 'C6 H15 N4 O2 1' 175.209 
ASN 'L-peptide linking' y ASPARAGINE                                    ? 'C4 H8 N2 O3'    132.118 
ASP 'L-peptide linking' y 'ASPARTIC ACID'                               ? 'C4 H7 N O4'     133.103 
CYS 'L-peptide linking' y CYSTEINE                                      ? 'C3 H7 N O2 S'   121.158 
EA4 non-polymer         . 'ethyl N-[(4-aminobenzyl)carbamoyl]glycinate' ? 'C12 H17 N3 O3'  251.282 
GLN 'L-peptide linking' y GLUTAMINE                                     ? 'C5 H10 N2 O3'   146.144 
GLU 'L-peptide linking' y 'GLUTAMIC ACID'                               ? 'C5 H9 N O4'     147.129 
GLY 'peptide linking'   y GLYCINE                                       ? 'C2 H5 N O2'     75.067  
HIS 'L-peptide linking' y HISTIDINE                                     ? 'C6 H10 N3 O2 1' 156.162 
HOH non-polymer         . WATER                                         ? 'H2 O'           18.015  
ILE 'L-peptide linking' y ISOLEUCINE                                    ? 'C6 H13 N O2'    131.173 
LEU 'L-peptide linking' y LEUCINE                                       ? 'C6 H13 N O2'    131.173 
LYS 'L-peptide linking' y LYSINE                                        ? 'C6 H15 N2 O2 1' 147.195 
MET 'L-peptide linking' y METHIONINE                                    ? 'C5 H11 N O2 S'  149.211 
PHE 'L-peptide linking' y PHENYLALANINE                                 ? 'C9 H11 N O2'    165.189 
PRO 'L-peptide linking' y PROLINE                                       ? 'C5 H9 N O2'     115.130 
SER 'L-peptide linking' y SERINE                                        ? 'C3 H7 N O3'     105.093 
THR 'L-peptide linking' y THREONINE                                     ? 'C4 H9 N O3'     119.119 
TRP 'L-peptide linking' y TRYPTOPHAN                                    ? 'C11 H12 N2 O2'  204.225 
TYR 'L-peptide linking' y TYROSINE                                      ? 'C9 H11 N O3'    181.189 
VAL 'L-peptide linking' y VALINE                                        ? 'C5 H11 N O2'    117.146 
# 
_exptl.entry_id          3RDD 
_exptl.method            'X-RAY DIFFRACTION' 
_exptl.crystals_number   1 
# 
_exptl_crystal.id                    1 
_exptl_crystal.density_meas          ? 
_exptl_crystal.density_Matthews      2.29 
_exptl_crystal.density_percent_sol   46.24 
_exptl_crystal.description           ? 
_exptl_crystal.F_000                 ? 
_exptl_crystal.preparation           ? 
# 
_exptl_crystal_grow.crystal_id      1 
_exptl_crystal_grow.method          'VAPOR DIFFUSION, HANGING DROP' 
_exptl_crystal_grow.temp            291 
_exptl_crystal_grow.temp_details    ? 
_exptl_crystal_grow.pH              7.5 
_exptl_crystal_grow.pdbx_details    
'100 mM HEPES, 20% PEG10000, 5% ethanol, pH 7.5, VAPOR DIFFUSION, HANGING DROP, temperature 291K' 
_exptl_crystal_grow.pdbx_pH_range   ? 
# 
_diffrn.id                     1 
_diffrn.ambient_temp           100 
_diffrn.ambient_temp_details   ? 
_diffrn.crystal_id             1 
# 
_diffrn_detector.diffrn_id              1 
_diffrn_detector.detector               CCD 
_diffrn_detector.type                   'ADSC QUANTUM 4' 
_diffrn_detector.pdbx_collection_date   2009-03-18 
_diffrn_detector.details                ? 
# 
_diffrn_radiation.diffrn_id                        1 
_diffrn_radiation.wavelength_id                    1 
_diffrn_radiation.pdbx_monochromatic_or_laue_m_l   M 
_diffrn_radiation.monochromator                    'yale mirror' 
_diffrn_radiation.pdbx_diffrn_protocol             'SINGLE WAVELENGTH' 
_diffrn_radiation.pdbx_scattering_type             x-ray 
# 
_diffrn_radiation_wavelength.id           1 
_diffrn_radiation_wavelength.wavelength   0.933 
_diffrn_radiation_wavelength.wt           1.0 
# 
_diffrn_source.diffrn_id                   1 
_diffrn_source.source                      SYNCHROTRON 
_diffrn_source.type                        'ESRF BEAMLINE ID14-2' 
_diffrn_source.pdbx_synchrotron_site       ESRF 
_diffrn_source.pdbx_synchrotron_beamline   ID14-2 
_diffrn_source.pdbx_wavelength             0.933 
_diffrn_source.pdbx_wavelength_list        ? 
# 
_reflns.entry_id                     3RDD 
_reflns.observed_criterion_sigma_I   11.3 
_reflns.observed_criterion_sigma_F   ? 
_reflns.d_resolution_low             35.0 
_reflns.d_resolution_high            2.14 
_reflns.number_obs                   10078 
_reflns.number_all                   10210 
_reflns.percent_possible_obs         98.7 
_reflns.pdbx_Rmerge_I_obs            ? 
_reflns.pdbx_Rsym_value              0.057 
_reflns.pdbx_netI_over_sigmaI        ? 
_reflns.B_iso_Wilson_estimate        ? 
_reflns.pdbx_redundancy              2.5 
_reflns.R_free_details               ? 
_reflns.limit_h_max                  ? 
_reflns.limit_h_min                  ? 
_reflns.limit_k_max                  ? 
_reflns.limit_k_min                  ? 
_reflns.limit_l_max                  ? 
_reflns.limit_l_min                  ? 
_reflns.observed_criterion_F_max     ? 
_reflns.observed_criterion_F_min     ? 
_reflns.pdbx_chi_squared             ? 
_reflns.pdbx_scaling_rejects         ? 
_reflns.pdbx_ordinal                 1 
_reflns.pdbx_diffrn_id               1 
# 
_reflns_shell.d_res_high             2.14 
_reflns_shell.d_res_low              2.195 
_reflns_shell.percent_possible_all   97.2 
_reflns_shell.Rmerge_I_obs           ? 
_reflns_shell.pdbx_Rsym_value        0.494 
_reflns_shell.meanI_over_sigI_obs    1.2 
_reflns_shell.pdbx_redundancy        2.6 
_reflns_shell.percent_possible_obs   ? 
_reflns_shell.number_unique_all      ? 
_reflns_shell.number_measured_all    ? 
_reflns_shell.number_measured_obs    ? 
_reflns_shell.number_unique_obs      ? 
_reflns_shell.pdbx_chi_squared       ? 
_reflns_shell.pdbx_ordinal           1 
_reflns_shell.pdbx_diffrn_id         1 
# 
_refine.entry_id                                 3RDD 
_refine.ls_number_reflns_obs                     10078 
_refine.ls_number_reflns_all                     10210 
_refine.pdbx_ls_sigma_I                          ? 
_refine.pdbx_ls_sigma_F                          ? 
_refine.pdbx_data_cutoff_high_absF               ? 
_refine.pdbx_data_cutoff_low_absF                ? 
_refine.pdbx_data_cutoff_high_rms_absF           ? 
_refine.ls_d_res_low                             33.46 
_refine.ls_d_res_high                            2.14 
_refine.ls_percent_reflns_obs                    98.26 
_refine.ls_R_factor_obs                          0.21829 
_refine.ls_R_factor_all                          ? 
_refine.ls_R_factor_R_work                       0.21561 
_refine.ls_R_factor_R_free                       0.27165 
_refine.ls_R_factor_R_free_error                 ? 
_refine.ls_R_factor_R_free_error_details         ? 
_refine.ls_percent_reflns_R_free                 4.8 
_refine.ls_number_reflns_R_free                  509 
_refine.ls_number_parameters                     ? 
_refine.ls_number_restraints                     ? 
_refine.occupancy_min                            ? 
_refine.occupancy_max                            ? 
_refine.correlation_coeff_Fo_to_Fc               0.954 
_refine.correlation_coeff_Fo_to_Fc_free          0.932 
_refine.B_iso_mean                               32.128 
_refine.aniso_B[1][1]                            1.60 
_refine.aniso_B[2][2]                            1.97 
_refine.aniso_B[3][3]                            -3.56 
_refine.aniso_B[1][2]                            0.00 
_refine.aniso_B[1][3]                            0.00 
_refine.aniso_B[2][3]                            0.00 
_refine.solvent_model_details                    MASK 
_refine.solvent_model_param_ksol                 ? 
_refine.solvent_model_param_bsol                 ? 
_refine.pdbx_solvent_vdw_probe_radii             1.40 
_refine.pdbx_solvent_ion_probe_radii             0.80 
_refine.pdbx_solvent_shrinkage_radii             0.80 
_refine.pdbx_ls_cross_valid_method               THROUGHOUT 
_refine.details                                  'HYDROGENS HAVE BEEN ADDED IN THE RIDING POSITIONS' 
_refine.pdbx_starting_model                      'PDB ENTRY 2CYH' 
_refine.pdbx_method_to_determine_struct          'MOLECULAR REPLACEMENT' 
_refine.pdbx_isotropic_thermal_model             ? 
_refine.pdbx_stereochemistry_target_values       'MAXIMUM LIKELIHOOD' 
_refine.pdbx_stereochem_target_val_spec_case     ? 
_refine.pdbx_R_Free_selection_details            RANDOM 
_refine.pdbx_overall_ESU_R_Free                  0.219 
_refine.overall_SU_ML                            0.187 
_refine.overall_SU_B                             7.502 
_refine.overall_SU_R_Cruickshank_DPI             ? 
_refine.ls_redundancy_reflns_obs                 ? 
_refine.B_iso_min                                ? 
_refine.B_iso_max                                ? 
_refine.overall_SU_R_free                        ? 
_refine.ls_wR_factor_R_free                      ? 
_refine.ls_wR_factor_R_work                      ? 
_refine.overall_FOM_free_R_set                   ? 
_refine.overall_FOM_work_R_set                   ? 
_refine.pdbx_overall_phase_error                 ? 
_refine.pdbx_refine_id                           'X-RAY DIFFRACTION' 
_refine.pdbx_overall_ESU_R                       0.256 
_refine.pdbx_diffrn_id                           1 
_refine.pdbx_TLS_residual_ADP_flag               ? 
_refine.pdbx_overall_SU_R_free_Cruickshank_DPI   ? 
_refine.pdbx_overall_SU_R_Blow_DPI               ? 
_refine.pdbx_overall_SU_R_free_Blow_DPI          ? 
# 
_refine_hist.pdbx_refine_id                   'X-RAY DIFFRACTION' 
_refine_hist.cycle_id                         LAST 
_refine_hist.pdbx_number_atoms_protein        1249 
_refine_hist.pdbx_number_atoms_nucleic_acid   0 
_refine_hist.pdbx_number_atoms_ligand         18 
_refine_hist.number_atoms_solvent             90 
_refine_hist.number_atoms_total               1357 
_refine_hist.d_res_high                       2.14 
_refine_hist.d_res_low                        33.46 
# 
loop_
_refine_ls_restr.type 
_refine_ls_restr.dev_ideal 
_refine_ls_restr.dev_ideal_target 
_refine_ls_restr.weight 
_refine_ls_restr.number 
_refine_ls_restr.pdbx_restraint_function 
_refine_ls_restr.pdbx_refine_id 
r_bond_refined_d       0.010  0.022  ? 1295 ? 'X-RAY DIFFRACTION' 
r_bond_other_d         0.001  0.020  ? 902  ? 'X-RAY DIFFRACTION' 
r_angle_refined_deg    1.230  1.953  ? 1736 ? 'X-RAY DIFFRACTION' 
r_angle_other_deg      0.830  3.003  ? 2173 ? 'X-RAY DIFFRACTION' 
r_dihedral_angle_1_deg 6.487  5.000  ? 163  ? 'X-RAY DIFFRACTION' 
r_dihedral_angle_2_deg 32.730 24.138 ? 58   ? 'X-RAY DIFFRACTION' 
r_dihedral_angle_3_deg 15.710 15.000 ? 214  ? 'X-RAY DIFFRACTION' 
r_dihedral_angle_4_deg 10.579 15.000 ? 6    ? 'X-RAY DIFFRACTION' 
r_chiral_restr         0.077  0.200  ? 177  ? 'X-RAY DIFFRACTION' 
r_gen_planes_refined   0.005  0.021  ? 1474 ? 'X-RAY DIFFRACTION' 
r_gen_planes_other     0.001  0.020  ? 279  ? 'X-RAY DIFFRACTION' 
r_mcbond_it            0.501  1.500  ? 807  ? 'X-RAY DIFFRACTION' 
r_mcbond_other         0.082  1.500  ? 347  ? 'X-RAY DIFFRACTION' 
r_mcangle_it           0.949  2.000  ? 1286 ? 'X-RAY DIFFRACTION' 
r_scbond_it            1.129  3.000  ? 488  ? 'X-RAY DIFFRACTION' 
r_scangle_it           1.825  4.500  ? 450  ? 'X-RAY DIFFRACTION' 
# 
_refine_ls_shell.pdbx_total_number_of_bins_used   20 
_refine_ls_shell.d_res_high                       2.140 
_refine_ls_shell.d_res_low                        2.195 
_refine_ls_shell.number_reflns_R_work             704 
_refine_ls_shell.R_factor_R_work                  0.328 
_refine_ls_shell.percent_reflns_obs               95.84 
_refine_ls_shell.R_factor_R_free                  0.462 
_refine_ls_shell.R_factor_R_free_error            ? 
_refine_ls_shell.percent_reflns_R_free            ? 
_refine_ls_shell.number_reflns_R_free             34 
_refine_ls_shell.number_reflns_all                ? 
_refine_ls_shell.R_factor_all                     ? 
_refine_ls_shell.number_reflns_obs                ? 
_refine_ls_shell.redundancy_reflns_obs            ? 
_refine_ls_shell.pdbx_refine_id                   'X-RAY DIFFRACTION' 
# 
_struct.entry_id                  3RDD 
_struct.title                     'Human Cyclophilin A Complexed with an Inhibitor' 
_struct.pdbx_model_details        ? 
_struct.pdbx_CASP_flag            ? 
_struct.pdbx_model_type_details   ? 
# 
_struct_keywords.entry_id        3RDD 
_struct_keywords.pdbx_keywords   'ISOMERASE/ISOMERASE INHIBITOR' 
_struct_keywords.text            
'beta barrel, prolyl cis/trans isomerase, cytosolic, inhibitor, ISOMERASE-ISOMERASE INHIBITOR complex' 
# 
loop_
_struct_asym.id 
_struct_asym.pdbx_blank_PDB_chainid_flag 
_struct_asym.pdbx_modified 
_struct_asym.entity_id 
_struct_asym.details 
A N N 1 ? 
B N N 2 ? 
C N N 3 ? 
# 
_struct_biol.id        1 
_struct_biol.details   ? 
# 
loop_
_struct_conf.conf_type_id 
_struct_conf.id 
_struct_conf.pdbx_PDB_helix_id 
_struct_conf.beg_label_comp_id 
_struct_conf.beg_label_asym_id 
_struct_conf.beg_label_seq_id 
_struct_conf.pdbx_beg_PDB_ins_code 
_struct_conf.end_label_comp_id 
_struct_conf.end_label_asym_id 
_struct_conf.end_label_seq_id 
_struct_conf.pdbx_end_PDB_ins_code 
_struct_conf.beg_auth_comp_id 
_struct_conf.beg_auth_asym_id 
_struct_conf.beg_auth_seq_id 
_struct_conf.end_auth_comp_id 
_struct_conf.end_auth_asym_id 
_struct_conf.end_auth_seq_id 
_struct_conf.pdbx_PDB_helix_class 
_struct_conf.details 
_struct_conf.pdbx_PDB_helix_length 
HELX_P HELX_P1 1 VAL A 48  ? GLY A 61  ? VAL A 29  GLY A 42  1 ? 14 
HELX_P HELX_P2 2 THR A 138 ? ASP A 142 ? THR A 119 ASP A 123 5 ? 5  
HELX_P HELX_P3 3 GLY A 154 ? ARG A 163 ? GLY A 135 ARG A 144 1 ? 10 
# 
_struct_conf_type.id          HELX_P 
_struct_conf_type.criteria    ? 
_struct_conf_type.reference   ? 
# 
_struct_sheet.id               A 
_struct_sheet.type             ? 
_struct_sheet.number_strands   8 
_struct_sheet.details          ? 
# 
loop_
_struct_sheet_order.sheet_id 
_struct_sheet_order.range_id_1 
_struct_sheet_order.range_id_2 
_struct_sheet_order.offset 
_struct_sheet_order.sense 
A 1 2 ? anti-parallel 
A 2 3 ? anti-parallel 
A 3 4 ? anti-parallel 
A 4 5 ? anti-parallel 
A 5 6 ? anti-parallel 
A 6 7 ? anti-parallel 
A 7 8 ? anti-parallel 
# 
loop_
_struct_sheet_range.sheet_id 
_struct_sheet_range.id 
_struct_sheet_range.beg_label_comp_id 
_struct_sheet_range.beg_label_asym_id 
_struct_sheet_range.beg_label_seq_id 
_struct_sheet_range.pdbx_beg_PDB_ins_code 
_struct_sheet_range.end_label_comp_id 
_struct_sheet_range.end_label_asym_id 
_struct_sheet_range.end_label_seq_id 
_struct_sheet_range.pdbx_end_PDB_ins_code 
_struct_sheet_range.beg_auth_comp_id 
_struct_sheet_range.beg_auth_asym_id 
_struct_sheet_range.beg_auth_seq_id 
_struct_sheet_range.end_auth_comp_id 
_struct_sheet_range.end_auth_asym_id 
_struct_sheet_range.end_auth_seq_id 
A 1 ARG A 74  ? ILE A 76  ? ARG A 55  ILE A 57  
A 2 MET A 80  ? GLY A 83  ? MET A 61  GLY A 64  
A 3 PHE A 131 ? CYS A 134 ? PHE A 112 CYS A 115 
A 4 ILE A 116 ? MET A 119 ? ILE A 97  MET A 100 
A 5 VAL A 147 ? GLU A 153 ? VAL A 128 GLU A 134 
A 6 GLU A 34  ? LEU A 43  ? GLU A 15  LEU A 24  
A 7 THR A 24  ? VAL A 31  ? THR A 5   VAL A 12  
A 8 ILE A 175 ? GLU A 184 ? ILE A 156 GLU A 165 
# 
loop_
_pdbx_struct_sheet_hbond.sheet_id 
_pdbx_struct_sheet_hbond.range_id_1 
_pdbx_struct_sheet_hbond.range_id_2 
_pdbx_struct_sheet_hbond.range_1_label_atom_id 
_pdbx_struct_sheet_hbond.range_1_label_comp_id 
_pdbx_struct_sheet_hbond.range_1_label_asym_id 
_pdbx_struct_sheet_hbond.range_1_label_seq_id 
_pdbx_struct_sheet_hbond.range_1_PDB_ins_code 
_pdbx_struct_sheet_hbond.range_1_auth_atom_id 
_pdbx_struct_sheet_hbond.range_1_auth_comp_id 
_pdbx_struct_sheet_hbond.range_1_auth_asym_id 
_pdbx_struct_sheet_hbond.range_1_auth_seq_id 
_pdbx_struct_sheet_hbond.range_2_label_atom_id 
_pdbx_struct_sheet_hbond.range_2_label_comp_id 
_pdbx_struct_sheet_hbond.range_2_label_asym_id 
_pdbx_struct_sheet_hbond.range_2_label_seq_id 
_pdbx_struct_sheet_hbond.range_2_PDB_ins_code 
_pdbx_struct_sheet_hbond.range_2_auth_atom_id 
_pdbx_struct_sheet_hbond.range_2_auth_comp_id 
_pdbx_struct_sheet_hbond.range_2_auth_asym_id 
_pdbx_struct_sheet_hbond.range_2_auth_seq_id 
A 1 2 N ARG A 74  ? N ARG A 55  O GLN A 82  ? O GLN A 63  
A 2 3 N CYS A 81  ? N CYS A 62  O ILE A 133 ? O ILE A 114 
A 3 4 O CYS A 134 ? O CYS A 115 N ILE A 116 ? N ILE A 97  
A 4 5 N LEU A 117 ? N LEU A 98  O GLY A 149 ? O GLY A 130 
A 5 6 O LYS A 152 ? O LYS A 133 N SER A 40  ? N SER A 21  
A 6 7 O VAL A 39  ? O VAL A 20  N PHE A 27  ? N PHE A 8   
A 7 8 N ASP A 28  ? N ASP A 9   O ASP A 179 ? O ASP A 160 
# 
_struct_site.id                   AC1 
_struct_site.pdbx_evidence_code   Software 
_struct_site.pdbx_auth_asym_id    A 
_struct_site.pdbx_auth_comp_id    EA4 
_struct_site.pdbx_auth_seq_id     166 
_struct_site.pdbx_auth_ins_code   ? 
_struct_site.pdbx_num_residues    13 
_struct_site.details              'BINDING SITE FOR RESIDUE EA4 A 166' 
# 
loop_
_struct_site_gen.id 
_struct_site_gen.site_id 
_struct_site_gen.pdbx_num_res 
_struct_site_gen.label_comp_id 
_struct_site_gen.label_asym_id 
_struct_site_gen.label_seq_id 
_struct_site_gen.pdbx_auth_ins_code 
_struct_site_gen.auth_comp_id 
_struct_site_gen.auth_asym_id 
_struct_site_gen.auth_seq_id 
_struct_site_gen.label_atom_id 
_struct_site_gen.label_alt_id 
_struct_site_gen.symmetry 
_struct_site_gen.details 
1  AC1 13 ARG A 74  ? ARG A 55  . ? 1_555 ? 
2  AC1 13 PHE A 79  ? PHE A 60  . ? 1_555 ? 
3  AC1 13 GLN A 82  ? GLN A 63  . ? 1_555 ? 
4  AC1 13 GLY A 91  ? GLY A 72  . ? 1_555 ? 
5  AC1 13 ALA A 120 ? ALA A 101 . ? 1_555 ? 
6  AC1 13 ASN A 121 ? ASN A 102 . ? 1_555 ? 
7  AC1 13 THR A 126 ? THR A 107 . ? 1_555 ? 
8  AC1 13 GLY A 128 ? GLY A 109 . ? 1_555 ? 
9  AC1 13 GLN A 130 ? GLN A 111 . ? 1_555 ? 
10 AC1 13 PHE A 132 ? PHE A 113 . ? 1_555 ? 
11 AC1 13 HIS A 145 ? HIS A 126 . ? 1_555 ? 
12 AC1 13 HOH C .   ? HOH A 170 . ? 1_555 ? 
13 AC1 13 HOH C .   ? HOH A 194 . ? 1_555 ? 
# 
_atom_sites.entry_id                    3RDD 
_atom_sites.fract_transf_matrix[1][1]   0.01320771 
_atom_sites.fract_transf_matrix[1][2]   -0.01130261 
_atom_sites.fract_transf_matrix[1][3]   -0.01729979 
_atom_sites.fract_transf_matrix[2][1]   -0.01606436 
_atom_sites.fract_transf_matrix[2][2]   -0.00646167 
_atom_sites.fract_transf_matrix[2][3]   -0.00804285 
_atom_sites.fract_transf_matrix[3][1]   -0.00051279 
_atom_sites.fract_transf_matrix[3][2]   0.00943380 
_atom_sites.fract_transf_matrix[3][3]   -0.00655495 
_atom_sites.fract_transf_vector[1]      -0.101484 
_atom_sites.fract_transf_vector[2]      0.186523 
_atom_sites.fract_transf_vector[3]      -0.157571 
# 
loop_
_atom_type.symbol 
C 
N 
O 
S 
# 
loop_
_atom_site.group_PDB 
_atom_site.id 
_atom_site.type_symbol 
_atom_site.label_atom_id 
_atom_site.label_alt_id 
_atom_site.label_comp_id 
_atom_site.label_asym_id 
_atom_site.label_entity_id 
_atom_site.label_seq_id 
_atom_site.pdbx_PDB_ins_code 
_atom_site.Cartn_x 
_atom_site.Cartn_y 
_atom_site.Cartn_z 
_atom_site.occupancy 
_atom_site.B_iso_or_equiv 
_atom_site.pdbx_formal_charge 
_atom_site.auth_seq_id 
_atom_site.auth_comp_id 
_atom_site.auth_asym_id 
_atom_site.auth_atom_id 
_atom_site.pdbx_PDB_model_num 
ATOM   1    N N   . VAL A 1 21  ? 0.478   9.551   18.799  1.00 52.88 ? 2   VAL A N   1 
ATOM   2    C CA  . VAL A 1 21  ? 1.380   8.373   18.602  1.00 52.95 ? 2   VAL A CA  1 
ATOM   3    C C   . VAL A 1 21  ? 0.920   7.534   17.404  1.00 52.27 ? 2   VAL A C   1 
ATOM   4    O O   . VAL A 1 21  ? -0.016  6.729   17.518  1.00 52.59 ? 2   VAL A O   1 
ATOM   5    C CB  . VAL A 1 21  ? 1.437   7.483   19.867  1.00 53.18 ? 2   VAL A CB  1 
ATOM   6    C CG1 . VAL A 1 21  ? 0.010   7.084   20.320  1.00 53.92 ? 2   VAL A CG1 1 
ATOM   7    C CG2 . VAL A 1 21  ? 2.318   6.243   19.620  1.00 53.61 ? 2   VAL A CG2 1 
ATOM   8    N N   . ASN A 1 22  ? 1.586   7.723   16.262  1.00 51.27 ? 3   ASN A N   1 
ATOM   9    C CA  . ASN A 1 22  ? 1.135   7.136   14.992  1.00 50.24 ? 3   ASN A CA  1 
ATOM   10   C C   . ASN A 1 22  ? 1.229   5.613   14.988  1.00 49.27 ? 3   ASN A C   1 
ATOM   11   O O   . ASN A 1 22  ? 2.222   5.068   15.455  1.00 49.16 ? 3   ASN A O   1 
ATOM   12   C CB  . ASN A 1 22  ? 1.956   7.693   13.819  1.00 50.26 ? 3   ASN A CB  1 
ATOM   13   C CG  . ASN A 1 22  ? 1.538   9.103   13.410  1.00 49.95 ? 3   ASN A CG  1 
ATOM   14   O OD1 . ASN A 1 22  ? 0.434   9.555   13.714  1.00 49.73 ? 3   ASN A OD1 1 
ATOM   15   N ND2 . ASN A 1 22  ? 2.422   9.792   12.697  1.00 48.49 ? 3   ASN A ND2 1 
ATOM   16   N N   . PRO A 1 23  ? 0.201   4.922   14.451  1.00 48.11 ? 4   PRO A N   1 
ATOM   17   C CA  . PRO A 1 23  ? 0.265   3.456   14.395  1.00 47.40 ? 4   PRO A CA  1 
ATOM   18   C C   . PRO A 1 23  ? 1.392   2.911   13.525  1.00 46.57 ? 4   PRO A C   1 
ATOM   19   O O   . PRO A 1 23  ? 1.844   3.581   12.598  1.00 47.12 ? 4   PRO A O   1 
ATOM   20   C CB  . PRO A 1 23  ? -1.104  3.037   13.830  1.00 47.52 ? 4   PRO A CB  1 
ATOM   21   C CG  . PRO A 1 23  ? -1.867  4.283   13.559  1.00 47.74 ? 4   PRO A CG  1 
ATOM   22   C CD  . PRO A 1 23  ? -1.134  5.452   14.115  1.00 48.04 ? 4   PRO A CD  1 
ATOM   23   N N   . THR A 1 24  ? 1.842   1.703   13.850  1.00 45.35 ? 5   THR A N   1 
ATOM   24   C CA  . THR A 1 24  ? 2.784   0.958   13.031  1.00 44.32 ? 5   THR A CA  1 
ATOM   25   C C   . THR A 1 24  ? 2.092   -0.321  12.582  1.00 43.70 ? 5   THR A C   1 
ATOM   26   O O   . THR A 1 24  ? 1.427   -0.980  13.380  1.00 44.16 ? 5   THR A O   1 
ATOM   27   C CB  . THR A 1 24  ? 4.067   0.600   13.798  1.00 44.14 ? 5   THR A CB  1 
ATOM   28   O OG1 . THR A 1 24  ? 4.822   1.793   14.049  1.00 44.39 ? 5   THR A OG1 1 
ATOM   29   C CG2 . THR A 1 24  ? 4.920   -0.369  12.988  1.00 43.53 ? 5   THR A CG2 1 
ATOM   30   N N   . VAL A 1 25  ? 2.225   -0.659  11.301  1.00 42.31 ? 6   VAL A N   1 
ATOM   31   C CA  . VAL A 1 25  ? 1.696   -1.915  10.786  1.00 40.88 ? 6   VAL A CA  1 
ATOM   32   C C   . VAL A 1 25  ? 2.800   -2.634  9.997   1.00 39.64 ? 6   VAL A C   1 
ATOM   33   O O   . VAL A 1 25  ? 3.761   -2.004  9.577   1.00 39.57 ? 6   VAL A O   1 
ATOM   34   C CB  . VAL A 1 25  ? 0.415   -1.678  9.933   1.00 41.12 ? 6   VAL A CB  1 
ATOM   35   C CG1 . VAL A 1 25  ? -0.652  -0.978  10.768  1.00 40.30 ? 6   VAL A CG1 1 
ATOM   36   C CG2 . VAL A 1 25  ? 0.721   -0.878  8.695   1.00 40.71 ? 6   VAL A CG2 1 
ATOM   37   N N   . PHE A 1 26  ? 2.681   -3.949  9.826   1.00 38.06 ? 7   PHE A N   1 
ATOM   38   C CA  . PHE A 1 26  ? 3.718   -4.718  9.139   1.00 37.10 ? 7   PHE A CA  1 
ATOM   39   C C   . PHE A 1 26  ? 3.082   -5.563  8.066   1.00 36.65 ? 7   PHE A C   1 
ATOM   40   O O   . PHE A 1 26  ? 1.923   -5.963  8.181   1.00 35.69 ? 7   PHE A O   1 
ATOM   41   C CB  . PHE A 1 26  ? 4.539   -5.611  10.119  1.00 36.50 ? 7   PHE A CB  1 
ATOM   42   C CG  . PHE A 1 26  ? 3.780   -6.814  10.622  1.00 35.59 ? 7   PHE A CG  1 
ATOM   43   C CD1 . PHE A 1 26  ? 3.018   -6.741  11.786  1.00 34.02 ? 7   PHE A CD1 1 
ATOM   44   C CD2 . PHE A 1 26  ? 3.787   -8.004  9.906   1.00 33.65 ? 7   PHE A CD2 1 
ATOM   45   C CE1 . PHE A 1 26  ? 2.287   -7.837  12.231  1.00 33.51 ? 7   PHE A CE1 1 
ATOM   46   C CE2 . PHE A 1 26  ? 3.057   -9.104  10.335  1.00 34.31 ? 7   PHE A CE2 1 
ATOM   47   C CZ  . PHE A 1 26  ? 2.307   -9.026  11.497  1.00 34.03 ? 7   PHE A CZ  1 
ATOM   48   N N   . PHE A 1 27  ? 3.858   -5.799  7.015   1.00 36.52 ? 8   PHE A N   1 
ATOM   49   C CA  . PHE A 1 27  ? 3.544   -6.765  5.980   1.00 36.90 ? 8   PHE A CA  1 
ATOM   50   C C   . PHE A 1 27  ? 4.671   -7.788  5.962   1.00 36.73 ? 8   PHE A C   1 
ATOM   51   O O   . PHE A 1 27  ? 5.843   -7.416  5.969   1.00 36.62 ? 8   PHE A O   1 
ATOM   52   C CB  . PHE A 1 27  ? 3.535   -6.099  4.597   1.00 37.44 ? 8   PHE A CB  1 
ATOM   53   C CG  . PHE A 1 27  ? 2.293   -5.287  4.274   1.00 38.39 ? 8   PHE A CG  1 
ATOM   54   C CD1 . PHE A 1 27  ? 1.286   -5.050  5.211   1.00 37.82 ? 8   PHE A CD1 1 
ATOM   55   C CD2 . PHE A 1 27  ? 2.163   -4.726  3.005   1.00 38.02 ? 8   PHE A CD2 1 
ATOM   56   C CE1 . PHE A 1 27  ? 0.168   -4.295  4.879   1.00 38.31 ? 8   PHE A CE1 1 
ATOM   57   C CE2 . PHE A 1 27  ? 1.043   -3.975  2.672   1.00 38.57 ? 8   PHE A CE2 1 
ATOM   58   C CZ  . PHE A 1 27  ? 0.045   -3.757  3.611   1.00 38.66 ? 8   PHE A CZ  1 
ATOM   59   N N   . ASP A 1 28  ? 4.318   -9.069  5.925   1.00 36.83 ? 9   ASP A N   1 
ATOM   60   C CA  . ASP A 1 28  ? 5.286   -10.119 5.654   1.00 36.92 ? 9   ASP A CA  1 
ATOM   61   C C   . ASP A 1 28  ? 5.084   -10.600 4.242   1.00 36.72 ? 9   ASP A C   1 
ATOM   62   O O   . ASP A 1 28  ? 4.028   -11.118 3.912   1.00 36.33 ? 9   ASP A O   1 
ATOM   63   C CB  . ASP A 1 28  ? 5.125   -11.270 6.636   1.00 37.12 ? 9   ASP A CB  1 
ATOM   64   C CG  . ASP A 1 28  ? 5.622   -10.918 8.008   1.00 37.91 ? 9   ASP A CG  1 
ATOM   65   O OD1 . ASP A 1 28  ? 6.584   -10.121 8.122   1.00 38.76 ? 9   ASP A OD1 1 
ATOM   66   O OD2 . ASP A 1 28  ? 5.040   -11.430 8.972   1.00 39.76 ? 9   ASP A OD2 1 
ATOM   67   N N   . ILE A 1 29  ? 6.125   -10.430 3.428   1.00 36.95 ? 10  ILE A N   1 
ATOM   68   C CA  . ILE A 1 29  ? 6.046   -10.620 1.987   1.00 37.01 ? 10  ILE A CA  1 
ATOM   69   C C   . ILE A 1 29  ? 6.585   -11.999 1.555   1.00 37.30 ? 10  ILE A C   1 
ATOM   70   O O   . ILE A 1 29  ? 7.593   -12.477 2.069   1.00 36.98 ? 10  ILE A O   1 
ATOM   71   C CB  . ILE A 1 29  ? 6.820   -9.485  1.228   1.00 36.64 ? 10  ILE A CB  1 
ATOM   72   C CG1 . ILE A 1 29  ? 6.330   -8.090  1.658   1.00 36.74 ? 10  ILE A CG1 1 
ATOM   73   C CG2 . ILE A 1 29  ? 6.688   -9.654  -0.295  1.00 35.28 ? 10  ILE A CG2 1 
ATOM   74   C CD1 . ILE A 1 29  ? 4.905   -7.712  1.192   1.00 34.35 ? 10  ILE A CD1 1 
ATOM   75   N N   . ALA A 1 30  ? 5.911   -12.607 0.585   1.00 37.84 ? 11  ALA A N   1 
ATOM   76   C CA  . ALA A 1 30  ? 6.315   -13.887 0.043   1.00 38.37 ? 11  ALA A CA  1 
ATOM   77   C C   . ALA A 1 30  ? 6.446   -13.784 -1.476  1.00 39.20 ? 11  ALA A C   1 
ATOM   78   O O   . ALA A 1 30  ? 5.574   -13.204 -2.143  1.00 39.66 ? 11  ALA A O   1 
ATOM   79   C CB  . ALA A 1 30  ? 5.296   -14.939 0.417   1.00 37.80 ? 11  ALA A CB  1 
ATOM   80   N N   . VAL A 1 31  ? 7.530   -14.336 -2.014  1.00 39.79 ? 12  VAL A N   1 
ATOM   81   C CA  . VAL A 1 31  ? 7.682   -14.528 -3.458  1.00 40.67 ? 12  VAL A CA  1 
ATOM   82   C C   . VAL A 1 31  ? 7.381   -15.987 -3.805  1.00 41.99 ? 12  VAL A C   1 
ATOM   83   O O   . VAL A 1 31  ? 8.134   -16.883 -3.424  1.00 42.38 ? 12  VAL A O   1 
ATOM   84   C CB  . VAL A 1 31  ? 9.106   -14.171 -3.930  1.00 40.68 ? 12  VAL A CB  1 
ATOM   85   C CG1 . VAL A 1 31  ? 9.195   -14.221 -5.462  1.00 39.67 ? 12  VAL A CG1 1 
ATOM   86   C CG2 . VAL A 1 31  ? 9.517   -12.809 -3.383  1.00 39.49 ? 12  VAL A CG2 1 
ATOM   87   N N   . ASP A 1 32  ? 6.278   -16.226 -4.520  1.00 43.31 ? 13  ASP A N   1 
ATOM   88   C CA  . ASP A 1 32  ? 5.816   -17.587 -4.831  1.00 44.06 ? 13  ASP A CA  1 
ATOM   89   C C   . ASP A 1 32  ? 5.768   -18.478 -3.582  1.00 44.60 ? 13  ASP A C   1 
ATOM   90   O O   . ASP A 1 32  ? 6.302   -19.584 -3.572  1.00 45.04 ? 13  ASP A O   1 
ATOM   91   C CB  . ASP A 1 32  ? 6.682   -18.227 -5.935  1.00 44.13 ? 13  ASP A CB  1 
ATOM   92   C CG  . ASP A 1 32  ? 6.197   -17.888 -7.345  1.00 45.02 ? 13  ASP A CG  1 
ATOM   93   O OD1 . ASP A 1 32  ? 4.988   -17.615 -7.535  1.00 46.37 ? 13  ASP A OD1 1 
ATOM   94   O OD2 . ASP A 1 32  ? 7.023   -17.910 -8.276  1.00 45.79 ? 13  ASP A OD2 1 
ATOM   95   N N   . GLY A 1 33  ? 5.138   -17.981 -2.524  1.00 44.90 ? 14  GLY A N   1 
ATOM   96   C CA  . GLY A 1 33  ? 4.975   -18.750 -1.294  1.00 45.25 ? 14  GLY A CA  1 
ATOM   97   C C   . GLY A 1 33  ? 6.131   -18.678 -0.309  1.00 45.49 ? 14  GLY A C   1 
ATOM   98   O O   . GLY A 1 33  ? 5.923   -18.803 0.895   1.00 46.03 ? 14  GLY A O   1 
ATOM   99   N N   . GLU A 1 34  ? 7.343   -18.464 -0.805  1.00 45.73 ? 15  GLU A N   1 
ATOM   100  C CA  . GLU A 1 34  ? 8.528   -18.462 0.039   1.00 46.24 ? 15  GLU A CA  1 
ATOM   101  C C   . GLU A 1 34  ? 8.809   -17.068 0.631   1.00 45.67 ? 15  GLU A C   1 
ATOM   102  O O   . GLU A 1 34  ? 8.869   -16.082 -0.109  1.00 45.39 ? 15  GLU A O   1 
ATOM   103  C CB  . GLU A 1 34  ? 9.745   -18.956 -0.760  1.00 46.77 ? 15  GLU A CB  1 
ATOM   104  C CG  . GLU A 1 34  ? 9.591   -20.373 -1.376  1.00 49.79 ? 15  GLU A CG  1 
ATOM   105  C CD  . GLU A 1 34  ? 9.070   -21.432 -0.387  1.00 53.42 ? 15  GLU A CD  1 
ATOM   106  O OE1 . GLU A 1 34  ? 9.633   -21.551 0.734   1.00 56.25 ? 15  GLU A OE1 1 
ATOM   107  O OE2 . GLU A 1 34  ? 8.091   -22.142 -0.735  1.00 55.16 ? 15  GLU A OE2 1 
ATOM   108  N N   . PRO A 1 35  ? 8.990   -16.988 1.967   1.00 44.76 ? 16  PRO A N   1 
ATOM   109  C CA  . PRO A 1 35  ? 9.267   -15.731 2.657   1.00 44.23 ? 16  PRO A CA  1 
ATOM   110  C C   . PRO A 1 35  ? 10.363  -14.877 2.018   1.00 43.33 ? 16  PRO A C   1 
ATOM   111  O O   . PRO A 1 35  ? 11.343  -15.417 1.516   1.00 43.36 ? 16  PRO A O   1 
ATOM   112  C CB  . PRO A 1 35  ? 9.716   -16.196 4.048   1.00 44.40 ? 16  PRO A CB  1 
ATOM   113  C CG  . PRO A 1 35  ? 8.960   -17.438 4.269   1.00 44.66 ? 16  PRO A CG  1 
ATOM   114  C CD  . PRO A 1 35  ? 8.869   -18.106 2.924   1.00 44.84 ? 16  PRO A CD  1 
ATOM   115  N N   . LEU A 1 36  ? 10.169  -13.558 2.031   1.00 42.22 ? 17  LEU A N   1 
ATOM   116  C CA  . LEU A 1 36  ? 11.168  -12.597 1.535   1.00 41.38 ? 17  LEU A CA  1 
ATOM   117  C C   . LEU A 1 36  ? 11.618  -11.699 2.674   1.00 40.54 ? 17  LEU A C   1 
ATOM   118  O O   . LEU A 1 36  ? 12.806  -11.504 2.871   1.00 40.95 ? 17  LEU A O   1 
ATOM   119  C CB  . LEU A 1 36  ? 10.601  -11.742 0.385   1.00 41.17 ? 17  LEU A CB  1 
ATOM   120  C CG  . LEU A 1 36  ? 11.481  -10.637 -0.214  1.00 40.99 ? 17  LEU A CG  1 
ATOM   121  C CD1 . LEU A 1 36  ? 12.702  -11.223 -0.905  1.00 40.42 ? 17  LEU A CD1 1 
ATOM   122  C CD2 . LEU A 1 36  ? 10.678  -9.769  -1.200  1.00 42.13 ? 17  LEU A CD2 1 
ATOM   123  N N   . GLY A 1 37  ? 10.667  -11.134 3.403   1.00 39.61 ? 18  GLY A N   1 
ATOM   124  C CA  . GLY A 1 37  ? 10.990  -10.254 4.517   1.00 39.18 ? 18  GLY A CA  1 
ATOM   125  C C   . GLY A 1 37  ? 9.825   -9.390  4.936   1.00 38.66 ? 18  GLY A C   1 
ATOM   126  O O   . GLY A 1 37  ? 8.741   -9.483  4.370   1.00 38.57 ? 18  GLY A O   1 
ATOM   127  N N   . ARG A 1 38  ? 10.074  -8.538  5.925   1.00 38.45 ? 19  ARG A N   1 
ATOM   128  C CA  . ARG A 1 38  ? 9.047   -7.718  6.547   1.00 38.36 ? 19  ARG A CA  1 
ATOM   129  C C   . ARG A 1 38  ? 9.225   -6.226  6.241   1.00 38.38 ? 19  ARG A C   1 
ATOM   130  O O   . ARG A 1 38  ? 10.312  -5.662  6.413   1.00 38.53 ? 19  ARG A O   1 
ATOM   131  C CB  . ARG A 1 38  ? 9.075   -7.937  8.059   1.00 38.43 ? 19  ARG A CB  1 
ATOM   132  C CG  . ARG A 1 38  ? 8.130   -7.073  8.855   1.00 38.53 ? 19  ARG A CG  1 
ATOM   133  C CD  . ARG A 1 38  ? 8.161   -7.459  10.323  1.00 40.41 ? 19  ARG A CD  1 
ATOM   134  N NE  . ARG A 1 38  ? 7.337   -8.648  10.553  1.00 41.61 ? 19  ARG A NE  1 
ATOM   135  C CZ  . ARG A 1 38  ? 6.885   -9.062  11.731  1.00 40.78 ? 19  ARG A CZ  1 
ATOM   136  N NH1 . ARG A 1 38  ? 7.181   -8.416  12.849  1.00 39.86 ? 19  ARG A NH1 1 
ATOM   137  N NH2 . ARG A 1 38  ? 6.125   -10.148 11.778  1.00 42.61 ? 19  ARG A NH2 1 
ATOM   138  N N   . VAL A 1 39  ? 8.137   -5.602  5.793   1.00 38.08 ? 20  VAL A N   1 
ATOM   139  C CA  . VAL A 1 39  ? 8.059   -4.159  5.634   1.00 37.66 ? 20  VAL A CA  1 
ATOM   140  C C   . VAL A 1 39  ? 7.134   -3.622  6.724   1.00 37.47 ? 20  VAL A C   1 
ATOM   141  O O   . VAL A 1 39  ? 6.010   -4.090  6.874   1.00 37.04 ? 20  VAL A O   1 
ATOM   142  C CB  . VAL A 1 39  ? 7.501   -3.740  4.230   1.00 37.75 ? 20  VAL A CB  1 
ATOM   143  C CG1 . VAL A 1 39  ? 7.788   -2.263  3.964   1.00 36.12 ? 20  VAL A CG1 1 
ATOM   144  C CG2 . VAL A 1 39  ? 8.081   -4.604  3.125   1.00 36.37 ? 20  VAL A CG2 1 
ATOM   145  N N   . SER A 1 40  ? 7.613   -2.653  7.497   1.00 37.67 ? 21  SER A N   1 
ATOM   146  C CA  . SER A 1 40  ? 6.758   -1.968  8.445   1.00 38.20 ? 21  SER A CA  1 
ATOM   147  C C   . SER A 1 40  ? 6.546   -0.520  8.006   1.00 38.14 ? 21  SER A C   1 
ATOM   148  O O   . SER A 1 40  ? 7.405   0.061   7.346   1.00 37.80 ? 21  SER A O   1 
ATOM   149  C CB  . SER A 1 40  ? 7.361   -2.028  9.847   1.00 38.61 ? 21  SER A CB  1 
ATOM   150  O OG  . SER A 1 40  ? 8.451   -1.124  9.980   1.00 39.86 ? 21  SER A OG  1 
ATOM   151  N N   . PHE A 1 41  ? 5.403   0.045   8.396   1.00 38.65 ? 22  PHE A N   1 
ATOM   152  C CA  . PHE A 1 41  ? 4.987   1.400   8.012   1.00 38.74 ? 22  PHE A CA  1 
ATOM   153  C C   . PHE A 1 41  ? 4.510   2.200   9.227   1.00 39.14 ? 22  PHE A C   1 
ATOM   154  O O   . PHE A 1 41  ? 3.748   1.678   10.025  1.00 39.39 ? 22  PHE A O   1 
ATOM   155  C CB  . PHE A 1 41  ? 3.794   1.364   7.045   1.00 38.31 ? 22  PHE A CB  1 
ATOM   156  C CG  . PHE A 1 41  ? 3.934   0.404   5.912   1.00 38.48 ? 22  PHE A CG  1 
ATOM   157  C CD1 . PHE A 1 41  ? 4.564   0.789   4.724   1.00 38.31 ? 22  PHE A CD1 1 
ATOM   158  C CD2 . PHE A 1 41  ? 3.387   -0.880  6.002   1.00 38.26 ? 22  PHE A CD2 1 
ATOM   159  C CE1 . PHE A 1 41  ? 4.677   -0.100  3.659   1.00 38.03 ? 22  PHE A CE1 1 
ATOM   160  C CE2 . PHE A 1 41  ? 3.498   -1.779  4.946   1.00 37.63 ? 22  PHE A CE2 1 
ATOM   161  C CZ  . PHE A 1 41  ? 4.145   -1.389  3.764   1.00 38.42 ? 22  PHE A CZ  1 
ATOM   162  N N   . GLU A 1 42  ? 4.915   3.469   9.334   1.00 39.57 ? 23  GLU A N   1 
ATOM   163  C CA  . GLU A 1 42  ? 4.230   4.435   10.207  1.00 39.93 ? 23  GLU A CA  1 
ATOM   164  C C   . GLU A 1 42  ? 3.057   5.023   9.416   1.00 40.04 ? 23  GLU A C   1 
ATOM   165  O O   . GLU A 1 42  ? 3.234   5.469   8.283   1.00 39.79 ? 23  GLU A O   1 
ATOM   166  C CB  . GLU A 1 42  ? 5.170   5.570   10.622  1.00 40.33 ? 23  GLU A CB  1 
ATOM   167  C CG  . GLU A 1 42  ? 4.521   6.638   11.526  1.00 41.82 ? 23  GLU A CG  1 
ATOM   168  C CD  . GLU A 1 42  ? 5.425   7.843   11.791  1.00 42.74 ? 23  GLU A CD  1 
ATOM   169  O OE1 . GLU A 1 42  ? 6.634   7.780   11.472  1.00 42.72 ? 23  GLU A OE1 1 
ATOM   170  O OE2 . GLU A 1 42  ? 4.912   8.856   12.316  1.00 43.95 ? 23  GLU A OE2 1 
ATOM   171  N N   . LEU A 1 43  ? 1.870   5.007   10.019  1.00 40.11 ? 24  LEU A N   1 
ATOM   172  C CA  . LEU A 1 43  ? 0.654   5.559   9.429   1.00 39.70 ? 24  LEU A CA  1 
ATOM   173  C C   . LEU A 1 43  ? 0.409   6.924   10.054  1.00 40.07 ? 24  LEU A C   1 
ATOM   174  O O   . LEU A 1 43  ? 0.286   7.036   11.277  1.00 40.49 ? 24  LEU A O   1 
ATOM   175  C CB  . LEU A 1 43  ? -0.545  4.635   9.696   1.00 39.27 ? 24  LEU A CB  1 
ATOM   176  C CG  . LEU A 1 43  ? -0.391  3.165   9.288   1.00 37.93 ? 24  LEU A CG  1 
ATOM   177  C CD1 . LEU A 1 43  ? -1.691  2.404   9.513   1.00 36.84 ? 24  LEU A CD1 1 
ATOM   178  C CD2 . LEU A 1 43  ? 0.082   3.023   7.844   1.00 36.46 ? 24  LEU A CD2 1 
ATOM   179  N N   . PHE A 1 44  ? 0.331   7.961   9.226   1.00 40.31 ? 25  PHE A N   1 
ATOM   180  C CA  . PHE A 1 44  ? 0.242   9.335   9.717   1.00 40.65 ? 25  PHE A CA  1 
ATOM   181  C C   . PHE A 1 44  ? -1.180  9.668   10.123  1.00 41.28 ? 25  PHE A C   1 
ATOM   182  O O   . PHE A 1 44  ? -1.829  10.493  9.483   1.00 41.35 ? 25  PHE A O   1 
ATOM   183  C CB  . PHE A 1 44  ? 0.712   10.330  8.653   1.00 40.60 ? 25  PHE A CB  1 
ATOM   184  C CG  . PHE A 1 44  ? 2.135   10.114  8.188   1.00 39.77 ? 25  PHE A CG  1 
ATOM   185  C CD1 . PHE A 1 44  ? 3.159   9.911   9.096   1.00 39.38 ? 25  PHE A CD1 1 
ATOM   186  C CD2 . PHE A 1 44  ? 2.441   10.150  6.835   1.00 37.80 ? 25  PHE A CD2 1 
ATOM   187  C CE1 . PHE A 1 44  ? 4.463   9.730   8.661   1.00 39.56 ? 25  PHE A CE1 1 
ATOM   188  C CE2 . PHE A 1 44  ? 3.723   9.977   6.399   1.00 38.18 ? 25  PHE A CE2 1 
ATOM   189  C CZ  . PHE A 1 44  ? 4.736   9.757   7.307   1.00 38.74 ? 25  PHE A CZ  1 
ATOM   190  N N   . ALA A 1 45  ? -1.651  9.032   11.198  1.00 42.00 ? 26  ALA A N   1 
ATOM   191  C CA  . ALA A 1 45  ? -3.016  9.214   11.685  1.00 42.36 ? 26  ALA A CA  1 
ATOM   192  C C   . ALA A 1 45  ? -3.209  10.612  12.256  1.00 42.82 ? 26  ALA A C   1 
ATOM   193  O O   . ALA A 1 45  ? -4.335  11.112  12.313  1.00 43.06 ? 26  ALA A O   1 
ATOM   194  C CB  . ALA A 1 45  ? -3.358  8.154   12.733  1.00 42.36 ? 26  ALA A CB  1 
ATOM   195  N N   . ASP A 1 46  ? -2.113  11.249  12.665  1.00 43.30 ? 27  ASP A N   1 
ATOM   196  C CA  . ASP A 1 46  ? -2.174  12.631  13.136  1.00 44.02 ? 27  ASP A CA  1 
ATOM   197  C C   . ASP A 1 46  ? -2.594  13.622  12.032  1.00 44.46 ? 27  ASP A C   1 
ATOM   198  O O   . ASP A 1 46  ? -3.315  14.586  12.315  1.00 44.80 ? 27  ASP A O   1 
ATOM   199  C CB  . ASP A 1 46  ? -0.860  13.060  13.826  1.00 44.05 ? 27  ASP A CB  1 
ATOM   200  C CG  . ASP A 1 46  ? 0.347   13.032  12.907  1.00 45.24 ? 27  ASP A CG  1 
ATOM   201  O OD1 . ASP A 1 46  ? 0.352   12.287  11.914  1.00 47.45 ? 27  ASP A OD1 1 
ATOM   202  O OD2 . ASP A 1 46  ? 1.320   13.756  13.197  1.00 47.01 ? 27  ASP A OD2 1 
ATOM   203  N N   . LYS A 1 47  ? -2.182  13.367  10.783  1.00 44.53 ? 28  LYS A N   1 
ATOM   204  C CA  . LYS A 1 47  ? -2.537  14.238  9.653   1.00 44.44 ? 28  LYS A CA  1 
ATOM   205  C C   . LYS A 1 47  ? -3.619  13.667  8.741   1.00 44.16 ? 28  LYS A C   1 
ATOM   206  O O   . LYS A 1 47  ? -4.475  14.413  8.277   1.00 43.92 ? 28  LYS A O   1 
ATOM   207  C CB  . LYS A 1 47  ? -1.279  14.614  8.870   1.00 44.77 ? 28  LYS A CB  1 
ATOM   208  C CG  . LYS A 1 47  ? -0.398  15.583  9.673   1.00 45.11 ? 28  LYS A CG  1 
ATOM   209  C CD  . LYS A 1 47  ? 1.007   15.689  9.140   0.80 45.72 ? 28  LYS A CD  1 
ATOM   210  C CE  . LYS A 1 47  ? 1.889   16.504  10.078  0.80 46.10 ? 28  LYS A CE  1 
ATOM   211  N NZ  . LYS A 1 47  ? 3.317   16.486  9.649   0.60 46.14 ? 28  LYS A NZ  1 
ATOM   212  N N   . VAL A 1 48  ? -3.601  12.353  8.516   1.00 44.03 ? 29  VAL A N   1 
ATOM   213  C CA  . VAL A 1 48  ? -4.641  11.662  7.723   1.00 44.08 ? 29  VAL A CA  1 
ATOM   214  C C   . VAL A 1 48  ? -5.313  10.523  8.502   1.00 44.03 ? 29  VAL A C   1 
ATOM   215  O O   . VAL A 1 48  ? -5.141  9.357   8.148   1.00 44.27 ? 29  VAL A O   1 
ATOM   216  C CB  . VAL A 1 48  ? -4.085  11.106  6.367   1.00 44.00 ? 29  VAL A CB  1 
ATOM   217  C CG1 . VAL A 1 48  ? -4.479  12.027  5.212   1.00 43.84 ? 29  VAL A CG1 1 
ATOM   218  C CG2 . VAL A 1 48  ? -2.575  10.879  6.438   1.00 43.85 ? 29  VAL A CG2 1 
ATOM   219  N N   . PRO A 1 49  ? -6.085  10.861  9.560   1.00 43.87 ? 30  PRO A N   1 
ATOM   220  C CA  . PRO A 1 49  ? -6.740  9.881   10.429  1.00 43.66 ? 30  PRO A CA  1 
ATOM   221  C C   . PRO A 1 49  ? -7.647  8.875   9.731   1.00 43.07 ? 30  PRO A C   1 
ATOM   222  O O   . PRO A 1 49  ? -7.454  7.673   9.891   1.00 43.41 ? 30  PRO A O   1 
ATOM   223  C CB  . PRO A 1 49  ? -7.575  10.752  11.388  1.00 43.86 ? 30  PRO A CB  1 
ATOM   224  C CG  . PRO A 1 49  ? -7.548  12.122  10.842  1.00 44.07 ? 30  PRO A CG  1 
ATOM   225  C CD  . PRO A 1 49  ? -6.296  12.232  10.059  1.00 44.06 ? 30  PRO A CD  1 
ATOM   226  N N   . LYS A 1 50  ? -8.630  9.353   8.972   1.00 42.36 ? 31  LYS A N   1 
ATOM   227  C CA  . LYS A 1 50  ? -9.601  8.462   8.324   1.00 41.58 ? 31  LYS A CA  1 
ATOM   228  C C   . LYS A 1 50  ? -8.926  7.449   7.379   1.00 41.39 ? 31  LYS A C   1 
ATOM   229  O O   . LYS A 1 50  ? -9.354  6.280   7.295   1.00 41.39 ? 31  LYS A O   1 
ATOM   230  C CB  . LYS A 1 50  ? -10.662 9.281   7.576   1.00 41.57 ? 31  LYS A CB  1 
ATOM   231  C CG  . LYS A 1 50  ? -11.853 8.457   7.155   1.00 42.04 ? 31  LYS A CG  1 
ATOM   232  C CD  . LYS A 1 50  ? -12.955 9.228   6.457   1.00 42.36 ? 31  LYS A CD  1 
ATOM   233  C CE  . LYS A 1 50  ? -14.030 8.225   6.041   1.00 43.64 ? 31  LYS A CE  1 
ATOM   234  N NZ  . LYS A 1 50  ? -15.284 8.803   5.497   1.00 44.56 ? 31  LYS A NZ  1 
ATOM   235  N N   . THR A 1 51  ? -7.871  7.907   6.690   1.00 40.60 ? 32  THR A N   1 
ATOM   236  C CA  . THR A 1 51  ? -7.115  7.112   5.709   1.00 39.92 ? 32  THR A CA  1 
ATOM   237  C C   . THR A 1 51  ? -6.111  6.165   6.400   1.00 39.99 ? 32  THR A C   1 
ATOM   238  O O   . THR A 1 51  ? -5.921  5.022   5.951   1.00 39.62 ? 32  THR A O   1 
ATOM   239  C CB  . THR A 1 51  ? -6.356  8.046   4.698   1.00 39.71 ? 32  THR A CB  1 
ATOM   240  O OG1 . THR A 1 51  ? -7.299  8.815   3.950   1.00 38.98 ? 32  THR A OG1 1 
ATOM   241  C CG2 . THR A 1 51  ? -5.508  7.263   3.737   1.00 38.16 ? 32  THR A CG2 1 
ATOM   242  N N   . ALA A 1 52  ? -5.477  6.647   7.477   1.00 39.56 ? 33  ALA A N   1 
ATOM   243  C CA  . ALA A 1 52  ? -4.597  5.813   8.308   1.00 39.62 ? 33  ALA A CA  1 
ATOM   244  C C   . ALA A 1 52  ? -5.376  4.654   8.921   1.00 39.51 ? 33  ALA A C   1 
ATOM   245  O O   . ALA A 1 52  ? -4.969  3.507   8.804   1.00 39.61 ? 33  ALA A O   1 
ATOM   246  C CB  . ALA A 1 52  ? -3.940  6.637   9.413   1.00 39.19 ? 33  ALA A CB  1 
ATOM   247  N N   . GLU A 1 53  ? -6.501  4.965   9.560   1.00 39.42 ? 34  GLU A N   1 
ATOM   248  C CA  . GLU A 1 53  ? -7.394  3.947   10.142  1.00 39.37 ? 34  GLU A CA  1 
ATOM   249  C C   . GLU A 1 53  ? -7.847  2.863   9.163   1.00 38.88 ? 34  GLU A C   1 
ATOM   250  O O   . GLU A 1 53  ? -7.933  1.696   9.548   1.00 39.56 ? 34  GLU A O   1 
ATOM   251  C CB  . GLU A 1 53  ? -8.623  4.625   10.761  1.00 39.83 ? 34  GLU A CB  1 
ATOM   252  C CG  . GLU A 1 53  ? -9.710  3.677   11.302  1.00 40.87 ? 34  GLU A CG  1 
ATOM   253  C CD  . GLU A 1 53  ? -9.258  2.812   12.476  1.00 42.13 ? 34  GLU A CD  1 
ATOM   254  O OE1 . GLU A 1 53  ? -8.228  3.125   13.125  1.00 41.17 ? 34  GLU A OE1 1 
ATOM   255  O OE2 . GLU A 1 53  ? -9.967  1.820   12.753  1.00 42.67 ? 34  GLU A OE2 1 
ATOM   256  N N   . ASN A 1 54  ? -8.165  3.231   7.922   1.00 38.11 ? 35  ASN A N   1 
ATOM   257  C CA  . ASN A 1 54  ? -8.569  2.244   6.900   1.00 37.23 ? 35  ASN A CA  1 
ATOM   258  C C   . ASN A 1 54  ? -7.446  1.242   6.647   1.00 37.07 ? 35  ASN A C   1 
ATOM   259  O O   . ASN A 1 54  ? -7.676  0.042   6.534   1.00 36.75 ? 35  ASN A O   1 
ATOM   260  C CB  . ASN A 1 54  ? -8.963  2.938   5.584   1.00 36.91 ? 35  ASN A CB  1 
ATOM   261  C CG  . ASN A 1 54  ? -9.351  1.952   4.468   1.00 36.68 ? 35  ASN A CG  1 
ATOM   262  O OD1 . ASN A 1 54  ? -10.293 1.170   4.617   1.00 36.44 ? 35  ASN A OD1 1 
ATOM   263  N ND2 . ASN A 1 54  ? -8.629  2.004   3.338   1.00 34.38 ? 35  ASN A ND2 1 
ATOM   264  N N   . PHE A 1 55  ? -6.222  1.735   6.566   1.00 36.95 ? 36  PHE A N   1 
ATOM   265  C CA  . PHE A 1 55  ? -5.084  0.873   6.276   1.00 37.09 ? 36  PHE A CA  1 
ATOM   266  C C   . PHE A 1 55  ? -4.701  0.028   7.494   1.00 37.79 ? 36  PHE A C   1 
ATOM   267  O O   . PHE A 1 55  ? -4.343  -1.144  7.355   1.00 37.30 ? 36  PHE A O   1 
ATOM   268  C CB  . PHE A 1 55  ? -3.897  1.721   5.811   1.00 36.62 ? 36  PHE A CB  1 
ATOM   269  C CG  . PHE A 1 55  ? -2.740  0.918   5.251   1.00 34.03 ? 36  PHE A CG  1 
ATOM   270  C CD1 . PHE A 1 55  ? -2.694  0.596   3.911   1.00 31.11 ? 36  PHE A CD1 1 
ATOM   271  C CD2 . PHE A 1 55  ? -1.678  0.542   6.064   1.00 31.21 ? 36  PHE A CD2 1 
ATOM   272  C CE1 . PHE A 1 55  ? -1.616  -0.112  3.397   1.00 30.57 ? 36  PHE A CE1 1 
ATOM   273  C CE2 . PHE A 1 55  ? -0.605  -0.165  5.555   1.00 30.84 ? 36  PHE A CE2 1 
ATOM   274  C CZ  . PHE A 1 55  ? -0.577  -0.495  4.217   1.00 30.73 ? 36  PHE A CZ  1 
ATOM   275  N N   . ARG A 1 56  ? -4.764  0.644   8.675   1.00 38.89 ? 37  ARG A N   1 
ATOM   276  C CA  . ARG A 1 56  ? -4.501  -0.043  9.956   1.00 39.67 ? 37  ARG A CA  1 
ATOM   277  C C   . ARG A 1 56  ? -5.486  -1.211  10.198  1.00 40.09 ? 37  ARG A C   1 
ATOM   278  O O   . ARG A 1 56  ? -5.071  -2.340  10.486  1.00 40.00 ? 37  ARG A O   1 
ATOM   279  C CB  . ARG A 1 56  ? -4.601  0.961   11.102  1.00 39.76 ? 37  ARG A CB  1 
ATOM   280  C CG  . ARG A 1 56  ? -4.008  0.474   12.426  1.00 40.81 ? 37  ARG A CG  1 
ATOM   281  C CD  . ARG A 1 56  ? -4.670  1.177   13.623  1.00 41.64 ? 37  ARG A CD  1 
ATOM   282  N NE  . ARG A 1 56  ? -6.110  0.923   13.603  1.00 41.93 ? 37  ARG A NE  1 
ATOM   283  C CZ  . ARG A 1 56  ? -6.691  -0.220  13.974  1.00 41.87 ? 37  ARG A CZ  1 
ATOM   284  N NH1 . ARG A 1 56  ? -5.970  -1.233  14.446  1.00 42.52 ? 37  ARG A NH1 1 
ATOM   285  N NH2 . ARG A 1 56  ? -8.005  -0.351  13.879  1.00 40.83 ? 37  ARG A NH2 1 
ATOM   286  N N   . ALA A 1 57  ? -6.780  -0.915  10.056  1.00 40.53 ? 38  ALA A N   1 
ATOM   287  C CA  . ALA A 1 57  ? -7.872  -1.905  10.115  1.00 40.90 ? 38  ALA A CA  1 
ATOM   288  C C   . ALA A 1 57  ? -7.769  -3.043  9.095   1.00 41.47 ? 38  ALA A C   1 
ATOM   289  O O   . ALA A 1 57  ? -8.177  -4.179  9.382   1.00 41.68 ? 38  ALA A O   1 
ATOM   290  C CB  . ALA A 1 57  ? -9.218  -1.206  9.946   1.00 40.55 ? 38  ALA A CB  1 
ATOM   291  N N   . LEU A 1 58  ? -7.271  -2.744  7.898   1.00 41.86 ? 39  LEU A N   1 
ATOM   292  C CA  . LEU A 1 58  ? -7.247  -3.729  6.819   1.00 41.99 ? 39  LEU A CA  1 
ATOM   293  C C   . LEU A 1 58  ? -5.997  -4.599  6.955   1.00 42.17 ? 39  LEU A C   1 
ATOM   294  O O   . LEU A 1 58  ? -5.960  -5.740  6.489   1.00 41.75 ? 39  LEU A O   1 
ATOM   295  C CB  . LEU A 1 58  ? -7.307  -3.045  5.441   1.00 41.98 ? 39  LEU A CB  1 
ATOM   296  C CG  . LEU A 1 58  ? -8.616  -2.372  4.992   1.00 42.34 ? 39  LEU A CG  1 
ATOM   297  C CD1 . LEU A 1 58  ? -8.341  -1.530  3.753   1.00 43.26 ? 39  LEU A CD1 1 
ATOM   298  C CD2 . LEU A 1 58  ? -9.761  -3.359  4.699   1.00 41.42 ? 39  LEU A CD2 1 
ATOM   299  N N   . SER A 1 59  ? -4.976  -4.040  7.596   1.00 42.67 ? 40  SER A N   1 
ATOM   300  C CA  . SER A 1 59  ? -3.754  -4.764  7.909   1.00 43.15 ? 40  SER A CA  1 
ATOM   301  C C   . SER A 1 59  ? -3.949  -5.745  9.064   1.00 43.91 ? 40  SER A C   1 
ATOM   302  O O   . SER A 1 59  ? -3.384  -6.840  9.044   1.00 43.90 ? 40  SER A O   1 
ATOM   303  C CB  . SER A 1 59  ? -2.639  -3.783  8.265   1.00 43.09 ? 40  SER A CB  1 
ATOM   304  O OG  . SER A 1 59  ? -2.365  -2.945  7.162   1.00 42.54 ? 40  SER A OG  1 
ATOM   305  N N   . THR A 1 60  ? -4.730  -5.343  10.068  1.00 44.71 ? 41  THR A N   1 
ATOM   306  C CA  . THR A 1 60  ? -5.035  -6.206  11.210  1.00 45.51 ? 41  THR A CA  1 
ATOM   307  C C   . THR A 1 60  ? -6.144  -7.202  10.863  1.00 46.35 ? 41  THR A C   1 
ATOM   308  O O   . THR A 1 60  ? -6.234  -8.254  11.479  1.00 46.92 ? 41  THR A O   1 
ATOM   309  C CB  . THR A 1 60  ? -5.434  -5.398  12.479  1.00 45.34 ? 41  THR A CB  1 
ATOM   310  O OG1 . THR A 1 60  ? -6.709  -4.771  12.289  1.00 45.16 ? 41  THR A OG1 1 
ATOM   311  C CG2 . THR A 1 60  ? -4.391  -4.352  12.801  1.00 45.19 ? 41  THR A CG2 1 
ATOM   312  N N   . GLY A 1 61  ? -6.976  -6.873  9.874   1.00 47.18 ? 42  GLY A N   1 
ATOM   313  C CA  . GLY A 1 61  ? -8.063  -7.750  9.431   1.00 47.52 ? 42  GLY A CA  1 
ATOM   314  C C   . GLY A 1 61  ? -9.254  -7.792  10.376  1.00 48.10 ? 42  GLY A C   1 
ATOM   315  O O   . GLY A 1 61  ? -10.152 -8.620  10.213  1.00 48.24 ? 42  GLY A O   1 
ATOM   316  N N   . GLU A 1 62  ? -9.283  -6.871  11.339  1.00 48.69 ? 43  GLU A N   1 
ATOM   317  C CA  . GLU A 1 62  ? -10.265 -6.897  12.431  1.00 48.96 ? 43  GLU A CA  1 
ATOM   318  C C   . GLU A 1 62  ? -11.738 -6.690  12.032  1.00 49.34 ? 43  GLU A C   1 
ATOM   319  O O   . GLU A 1 62  ? -12.630 -6.990  12.832  1.00 49.71 ? 43  GLU A O   1 
ATOM   320  C CB  . GLU A 1 62  ? -9.890  -5.855  13.479  1.00 48.85 ? 43  GLU A CB  1 
ATOM   321  C CG  . GLU A 1 62  ? -10.153 -4.419  13.043  1.00 48.84 ? 43  GLU A CG  1 
ATOM   322  C CD  . GLU A 1 62  ? -9.451  -3.424  13.924  1.00 48.54 ? 43  GLU A CD  1 
ATOM   323  O OE1 . GLU A 1 62  ? -8.211  -3.559  14.107  1.00 48.58 ? 43  GLU A OE1 1 
ATOM   324  O OE2 . GLU A 1 62  ? -10.141 -2.515  14.436  1.00 46.64 ? 43  GLU A OE2 1 
ATOM   325  N N   . LYS A 1 63  ? -12.003 -6.172  10.828  1.00 49.29 ? 44  LYS A N   1 
ATOM   326  C CA  . LYS A 1 63  ? -13.391 -6.015  10.356  1.00 48.88 ? 44  LYS A CA  1 
ATOM   327  C C   . LYS A 1 63  ? -13.825 -7.169  9.461   1.00 48.50 ? 44  LYS A C   1 
ATOM   328  O O   . LYS A 1 63  ? -14.881 -7.098  8.832   1.00 48.60 ? 44  LYS A O   1 
ATOM   329  C CB  . LYS A 1 63  ? -13.590 -4.702  9.593   1.00 48.87 ? 44  LYS A CB  1 
ATOM   330  C CG  . LYS A 1 63  ? -12.939 -3.480  10.192  1.00 49.09 ? 44  LYS A CG  1 
ATOM   331  C CD  . LYS A 1 63  ? -13.807 -2.726  11.170  1.00 49.18 ? 44  LYS A CD  1 
ATOM   332  C CE  . LYS A 1 63  ? -13.160 -1.379  11.475  1.00 49.12 ? 44  LYS A CE  1 
ATOM   333  N NZ  . LYS A 1 63  ? -13.119 -1.055  12.915  1.00 49.05 ? 44  LYS A NZ  1 
ATOM   334  N N   . GLY A 1 64  ? -13.009 -8.220  9.391   1.00 48.03 ? 45  GLY A N   1 
ATOM   335  C CA  . GLY A 1 64  ? -13.381 -9.447  8.686   1.00 47.57 ? 45  GLY A CA  1 
ATOM   336  C C   . GLY A 1 64  ? -12.854 -9.554  7.270   1.00 47.09 ? 45  GLY A C   1 
ATOM   337  O O   . GLY A 1 64  ? -13.211 -10.475 6.541   1.00 47.46 ? 45  GLY A O   1 
ATOM   338  N N   . PHE A 1 65  ? -12.009 -8.605  6.880   1.00 46.28 ? 46  PHE A N   1 
ATOM   339  C CA  . PHE A 1 65  ? -11.358 -8.608  5.574   1.00 45.65 ? 46  PHE A CA  1 
ATOM   340  C C   . PHE A 1 65  ? -10.181 -7.636  5.642   1.00 44.55 ? 46  PHE A C   1 
ATOM   341  O O   . PHE A 1 65  ? -10.050 -6.855  6.592   1.00 44.27 ? 46  PHE A O   1 
ATOM   342  C CB  . PHE A 1 65  ? -12.342 -8.200  4.466   1.00 46.04 ? 46  PHE A CB  1 
ATOM   343  C CG  . PHE A 1 65  ? -13.076 -6.919  4.756   1.00 47.09 ? 46  PHE A CG  1 
ATOM   344  C CD1 . PHE A 1 65  ? -14.315 -6.942  5.376   1.00 48.30 ? 46  PHE A CD1 1 
ATOM   345  C CD2 . PHE A 1 65  ? -12.515 -5.688  4.432   1.00 48.31 ? 46  PHE A CD2 1 
ATOM   346  C CE1 . PHE A 1 65  ? -14.984 -5.765  5.665   1.00 49.36 ? 46  PHE A CE1 1 
ATOM   347  C CE2 . PHE A 1 65  ? -13.180 -4.505  4.718   1.00 49.04 ? 46  PHE A CE2 1 
ATOM   348  C CZ  . PHE A 1 65  ? -14.416 -4.542  5.330   1.00 49.37 ? 46  PHE A CZ  1 
ATOM   349  N N   . GLY A 1 66  ? -9.326  -7.694  4.634   1.00 43.45 ? 47  GLY A N   1 
ATOM   350  C CA  . GLY A 1 66  ? -8.107  -6.915  4.637   1.00 42.46 ? 47  GLY A CA  1 
ATOM   351  C C   . GLY A 1 66  ? -7.046  -7.485  3.727   1.00 41.58 ? 47  GLY A C   1 
ATOM   352  O O   . GLY A 1 66  ? -7.336  -8.250  2.800   1.00 41.33 ? 47  GLY A O   1 
ATOM   353  N N   . TYR A 1 67  ? -5.806  -7.114  4.020   1.00 40.50 ? 48  TYR A N   1 
ATOM   354  C CA  . TYR A 1 67  ? -4.687  -7.361  3.129   1.00 39.94 ? 48  TYR A CA  1 
ATOM   355  C C   . TYR A 1 67  ? -4.094  -8.770  3.202   1.00 39.81 ? 48  TYR A C   1 
ATOM   356  O O   . TYR A 1 67  ? -3.357  -9.168  2.303   1.00 39.44 ? 48  TYR A O   1 
ATOM   357  C CB  . TYR A 1 67  ? -3.581  -6.319  3.389   1.00 39.65 ? 48  TYR A CB  1 
ATOM   358  C CG  . TYR A 1 67  ? -3.998  -4.893  3.090   1.00 38.69 ? 48  TYR A CG  1 
ATOM   359  C CD1 . TYR A 1 67  ? -4.564  -4.556  1.861   1.00 38.12 ? 48  TYR A CD1 1 
ATOM   360  C CD2 . TYR A 1 67  ? -3.825  -3.878  4.028   1.00 37.86 ? 48  TYR A CD2 1 
ATOM   361  C CE1 . TYR A 1 67  ? -4.953  -3.267  1.587   1.00 37.71 ? 48  TYR A CE1 1 
ATOM   362  C CE2 . TYR A 1 67  ? -4.202  -2.569  3.751   1.00 37.09 ? 48  TYR A CE2 1 
ATOM   363  C CZ  . TYR A 1 67  ? -4.767  -2.273  2.533   1.00 36.66 ? 48  TYR A CZ  1 
ATOM   364  O OH  . TYR A 1 67  ? -5.147  -0.987  2.237   1.00 37.22 ? 48  TYR A OH  1 
ATOM   365  N N   . LYS A 1 68  ? -4.399  -9.522  4.261   1.00 40.01 ? 49  LYS A N   1 
ATOM   366  C CA  . LYS A 1 68  ? -3.725  -10.817 4.493   1.00 40.18 ? 49  LYS A CA  1 
ATOM   367  C C   . LYS A 1 68  ? -4.010  -11.789 3.349   1.00 39.49 ? 49  LYS A C   1 
ATOM   368  O O   . LYS A 1 68  ? -5.167  -12.041 3.031   1.00 39.73 ? 49  LYS A O   1 
ATOM   369  C CB  . LYS A 1 68  ? -4.123  -11.434 5.845   1.00 40.22 ? 49  LYS A CB  1 
ATOM   370  C CG  . LYS A 1 68  ? -3.268  -12.632 6.205   1.00 41.71 ? 49  LYS A CG  1 
ATOM   371  C CD  . LYS A 1 68  ? -3.533  -13.160 7.609   1.00 44.03 ? 49  LYS A CD  1 
ATOM   372  C CE  . LYS A 1 68  ? -2.783  -14.478 7.852   1.00 44.57 ? 49  LYS A CE  1 
ATOM   373  N NZ  . LYS A 1 68  ? -3.018  -15.006 9.231   1.00 46.06 ? 49  LYS A NZ  1 
ATOM   374  N N   . GLY A 1 69  ? -2.944  -12.294 2.724   1.00 39.11 ? 50  GLY A N   1 
ATOM   375  C CA  . GLY A 1 69  ? -3.040  -13.164 1.546   1.00 38.57 ? 50  GLY A CA  1 
ATOM   376  C C   . GLY A 1 69  ? -3.274  -12.476 0.205   1.00 38.55 ? 50  GLY A C   1 
ATOM   377  O O   . GLY A 1 69  ? -3.539  -13.151 -0.803  1.00 37.58 ? 50  GLY A O   1 
ATOM   378  N N   . SER A 1 70  ? -3.171  -11.139 0.189   1.00 38.08 ? 51  SER A N   1 
ATOM   379  C CA  . SER A 1 70  ? -3.438  -10.341 -1.001  1.00 37.89 ? 51  SER A CA  1 
ATOM   380  C C   . SER A 1 70  ? -2.187  -10.168 -1.854  1.00 38.15 ? 51  SER A C   1 
ATOM   381  O O   . SER A 1 70  ? -1.062  -10.430 -1.419  1.00 38.03 ? 51  SER A O   1 
ATOM   382  C CB  . SER A 1 70  ? -4.017  -8.963  -0.634  1.00 37.75 ? 51  SER A CB  1 
ATOM   383  O OG  . SER A 1 70  ? -3.055  -8.159  0.017   1.00 36.46 ? 51  SER A OG  1 
ATOM   384  N N   . CYS A 1 71  ? -2.423  -9.691  -3.063  1.00 38.27 ? 52  CYS A N   1 
ATOM   385  C CA  . CYS A 1 71  ? -1.430  -9.599  -4.107  1.00 39.14 ? 52  CYS A CA  1 
ATOM   386  C C   . CYS A 1 71  ? -0.797  -8.195  -4.218  1.00 38.43 ? 52  CYS A C   1 
ATOM   387  O O   . CYS A 1 71  ? -1.439  -7.195  -3.910  1.00 38.26 ? 52  CYS A O   1 
ATOM   388  C CB  . CYS A 1 71  ? -2.160  -9.918  -5.403  1.00 39.37 ? 52  CYS A CB  1 
ATOM   389  S SG  . CYS A 1 71  ? -1.125  -10.269 -6.758  1.00 45.12 ? 52  CYS A SG  1 
ATOM   390  N N   . PHE A 1 72  ? 0.467   -8.139  -4.639  1.00 37.83 ? 53  PHE A N   1 
ATOM   391  C CA  . PHE A 1 72  ? 1.061   -6.940  -5.239  1.00 37.25 ? 53  PHE A CA  1 
ATOM   392  C C   . PHE A 1 72  ? 1.004   -7.123  -6.746  1.00 36.88 ? 53  PHE A C   1 
ATOM   393  O O   . PHE A 1 72  ? 1.876   -7.773  -7.318  1.00 37.05 ? 53  PHE A O   1 
ATOM   394  C CB  . PHE A 1 72  ? 2.511   -6.735  -4.784  1.00 37.41 ? 53  PHE A CB  1 
ATOM   395  C CG  . PHE A 1 72  ? 2.639   -5.902  -3.543  1.00 37.25 ? 53  PHE A CG  1 
ATOM   396  C CD1 . PHE A 1 72  ? 2.614   -6.491  -2.285  1.00 36.60 ? 53  PHE A CD1 1 
ATOM   397  C CD2 . PHE A 1 72  ? 2.777   -4.518  -3.631  1.00 35.34 ? 53  PHE A CD2 1 
ATOM   398  C CE1 . PHE A 1 72  ? 2.726   -5.724  -1.146  1.00 35.62 ? 53  PHE A CE1 1 
ATOM   399  C CE2 . PHE A 1 72  ? 2.876   -3.757  -2.501  1.00 34.64 ? 53  PHE A CE2 1 
ATOM   400  C CZ  . PHE A 1 72  ? 2.862   -4.359  -1.252  1.00 35.77 ? 53  PHE A CZ  1 
ATOM   401  N N   . HIS A 1 73  ? -0.027  -6.557  -7.373  1.00 36.56 ? 54  HIS A N   1 
ATOM   402  C CA  . HIS A 1 73  ? -0.365  -6.847  -8.771  1.00 36.31 ? 54  HIS A CA  1 
ATOM   403  C C   . HIS A 1 73  ? 0.457   -6.049  -9.788  1.00 36.62 ? 54  HIS A C   1 
ATOM   404  O O   . HIS A 1 73  ? 0.629   -6.497  -10.922 1.00 36.91 ? 54  HIS A O   1 
ATOM   405  C CB  . HIS A 1 73  ? -1.865  -6.640  -9.031  1.00 36.34 ? 54  HIS A CB  1 
ATOM   406  C CG  . HIS A 1 73  ? -2.351  -5.242  -8.771  1.00 36.67 ? 54  HIS A CG  1 
ATOM   407  N ND1 . HIS A 1 73  ? -2.688  -4.791  -7.515  1.00 36.45 ? 54  HIS A ND1 1 
ATOM   408  C CD2 . HIS A 1 73  ? -2.559  -4.198  -9.608  1.00 37.33 ? 54  HIS A CD2 1 
ATOM   409  C CE1 . HIS A 1 73  ? -3.075  -3.530  -7.587  1.00 36.92 ? 54  HIS A CE1 1 
ATOM   410  N NE2 . HIS A 1 73  ? -3.014  -3.150  -8.848  1.00 37.21 ? 54  HIS A NE2 1 
ATOM   411  N N   . ARG A 1 74  ? 0.974   -4.889  -9.371  1.00 36.54 ? 55  ARG A N   1 
ATOM   412  C CA  . ARG A 1 74  ? 1.665   -3.964  -10.268 1.00 36.36 ? 55  ARG A CA  1 
ATOM   413  C C   . ARG A 1 74  ? 2.923   -3.412  -9.626  1.00 35.53 ? 55  ARG A C   1 
ATOM   414  O O   . ARG A 1 74  ? 2.882   -2.556  -8.735  1.00 36.06 ? 55  ARG A O   1 
ATOM   415  C CB  . ARG A 1 74  ? 0.733   -2.806  -10.683 1.00 36.72 ? 55  ARG A CB  1 
ATOM   416  C CG  . ARG A 1 74  ? 1.122   -2.147  -12.012 1.00 38.04 ? 55  ARG A CG  1 
ATOM   417  C CD  . ARG A 1 74  ? -0.047  -1.384  -12.668 1.00 39.18 ? 55  ARG A CD  1 
ATOM   418  N NE  . ARG A 1 74  ? -0.385  -0.140  -11.967 1.00 39.59 ? 55  ARG A NE  1 
ATOM   419  C CZ  . ARG A 1 74  ? 0.054   1.080   -12.287 1.00 40.92 ? 55  ARG A CZ  1 
ATOM   420  N NH1 . ARG A 1 74  ? -0.334  2.122   -11.568 1.00 40.11 ? 55  ARG A NH1 1 
ATOM   421  N NH2 . ARG A 1 74  ? 0.871   1.281   -13.319 1.00 43.13 ? 55  ARG A NH2 1 
ATOM   422  N N   . ILE A 1 75  ? 4.051   -3.904  -10.088 1.00 34.94 ? 56  ILE A N   1 
ATOM   423  C CA  . ILE A 1 75  ? 5.336   -3.426  -9.612  1.00 34.82 ? 56  ILE A CA  1 
ATOM   424  C C   . ILE A 1 75  ? 6.097   -2.918  -10.828 1.00 34.91 ? 56  ILE A C   1 
ATOM   425  O O   . ILE A 1 75  ? 6.307   -3.664  -11.791 1.00 34.70 ? 56  ILE A O   1 
ATOM   426  C CB  . ILE A 1 75  ? 6.121   -4.544  -8.887  1.00 34.46 ? 56  ILE A CB  1 
ATOM   427  C CG1 . ILE A 1 75  ? 5.318   -5.030  -7.669  1.00 34.67 ? 56  ILE A CG1 1 
ATOM   428  C CG2 . ILE A 1 75  ? 7.513   -4.061  -8.504  1.00 34.17 ? 56  ILE A CG2 1 
ATOM   429  C CD1 . ILE A 1 75  ? 6.094   -5.906  -6.687  1.00 34.29 ? 56  ILE A CD1 1 
ATOM   430  N N   . ILE A 1 76  ? 6.455   -1.635  -10.775 1.00 35.11 ? 57  ILE A N   1 
ATOM   431  C CA  . ILE A 1 76  ? 7.192   -0.948  -11.844 1.00 35.28 ? 57  ILE A CA  1 
ATOM   432  C C   . ILE A 1 76  ? 8.519   -0.439  -11.261 1.00 35.34 ? 57  ILE A C   1 
ATOM   433  O O   . ILE A 1 76  ? 8.538   0.503   -10.465 1.00 35.11 ? 57  ILE A O   1 
ATOM   434  C CB  . ILE A 1 76  ? 6.357   0.223   -12.450 1.00 35.06 ? 57  ILE A CB  1 
ATOM   435  C CG1 . ILE A 1 76  ? 5.004   -0.280  -12.962 1.00 34.84 ? 57  ILE A CG1 1 
ATOM   436  C CG2 . ILE A 1 76  ? 7.086   0.864   -13.596 1.00 35.49 ? 57  ILE A CG2 1 
ATOM   437  C CD1 . ILE A 1 76  ? 4.049   0.816   -13.352 1.00 34.38 ? 57  ILE A CD1 1 
ATOM   438  N N   . PRO A 1 77  ? 9.631   -1.093  -11.622 1.00 35.87 ? 58  PRO A N   1 
ATOM   439  C CA  . PRO A 1 77  ? 10.903  -0.675  -11.050 1.00 36.03 ? 58  PRO A CA  1 
ATOM   440  C C   . PRO A 1 77  ? 11.254  0.776   -11.358 1.00 36.32 ? 58  PRO A C   1 
ATOM   441  O O   . PRO A 1 77  ? 11.042  1.256   -12.482 1.00 36.54 ? 58  PRO A O   1 
ATOM   442  C CB  . PRO A 1 77  ? 11.908  -1.633  -11.680 1.00 35.92 ? 58  PRO A CB  1 
ATOM   443  C CG  . PRO A 1 77  ? 11.125  -2.829  -12.031 1.00 36.21 ? 58  PRO A CG  1 
ATOM   444  C CD  . PRO A 1 77  ? 9.743   -2.365  -12.356 1.00 35.98 ? 58  PRO A CD  1 
ATOM   445  N N   . GLY A 1 78  ? 11.787  1.450   -10.345 1.00 36.37 ? 59  GLY A N   1 
ATOM   446  C CA  . GLY A 1 78  ? 12.063  2.875   -10.399 1.00 36.38 ? 59  GLY A CA  1 
ATOM   447  C C   . GLY A 1 78  ? 10.861  3.765   -10.112 1.00 36.25 ? 59  GLY A C   1 
ATOM   448  O O   . GLY A 1 78  ? 11.019  4.985   -10.004 1.00 37.39 ? 59  GLY A O   1 
ATOM   449  N N   . PHE A 1 79  ? 9.670   3.175   -9.970  1.00 35.31 ? 60  PHE A N   1 
ATOM   450  C CA  . PHE A 1 79  ? 8.451   3.946   -9.750  1.00 34.18 ? 60  PHE A CA  1 
ATOM   451  C C   . PHE A 1 79  ? 7.777   3.565   -8.421  1.00 33.87 ? 60  PHE A C   1 
ATOM   452  O O   . PHE A 1 79  ? 7.809   4.339   -7.463  1.00 33.47 ? 60  PHE A O   1 
ATOM   453  C CB  . PHE A 1 79  ? 7.500   3.763   -10.953 1.00 33.95 ? 60  PHE A CB  1 
ATOM   454  C CG  . PHE A 1 79  ? 6.188   4.521   -10.846 1.00 32.39 ? 60  PHE A CG  1 
ATOM   455  C CD1 . PHE A 1 79  ? 6.053   5.647   -10.047 1.00 31.72 ? 60  PHE A CD1 1 
ATOM   456  C CD2 . PHE A 1 79  ? 5.094   4.114   -11.584 1.00 32.22 ? 60  PHE A CD2 1 
ATOM   457  C CE1 . PHE A 1 79  ? 4.845   6.316   -9.954  1.00 31.97 ? 60  PHE A CE1 1 
ATOM   458  C CE2 . PHE A 1 79  ? 3.892   4.789   -11.506 1.00 32.19 ? 60  PHE A CE2 1 
ATOM   459  C CZ  . PHE A 1 79  ? 3.764   5.892   -10.682 1.00 31.79 ? 60  PHE A CZ  1 
ATOM   460  N N   . MET A 1 80  ? 7.154   2.387   -8.370  1.00 33.22 ? 61  MET A N   1 
ATOM   461  C CA  . MET A 1 80  ? 6.355   2.008   -7.203  1.00 32.87 ? 61  MET A CA  1 
ATOM   462  C C   . MET A 1 80  ? 5.847   0.568   -7.227  1.00 32.49 ? 61  MET A C   1 
ATOM   463  O O   . MET A 1 80  ? 5.747   -0.071  -8.288  1.00 32.53 ? 61  MET A O   1 
ATOM   464  C CB  . MET A 1 80  ? 5.159   2.963   -7.006  1.00 32.42 ? 61  MET A CB  1 
ATOM   465  C CG  . MET A 1 80  ? 4.143   2.948   -8.141  1.00 32.60 ? 61  MET A CG  1 
ATOM   466  S SD  . MET A 1 80  ? 2.927   1.605   -8.084  1.00 31.35 ? 61  MET A SD  1 
ATOM   467  C CE  . MET A 1 80  ? 3.039   0.961   -9.751  1.00 29.76 ? 61  MET A CE  1 
ATOM   468  N N   . CYS A 1 81  ? 5.525   0.093   -6.023  1.00 32.03 ? 62  CYS A N   1 
ATOM   469  C CA  . CYS A 1 81  ? 4.840   -1.187  -5.785  1.00 31.90 ? 62  CYS A CA  1 
ATOM   470  C C   . CYS A 1 81  ? 3.406   -0.926  -5.359  1.00 30.83 ? 62  CYS A C   1 
ATOM   471  O O   . CYS A 1 81  ? 3.168   -0.292  -4.331  1.00 30.98 ? 62  CYS A O   1 
ATOM   472  C CB  . CYS A 1 81  ? 5.551   -1.969  -4.670  1.00 31.59 ? 62  CYS A CB  1 
ATOM   473  S SG  . CYS A 1 81  ? 7.237   -2.369  -5.046  1.00 33.65 ? 62  CYS A SG  1 
ATOM   474  N N   . GLN A 1 82  ? 2.460   -1.419  -6.148  1.00 30.57 ? 63  GLN A N   1 
ATOM   475  C CA  . GLN A 1 82  ? 1.039   -1.245  -5.867  1.00 30.22 ? 63  GLN A CA  1 
ATOM   476  C C   . GLN A 1 82  ? 0.424   -2.589  -5.467  1.00 30.09 ? 63  GLN A C   1 
ATOM   477  O O   . GLN A 1 82  ? 0.767   -3.618  -6.037  1.00 29.16 ? 63  GLN A O   1 
ATOM   478  C CB  . GLN A 1 82  ? 0.309   -0.703  -7.111  1.00 30.16 ? 63  GLN A CB  1 
ATOM   479  C CG  . GLN A 1 82  ? -1.082  -0.117  -6.820  1.00 29.33 ? 63  GLN A CG  1 
ATOM   480  C CD  . GLN A 1 82  ? -1.775  0.377   -8.060  1.00 29.26 ? 63  GLN A CD  1 
ATOM   481  O OE1 . GLN A 1 82  ? -1.121  0.840   -8.981  1.00 30.47 ? 63  GLN A OE1 1 
ATOM   482  N NE2 . GLN A 1 82  ? -3.111  0.283   -8.095  1.00 26.74 ? 63  GLN A NE2 1 
ATOM   483  N N   . GLY A 1 83  ? -0.481  -2.564  -4.493  1.00 30.25 ? 64  GLY A N   1 
ATOM   484  C CA  . GLY A 1 83  ? -1.288  -3.728  -4.187  1.00 30.86 ? 64  GLY A CA  1 
ATOM   485  C C   . GLY A 1 83  ? -2.535  -3.350  -3.441  1.00 31.32 ? 64  GLY A C   1 
ATOM   486  O O   . GLY A 1 83  ? -3.037  -2.242  -3.590  1.00 31.26 ? 64  GLY A O   1 
ATOM   487  N N   . GLY A 1 84  ? -3.029  -4.288  -2.636  1.00 32.29 ? 65  GLY A N   1 
ATOM   488  C CA  . GLY A 1 84  ? -4.167  -4.057  -1.754  1.00 32.38 ? 65  GLY A CA  1 
ATOM   489  C C   . GLY A 1 84  ? -5.504  -4.304  -2.429  1.00 32.73 ? 65  GLY A C   1 
ATOM   490  O O   . GLY A 1 84  ? -6.548  -4.031  -1.837  1.00 32.86 ? 65  GLY A O   1 
ATOM   491  N N   . ASP A 1 85  ? -5.478  -4.816  -3.658  1.00 33.10 ? 66  ASP A N   1 
ATOM   492  C CA  . ASP A 1 85  ? -6.704  -5.209  -4.363  1.00 33.87 ? 66  ASP A CA  1 
ATOM   493  C C   . ASP A 1 85  ? -7.074  -6.624  -3.935  1.00 34.64 ? 66  ASP A C   1 
ATOM   494  O O   . ASP A 1 85  ? -6.811  -7.604  -4.650  1.00 35.20 ? 66  ASP A O   1 
ATOM   495  C CB  . ASP A 1 85  ? -6.516  -5.133  -5.887  1.00 33.53 ? 66  ASP A CB  1 
ATOM   496  C CG  . ASP A 1 85  ? -7.775  -5.494  -6.649  1.00 33.36 ? 66  ASP A CG  1 
ATOM   497  O OD1 . ASP A 1 85  ? -8.781  -5.882  -6.020  1.00 33.73 ? 66  ASP A OD1 1 
ATOM   498  O OD2 . ASP A 1 85  ? -7.750  -5.422  -7.882  1.00 32.65 ? 66  ASP A OD2 1 
ATOM   499  N N   . PHE A 1 86  ? -7.678  -6.728  -2.760  1.00 35.53 ? 67  PHE A N   1 
ATOM   500  C CA  . PHE A 1 86  ? -7.946  -8.032  -2.161  1.00 36.17 ? 67  PHE A CA  1 
ATOM   501  C C   . PHE A 1 86  ? -9.260  -8.652  -2.613  1.00 36.87 ? 67  PHE A C   1 
ATOM   502  O O   . PHE A 1 86  ? -9.658  -9.699  -2.092  1.00 37.38 ? 67  PHE A O   1 
ATOM   503  C CB  . PHE A 1 86  ? -7.850  -7.970  -0.627  1.00 36.33 ? 67  PHE A CB  1 
ATOM   504  C CG  . PHE A 1 86  ? -8.827  -7.036  0.028   1.00 36.29 ? 67  PHE A CG  1 
ATOM   505  C CD1 . PHE A 1 86  ? -10.169 -7.371  0.140   1.00 37.02 ? 67  PHE A CD1 1 
ATOM   506  C CD2 . PHE A 1 86  ? -8.393  -5.846  0.584   1.00 36.48 ? 67  PHE A CD2 1 
ATOM   507  C CE1 . PHE A 1 86  ? -11.063 -6.523  0.764   1.00 37.01 ? 67  PHE A CE1 1 
ATOM   508  C CE2 . PHE A 1 86  ? -9.281  -4.991  1.213   1.00 36.50 ? 67  PHE A CE2 1 
ATOM   509  C CZ  . PHE A 1 86  ? -10.619 -5.332  1.301   1.00 37.07 ? 67  PHE A CZ  1 
ATOM   510  N N   . THR A 1 87  ? -9.930  -8.037  -3.587  1.00 37.52 ? 68  THR A N   1 
ATOM   511  C CA  . THR A 1 87  ? -11.192 -8.575  -4.095  1.00 37.78 ? 68  THR A CA  1 
ATOM   512  C C   . THR A 1 87  ? -11.115 -9.019  -5.552  1.00 37.93 ? 68  THR A C   1 
ATOM   513  O O   . THR A 1 87  ? -11.766 -10.000 -5.908  1.00 38.34 ? 68  THR A O   1 
ATOM   514  C CB  . THR A 1 87  ? -12.387 -7.599  -3.898  1.00 37.98 ? 68  THR A CB  1 
ATOM   515  O OG1 . THR A 1 87  ? -12.450 -6.659  -4.978  1.00 38.96 ? 68  THR A OG1 1 
ATOM   516  C CG2 . THR A 1 87  ? -12.296 -6.877  -2.557  1.00 37.90 ? 68  THR A CG2 1 
ATOM   517  N N   . ARG A 1 88  ? -10.334 -8.331  -6.391  1.00 37.64 ? 69  ARG A N   1 
ATOM   518  C CA  . ARG A 1 88  ? -10.122 -8.795  -7.771  1.00 37.61 ? 69  ARG A CA  1 
ATOM   519  C C   . ARG A 1 88  ? -8.685  -9.105  -8.160  1.00 37.16 ? 69  ARG A C   1 
ATOM   520  O O   . ARG A 1 88  ? -8.465  -9.650  -9.241  1.00 36.67 ? 69  ARG A O   1 
ATOM   521  C CB  . ARG A 1 88  ? -10.697 -7.807  -8.781  1.00 37.94 ? 69  ARG A CB  1 
ATOM   522  C CG  . ARG A 1 88  ? -12.088 -7.352  -8.440  1.00 39.51 ? 69  ARG A CG  1 
ATOM   523  C CD  . ARG A 1 88  ? -12.759 -6.650  -9.601  1.00 41.57 ? 69  ARG A CD  1 
ATOM   524  N NE  . ARG A 1 88  ? -13.635 -7.551  -10.342 1.00 43.57 ? 69  ARG A NE  1 
ATOM   525  C CZ  . ARG A 1 88  ? -13.282 -8.242  -11.420 1.00 45.54 ? 69  ARG A CZ  1 
ATOM   526  N NH1 . ARG A 1 88  ? -14.167 -9.029  -12.001 1.00 46.16 ? 69  ARG A NH1 1 
ATOM   527  N NH2 . ARG A 1 88  ? -12.074 -8.140  -11.952 1.00 46.83 ? 69  ARG A NH2 1 
ATOM   528  N N   . HIS A 1 89  ? -7.718  -8.753  -7.303  1.00 37.17 ? 70  HIS A N   1 
ATOM   529  C CA  . HIS A 1 89  ? -6.303  -9.209  -7.425  1.00 37.26 ? 70  HIS A CA  1 
ATOM   530  C C   . HIS A 1 89  ? -5.551  -8.673  -8.652  1.00 37.70 ? 70  HIS A C   1 
ATOM   531  O O   . HIS A 1 89  ? -4.469  -9.171  -8.978  1.00 37.69 ? 70  HIS A O   1 
ATOM   532  C CB  . HIS A 1 89  ? -6.239  -10.755 -7.396  1.00 36.98 ? 70  HIS A CB  1 
ATOM   533  C CG  . HIS A 1 89  ? -7.285  -11.366 -6.521  1.00 35.22 ? 70  HIS A CG  1 
ATOM   534  N ND1 . HIS A 1 89  ? -7.237  -11.289 -5.145  1.00 35.04 ? 70  HIS A ND1 1 
ATOM   535  C CD2 . HIS A 1 89  ? -8.432  -12.017 -6.823  1.00 33.11 ? 70  HIS A CD2 1 
ATOM   536  C CE1 . HIS A 1 89  ? -8.310  -11.869 -4.638  1.00 34.59 ? 70  HIS A CE1 1 
ATOM   537  N NE2 . HIS A 1 89  ? -9.051  -12.321 -5.635  1.00 32.86 ? 70  HIS A NE2 1 
ATOM   538  N N   . ASN A 1 90  ? -6.116  -7.653  -9.308  1.00 38.08 ? 71  ASN A N   1 
ATOM   539  C CA  . ASN A 1 90  ? -5.600  -7.166  -10.585 1.00 38.49 ? 71  ASN A CA  1 
ATOM   540  C C   . ASN A 1 90  ? -5.650  -5.643  -10.798 1.00 38.88 ? 71  ASN A C   1 
ATOM   541  O O   . ASN A 1 90  ? -5.266  -5.172  -11.854 1.00 39.26 ? 71  ASN A O   1 
ATOM   542  C CB  . ASN A 1 90  ? -6.331  -7.869  -11.739 1.00 38.35 ? 71  ASN A CB  1 
ATOM   543  C CG  . ASN A 1 90  ? -7.792  -7.476  -11.836 1.00 38.44 ? 71  ASN A CG  1 
ATOM   544  O OD1 . ASN A 1 90  ? -8.308  -6.744  -10.992 1.00 39.23 ? 71  ASN A OD1 1 
ATOM   545  N ND2 . ASN A 1 90  ? -8.472  -7.971  -12.864 1.00 38.27 ? 71  ASN A ND2 1 
ATOM   546  N N   . GLY A 1 91  ? -6.120  -4.881  -9.818  1.00 39.33 ? 72  GLY A N   1 
ATOM   547  C CA  . GLY A 1 91  ? -6.115  -3.430  -9.910  1.00 39.80 ? 72  GLY A CA  1 
ATOM   548  C C   . GLY A 1 91  ? -7.475  -2.813  -10.190 1.00 40.10 ? 72  GLY A C   1 
ATOM   549  O O   . GLY A 1 91  ? -7.606  -1.584  -10.233 1.00 39.89 ? 72  GLY A O   1 
ATOM   550  N N   . THR A 1 92  ? -8.491  -3.654  -10.367 1.00 40.15 ? 73  THR A N   1 
ATOM   551  C CA  . THR A 1 92  ? -9.824  -3.170  -10.666 1.00 40.40 ? 73  THR A CA  1 
ATOM   552  C C   . THR A 1 92  ? -10.764 -3.277  -9.457  1.00 41.04 ? 73  THR A C   1 
ATOM   553  O O   . THR A 1 92  ? -11.970 -3.083  -9.600  1.00 41.88 ? 73  THR A O   1 
ATOM   554  C CB  . THR A 1 92  ? -10.427 -3.963  -11.839 1.00 40.39 ? 73  THR A CB  1 
ATOM   555  O OG1 . THR A 1 92  ? -10.591 -5.318  -11.437 1.00 39.69 ? 73  THR A OG1 1 
ATOM   556  C CG2 . THR A 1 92  ? -9.523  -3.917  -13.090 1.00 39.69 ? 73  THR A CG2 1 
ATOM   557  N N   . GLY A 1 93  ? -10.237 -3.575  -8.267  1.00 41.09 ? 74  GLY A N   1 
ATOM   558  C CA  . GLY A 1 93  ? -11.098 -3.811  -7.115  1.00 40.98 ? 74  GLY A CA  1 
ATOM   559  C C   . GLY A 1 93  ? -10.558 -3.300  -5.807  1.00 41.08 ? 74  GLY A C   1 
ATOM   560  O O   . GLY A 1 93  ? -9.660  -2.457  -5.781  1.00 41.13 ? 74  GLY A O   1 
ATOM   561  N N   . GLY A 1 94  ? -11.116 -3.823  -4.720  1.00 41.22 ? 75  GLY A N   1 
ATOM   562  C CA  . GLY A 1 94  ? -10.765 -3.401  -3.371  1.00 41.58 ? 75  GLY A CA  1 
ATOM   563  C C   . GLY A 1 94  ? -11.941 -2.721  -2.693  1.00 41.89 ? 75  GLY A C   1 
ATOM   564  O O   . GLY A 1 94  ? -12.902 -2.340  -3.339  1.00 41.82 ? 75  GLY A O   1 
ATOM   565  N N   . LYS A 1 95  ? -11.879 -2.580  -1.379  1.00 42.42 ? 76  LYS A N   1 
ATOM   566  C CA  . LYS A 1 95  ? -12.911 -1.843  -0.664  1.00 42.79 ? 76  LYS A CA  1 
ATOM   567  C C   . LYS A 1 95  ? -12.391 -1.333  0.667   1.00 43.06 ? 76  LYS A C   1 
ATOM   568  O O   . LYS A 1 95  ? -11.487 -1.935  1.261   1.00 43.20 ? 76  LYS A O   1 
ATOM   569  C CB  . LYS A 1 95  ? -14.197 -2.682  -0.503  1.00 43.14 ? 76  LYS A CB  1 
ATOM   570  C CG  . LYS A 1 95  ? -14.233 -3.694  0.636   1.00 43.22 ? 76  LYS A CG  1 
ATOM   571  C CD  . LYS A 1 95  ? -15.430 -4.647  0.473   0.80 43.68 ? 76  LYS A CD  1 
ATOM   572  C CE  . LYS A 1 95  ? -15.959 -5.133  1.815   0.70 44.45 ? 76  LYS A CE  1 
ATOM   573  N NZ  . LYS A 1 95  ? -16.573 -6.493  1.733   0.50 44.34 ? 76  LYS A NZ  1 
ATOM   574  N N   . SER A 1 96  ? -12.953 -0.212  1.112   1.00 43.00 ? 77  SER A N   1 
ATOM   575  C CA  . SER A 1 96  ? -12.510 0.426   2.328   1.00 43.45 ? 77  SER A CA  1 
ATOM   576  C C   . SER A 1 96  ? -13.339 -0.085  3.491   1.00 43.99 ? 77  SER A C   1 
ATOM   577  O O   . SER A 1 96  ? -14.371 -0.716  3.287   1.00 43.86 ? 77  SER A O   1 
ATOM   578  C CB  . SER A 1 96  ? -12.651 1.941   2.213   1.00 43.63 ? 77  SER A CB  1 
ATOM   579  O OG  . SER A 1 96  ? -14.009 2.354   2.218   1.00 43.29 ? 77  SER A OG  1 
ATOM   580  N N   . ILE A 1 97  ? -12.889 0.197   4.715   1.00 44.49 ? 78  ILE A N   1 
ATOM   581  C CA  . ILE A 1 97  ? -13.686 -0.122  5.903   1.00 44.90 ? 78  ILE A CA  1 
ATOM   582  C C   . ILE A 1 97  ? -14.939 0.768   5.965   1.00 45.24 ? 78  ILE A C   1 
ATOM   583  O O   . ILE A 1 97  ? -15.859 0.494   6.718   1.00 46.06 ? 78  ILE A O   1 
ATOM   584  C CB  . ILE A 1 97  ? -12.862 -0.029  7.228   1.00 44.64 ? 78  ILE A CB  1 
ATOM   585  C CG1 . ILE A 1 97  ? -12.351 1.391   7.485   1.00 44.92 ? 78  ILE A CG1 1 
ATOM   586  C CG2 . ILE A 1 97  ? -11.696 -0.992  7.202   1.00 44.44 ? 78  ILE A CG2 1 
ATOM   587  C CD1 . ILE A 1 97  ? -11.615 1.552   8.813   1.00 44.29 ? 78  ILE A CD1 1 
ATOM   588  N N   . TYR A 1 98  ? -14.978 1.818   5.151   1.00 45.58 ? 79  TYR A N   1 
ATOM   589  C CA  . TYR A 1 98  ? -16.081 2.785   5.152   1.00 45.58 ? 79  TYR A CA  1 
ATOM   590  C C   . TYR A 1 98  ? -17.086 2.570   4.024   1.00 45.74 ? 79  TYR A C   1 
ATOM   591  O O   . TYR A 1 98  ? -17.910 3.441   3.774   1.00 45.84 ? 79  TYR A O   1 
ATOM   592  C CB  . TYR A 1 98  ? -15.524 4.206   5.021   1.00 45.18 ? 79  TYR A CB  1 
ATOM   593  C CG  . TYR A 1 98  ? -14.407 4.514   5.978   1.00 44.71 ? 79  TYR A CG  1 
ATOM   594  C CD1 . TYR A 1 98  ? -14.633 4.550   7.349   1.00 44.77 ? 79  TYR A CD1 1 
ATOM   595  C CD2 . TYR A 1 98  ? -13.129 4.776   5.517   1.00 43.78 ? 79  TYR A CD2 1 
ATOM   596  C CE1 . TYR A 1 98  ? -13.605 4.841   8.240   1.00 44.93 ? 79  TYR A CE1 1 
ATOM   597  C CE2 . TYR A 1 98  ? -12.100 5.063   6.390   1.00 44.85 ? 79  TYR A CE2 1 
ATOM   598  C CZ  . TYR A 1 98  ? -12.339 5.095   7.754   1.00 45.08 ? 79  TYR A CZ  1 
ATOM   599  O OH  . TYR A 1 98  ? -11.321 5.391   8.635   1.00 45.87 ? 79  TYR A OH  1 
ATOM   600  N N   . GLY A 1 99  ? -17.011 1.430   3.343   1.00 45.86 ? 80  GLY A N   1 
ATOM   601  C CA  . GLY A 1 99  ? -17.760 1.213   2.105   1.00 46.06 ? 80  GLY A CA  1 
ATOM   602  C C   . GLY A 1 99  ? -16.815 1.026   0.928   1.00 46.29 ? 80  GLY A C   1 
ATOM   603  O O   . GLY A 1 99  ? -15.588 1.107   1.086   1.00 46.56 ? 80  GLY A O   1 
ATOM   604  N N   . GLU A 1 100 ? -17.383 0.793   -0.254  1.00 46.14 ? 81  GLU A N   1 
ATOM   605  C CA  . GLU A 1 100 ? -16.604 0.446   -1.449  1.00 46.31 ? 81  GLU A CA  1 
ATOM   606  C C   . GLU A 1 100 ? -15.498 1.458   -1.738  1.00 46.13 ? 81  GLU A C   1 
ATOM   607  O O   . GLU A 1 100 ? -14.397 1.096   -2.173  1.00 46.04 ? 81  GLU A O   1 
ATOM   608  C CB  . GLU A 1 100 ? -17.522 0.347   -2.668  1.00 46.67 ? 81  GLU A CB  1 
ATOM   609  C CG  . GLU A 1 100 ? -16.807 -0.076  -3.950  0.80 47.44 ? 81  GLU A CG  1 
ATOM   610  C CD  . GLU A 1 100 ? -17.739 -0.192  -5.134  0.80 49.07 ? 81  GLU A CD  1 
ATOM   611  O OE1 . GLU A 1 100 ? -17.391 -0.931  -6.078  0.80 49.84 ? 81  GLU A OE1 1 
ATOM   612  O OE2 . GLU A 1 100 ? -18.816 0.445   -5.129  0.80 50.25 ? 81  GLU A OE2 1 
ATOM   613  N N   . LYS A 1 101 ? -15.815 2.732   -1.524  1.00 45.75 ? 82  LYS A N   1 
ATOM   614  C CA  . LYS A 1 101 ? -14.845 3.806   -1.696  1.00 45.10 ? 82  LYS A CA  1 
ATOM   615  C C   . LYS A 1 101 ? -15.099 4.955   -0.731  1.00 43.94 ? 82  LYS A C   1 
ATOM   616  O O   . LYS A 1 101 ? -16.167 5.042   -0.126  1.00 43.79 ? 82  LYS A O   1 
ATOM   617  C CB  . LYS A 1 101 ? -14.815 4.304   -3.150  1.00 45.42 ? 82  LYS A CB  1 
ATOM   618  C CG  . LYS A 1 101 ? -16.145 4.228   -3.899  1.00 46.43 ? 82  LYS A CG  1 
ATOM   619  C CD  . LYS A 1 101 ? -16.223 5.261   -5.030  0.80 47.23 ? 82  LYS A CD  1 
ATOM   620  C CE  . LYS A 1 101 ? -16.762 4.681   -6.333  0.70 47.83 ? 82  LYS A CE  1 
ATOM   621  N NZ  . LYS A 1 101 ? -15.663 4.067   -7.141  0.70 48.22 ? 82  LYS A NZ  1 
ATOM   622  N N   . PHE A 1 102 ? -14.086 5.801   -0.558  1.00 42.75 ? 83  PHE A N   1 
ATOM   623  C CA  . PHE A 1 102 ? -14.200 6.980   0.284   1.00 41.94 ? 83  PHE A CA  1 
ATOM   624  C C   . PHE A 1 102 ? -13.398 8.153   -0.257  1.00 42.07 ? 83  PHE A C   1 
ATOM   625  O O   . PHE A 1 102 ? -12.549 8.005   -1.135  1.00 42.10 ? 83  PHE A O   1 
ATOM   626  C CB  . PHE A 1 102 ? -13.853 6.682   1.761   1.00 41.52 ? 83  PHE A CB  1 
ATOM   627  C CG  . PHE A 1 102 ? -12.394 6.370   2.038   1.00 39.57 ? 83  PHE A CG  1 
ATOM   628  C CD1 . PHE A 1 102 ? -11.874 5.103   1.767   1.00 37.32 ? 83  PHE A CD1 1 
ATOM   629  C CD2 . PHE A 1 102 ? -11.569 7.313   2.652   1.00 36.72 ? 83  PHE A CD2 1 
ATOM   630  C CE1 . PHE A 1 102 ? -10.550 4.794   2.049   1.00 36.29 ? 83  PHE A CE1 1 
ATOM   631  C CE2 . PHE A 1 102 ? -10.236 7.019   2.944   1.00 36.96 ? 83  PHE A CE2 1 
ATOM   632  C CZ  . PHE A 1 102 ? -9.719  5.754   2.642   1.00 36.40 ? 83  PHE A CZ  1 
ATOM   633  N N   . GLU A 1 103 ? -13.708 9.329   0.274   1.00 42.19 ? 84  GLU A N   1 
ATOM   634  C CA  . GLU A 1 103 ? -13.143 10.575  -0.198  1.00 42.07 ? 84  GLU A CA  1 
ATOM   635  C C   . GLU A 1 103 ? -11.633 10.596  -0.159  1.00 42.07 ? 84  GLU A C   1 
ATOM   636  O O   . GLU A 1 103 ? -11.014 9.825   0.564   1.00 42.20 ? 84  GLU A O   1 
ATOM   637  C CB  . GLU A 1 103 ? -13.651 11.733  0.658   1.00 42.16 ? 84  GLU A CB  1 
ATOM   638  C CG  . GLU A 1 103 ? -13.188 11.719  2.131   1.00 42.38 ? 84  GLU A CG  1 
ATOM   639  C CD  . GLU A 1 103 ? -14.243 11.186  3.103   1.00 42.69 ? 84  GLU A CD  1 
ATOM   640  O OE1 . GLU A 1 103 ? -15.003 10.253  2.741   1.00 41.89 ? 84  GLU A OE1 1 
ATOM   641  O OE2 . GLU A 1 103 ? -14.293 11.705  4.242   1.00 42.75 ? 84  GLU A OE2 1 
ATOM   642  N N   . ASP A 1 104 ? -11.049 11.500  -0.937  1.00 42.01 ? 85  ASP A N   1 
ATOM   643  C CA  . ASP A 1 104 ? -9.694  11.957  -0.685  1.00 41.92 ? 85  ASP A CA  1 
ATOM   644  C C   . ASP A 1 104 ? -9.785  12.836  0.569   1.00 42.00 ? 85  ASP A C   1 
ATOM   645  O O   . ASP A 1 104 ? -10.400 13.899  0.538   1.00 42.05 ? 85  ASP A O   1 
ATOM   646  C CB  . ASP A 1 104 ? -9.155  12.749  -1.878  1.00 41.79 ? 85  ASP A CB  1 
ATOM   647  C CG  . ASP A 1 104 ? -8.935  11.880  -3.109  1.00 41.80 ? 85  ASP A CG  1 
ATOM   648  O OD1 . ASP A 1 104 ? -8.069  10.981  -3.046  1.00 40.55 ? 85  ASP A OD1 1 
ATOM   649  O OD2 . ASP A 1 104 ? -9.624  12.098  -4.137  1.00 40.36 ? 85  ASP A OD2 1 
ATOM   650  N N   . GLU A 1 105 ? -9.188  12.387  1.669   1.00 41.91 ? 86  GLU A N   1 
ATOM   651  C CA  . GLU A 1 105 ? -9.344  13.053  2.963   1.00 41.80 ? 86  GLU A CA  1 
ATOM   652  C C   . GLU A 1 105 ? -8.707  14.448  2.978   1.00 41.42 ? 86  GLU A C   1 
ATOM   653  O O   . GLU A 1 105 ? -9.340  15.422  3.394   1.00 41.89 ? 86  GLU A O   1 
ATOM   654  C CB  . GLU A 1 105 ? -8.740  12.184  4.073   1.00 42.05 ? 86  GLU A CB  1 
ATOM   655  C CG  . GLU A 1 105 ? -9.126  12.612  5.485   1.00 42.54 ? 86  GLU A CG  1 
ATOM   656  C CD  . GLU A 1 105 ? -8.336  11.883  6.561   1.00 42.92 ? 86  GLU A CD  1 
ATOM   657  O OE1 . GLU A 1 105 ? -7.622  10.920  6.226   1.00 42.48 ? 86  GLU A OE1 1 
ATOM   658  O OE2 . GLU A 1 105 ? -8.435  12.277  7.744   1.00 42.53 ? 86  GLU A OE2 1 
ATOM   659  N N   . ASN A 1 106 ? -7.446  14.519  2.564   1.00 40.81 ? 87  ASN A N   1 
ATOM   660  C CA  . ASN A 1 106 ? -6.761  15.776  2.289   1.00 40.37 ? 87  ASN A CA  1 
ATOM   661  C C   . ASN A 1 106 ? -5.538  15.501  1.429   1.00 39.84 ? 87  ASN A C   1 
ATOM   662  O O   . ASN A 1 106 ? -5.304  14.355  1.062   1.00 39.86 ? 87  ASN A O   1 
ATOM   663  C CB  . ASN A 1 106 ? -6.389  16.508  3.580   1.00 40.83 ? 87  ASN A CB  1 
ATOM   664  C CG  . ASN A 1 106 ? -5.405  15.723  4.470   1.00 41.16 ? 87  ASN A CG  1 
ATOM   665  O OD1 . ASN A 1 106 ? -4.268  15.434  4.079   1.00 40.54 ? 87  ASN A OD1 1 
ATOM   666  N ND2 . ASN A 1 106 ? -5.839  15.423  5.692   1.00 40.77 ? 87  ASN A ND2 1 
ATOM   667  N N   . PHE A 1 107 ? -4.781  16.539  1.086   1.00 39.55 ? 88  PHE A N   1 
ATOM   668  C CA  . PHE A 1 107 ? -3.540  16.399  0.315   1.00 39.03 ? 88  PHE A CA  1 
ATOM   669  C C   . PHE A 1 107 ? -2.409  17.134  0.988   1.00 39.86 ? 88  PHE A C   1 
ATOM   670  O O   . PHE A 1 107 ? -1.475  17.594  0.325   1.00 40.32 ? 88  PHE A O   1 
ATOM   671  C CB  . PHE A 1 107 ? -3.715  16.904  -1.126  1.00 38.54 ? 88  PHE A CB  1 
ATOM   672  C CG  . PHE A 1 107 ? -4.682  16.084  -1.926  1.00 36.02 ? 88  PHE A CG  1 
ATOM   673  C CD1 . PHE A 1 107 ? -4.367  14.784  -2.287  1.00 33.46 ? 88  PHE A CD1 1 
ATOM   674  C CD2 . PHE A 1 107 ? -5.911  16.596  -2.297  1.00 33.71 ? 88  PHE A CD2 1 
ATOM   675  C CE1 . PHE A 1 107 ? -5.263  14.017  -2.996  1.00 31.79 ? 88  PHE A CE1 1 
ATOM   676  C CE2 . PHE A 1 107 ? -6.805  15.828  -2.999  1.00 32.63 ? 88  PHE A CE2 1 
ATOM   677  C CZ  . PHE A 1 107 ? -6.476  14.538  -3.353  1.00 32.54 ? 88  PHE A CZ  1 
ATOM   678  N N   . ILE A 1 108 ? -2.485  17.213  2.316   1.00 40.50 ? 89  ILE A N   1 
ATOM   679  C CA  . ILE A 1 108 ? -1.485  17.903  3.135   1.00 40.96 ? 89  ILE A CA  1 
ATOM   680  C C   . ILE A 1 108 ? -0.079  17.377  2.891   1.00 41.22 ? 89  ILE A C   1 
ATOM   681  O O   . ILE A 1 108 ? 0.854   18.154  2.699   1.00 41.64 ? 89  ILE A O   1 
ATOM   682  C CB  . ILE A 1 108 ? -1.847  17.795  4.652   1.00 41.33 ? 89  ILE A CB  1 
ATOM   683  C CG1 . ILE A 1 108 ? -3.016  18.732  4.972   1.00 41.11 ? 89  ILE A CG1 1 
ATOM   684  C CG2 . ILE A 1 108 ? -0.630  18.114  5.536   1.00 40.84 ? 89  ILE A CG2 1 
ATOM   685  C CD1 . ILE A 1 108 ? -3.583  18.568  6.374   1.00 43.09 ? 89  ILE A CD1 1 
ATOM   686  N N   . LEU A 1 109 ? 0.056   16.051  2.875   1.00 41.62 ? 90  LEU A N   1 
ATOM   687  C CA  . LEU A 1 109 ? 1.351   15.387  2.732   1.00 41.35 ? 90  LEU A CA  1 
ATOM   688  C C   . LEU A 1 109 ? 1.660   15.099  1.271   1.00 41.10 ? 90  LEU A C   1 
ATOM   689  O O   . LEU A 1 109 ? 0.747   14.903  0.463   1.00 41.34 ? 90  LEU A O   1 
ATOM   690  C CB  . LEU A 1 109 ? 1.364   14.084  3.537   1.00 41.69 ? 90  LEU A CB  1 
ATOM   691  C CG  . LEU A 1 109 ? 1.246   14.220  5.058   1.00 41.97 ? 90  LEU A CG  1 
ATOM   692  C CD1 . LEU A 1 109 ? 0.845   12.888  5.688   1.00 42.13 ? 90  LEU A CD1 1 
ATOM   693  C CD2 . LEU A 1 109 ? 2.558   14.737  5.632   1.00 42.29 ? 90  LEU A CD2 1 
ATOM   694  N N   . LYS A 1 110 ? 2.953   15.021  0.966   1.00 40.80 ? 91  LYS A N   1 
ATOM   695  C CA  . LYS A 1 110 ? 3.467   15.007  -0.404  1.00 40.79 ? 91  LYS A CA  1 
ATOM   696  C C   . LYS A 1 110 ? 4.340   13.785  -0.707  1.00 40.44 ? 91  LYS A C   1 
ATOM   697  O O   . LYS A 1 110 ? 4.937   13.191  0.180   1.00 40.78 ? 91  LYS A O   1 
ATOM   698  C CB  . LYS A 1 110 ? 4.316   16.273  -0.655  1.00 40.75 ? 91  LYS A CB  1 
ATOM   699  C CG  . LYS A 1 110 ? 3.618   17.597  -0.369  1.00 41.21 ? 91  LYS A CG  1 
ATOM   700  C CD  . LYS A 1 110 ? 2.520   17.906  -1.379  1.00 42.17 ? 91  LYS A CD  1 
ATOM   701  C CE  . LYS A 1 110 ? 1.627   19.069  -0.948  1.00 42.46 ? 91  LYS A CE  1 
ATOM   702  N NZ  . LYS A 1 110 ? 0.504   19.279  -1.941  1.00 42.54 ? 91  LYS A NZ  1 
ATOM   703  N N   . HIS A 1 111 ? 4.441   13.449  -1.985  1.00 40.28 ? 92  HIS A N   1 
ATOM   704  C CA  . HIS A 1 111 ? 5.268   12.331  -2.436  1.00 39.84 ? 92  HIS A CA  1 
ATOM   705  C C   . HIS A 1 111 ? 6.716   12.773  -2.519  1.00 39.99 ? 92  HIS A C   1 
ATOM   706  O O   . HIS A 1 111 ? 7.222   13.099  -3.596  1.00 40.14 ? 92  HIS A O   1 
ATOM   707  C CB  . HIS A 1 111 ? 4.778   11.834  -3.795  1.00 39.63 ? 92  HIS A CB  1 
ATOM   708  C CG  . HIS A 1 111 ? 3.375   11.317  -3.780  1.00 36.98 ? 92  HIS A CG  1 
ATOM   709  N ND1 . HIS A 1 111 ? 2.276   12.148  -3.790  1.00 35.67 ? 92  HIS A ND1 1 
ATOM   710  C CD2 . HIS A 1 111 ? 2.893   10.054  -3.770  1.00 35.52 ? 92  HIS A CD2 1 
ATOM   711  C CE1 . HIS A 1 111 ? 1.176   11.417  -3.780  1.00 36.20 ? 92  HIS A CE1 1 
ATOM   712  N NE2 . HIS A 1 111 ? 1.523   10.142  -3.764  1.00 35.37 ? 92  HIS A NE2 1 
ATOM   713  N N   . THR A 1 112 ? 7.377   12.776  -1.364  1.00 40.05 ? 93  THR A N   1 
ATOM   714  C CA  . THR A 1 112 ? 8.719   13.368  -1.213  1.00 40.11 ? 93  THR A CA  1 
ATOM   715  C C   . THR A 1 112 ? 9.898   12.466  -1.579  1.00 39.88 ? 93  THR A C   1 
ATOM   716  O O   . THR A 1 112 ? 10.994  12.960  -1.845  1.00 40.70 ? 93  THR A O   1 
ATOM   717  C CB  . THR A 1 112 ? 8.943   13.843  0.236   1.00 40.01 ? 93  THR A CB  1 
ATOM   718  O OG1 . THR A 1 112 ? 8.879   12.717  1.121   1.00 40.12 ? 93  THR A OG1 1 
ATOM   719  C CG2 . THR A 1 112 ? 7.882   14.875  0.628   1.00 40.04 ? 93  THR A CG2 1 
ATOM   720  N N   . GLY A 1 113 ? 9.704   11.155  -1.581  1.00 39.40 ? 94  GLY A N   1 
ATOM   721  C CA  . GLY A 1 113 ? 10.786  10.257  -1.957  1.00 38.73 ? 94  GLY A CA  1 
ATOM   722  C C   . GLY A 1 113 ? 10.378  8.797   -1.955  1.00 38.35 ? 94  GLY A C   1 
ATOM   723  O O   . GLY A 1 113 ? 9.194   8.488   -1.997  1.00 37.71 ? 94  GLY A O   1 
ATOM   724  N N   . PRO A 1 114 ? 11.373  7.894   -1.924  1.00 38.42 ? 95  PRO A N   1 
ATOM   725  C CA  . PRO A 1 114 ? 11.219  6.450   -1.704  1.00 38.08 ? 95  PRO A CA  1 
ATOM   726  C C   . PRO A 1 114 ? 10.650  6.110   -0.328  1.00 37.64 ? 95  PRO A C   1 
ATOM   727  O O   . PRO A 1 114 ? 11.092  6.666   0.680   1.00 38.51 ? 95  PRO A O   1 
ATOM   728  C CB  . PRO A 1 114 ? 12.652  5.917   -1.795  1.00 38.22 ? 95  PRO A CB  1 
ATOM   729  C CG  . PRO A 1 114 ? 13.440  6.980   -2.449  1.00 38.75 ? 95  PRO A CG  1 
ATOM   730  C CD  . PRO A 1 114 ? 12.782  8.272   -2.140  1.00 38.42 ? 95  PRO A CD  1 
ATOM   731  N N   . GLY A 1 115 ? 9.685   5.196   -0.289  1.00 36.67 ? 96  GLY A N   1 
ATOM   732  C CA  . GLY A 1 115 ? 9.128   4.711   0.961   1.00 35.38 ? 96  GLY A CA  1 
ATOM   733  C C   . GLY A 1 115 ? 7.783   5.297   1.269   1.00 34.60 ? 96  GLY A C   1 
ATOM   734  O O   . GLY A 1 115 ? 7.123   4.873   2.221   1.00 34.19 ? 96  GLY A O   1 
ATOM   735  N N   . ILE A 1 116 ? 7.364   6.278   0.476   1.00 33.65 ? 97  ILE A N   1 
ATOM   736  C CA  . ILE A 1 116 ? 6.091   6.941   0.706   1.00 32.44 ? 97  ILE A CA  1 
ATOM   737  C C   . ILE A 1 116 ? 4.966   5.944   0.387   1.00 31.71 ? 97  ILE A C   1 
ATOM   738  O O   . ILE A 1 116 ? 5.018   5.238   -0.624  1.00 30.90 ? 97  ILE A O   1 
ATOM   739  C CB  . ILE A 1 116 ? 5.996   8.261   -0.105  1.00 32.57 ? 97  ILE A CB  1 
ATOM   740  C CG1 . ILE A 1 116 ? 6.952   9.308   0.475   1.00 33.15 ? 97  ILE A CG1 1 
ATOM   741  C CG2 . ILE A 1 116 ? 4.580   8.840   -0.118  1.00 31.42 ? 97  ILE A CG2 1 
ATOM   742  C CD1 . ILE A 1 116 ? 6.512   9.889   1.817   1.00 32.98 ? 97  ILE A CD1 1 
ATOM   743  N N   . LEU A 1 117 ? 3.994   5.873   1.300   1.00 31.13 ? 98  LEU A N   1 
ATOM   744  C CA  . LEU A 1 117 ? 2.807   5.050   1.157   1.00 30.80 ? 98  LEU A CA  1 
ATOM   745  C C   . LEU A 1 117 ? 1.595   5.951   0.830   1.00 31.11 ? 98  LEU A C   1 
ATOM   746  O O   . LEU A 1 117 ? 1.270   6.889   1.565   1.00 30.70 ? 98  LEU A O   1 
ATOM   747  C CB  . LEU A 1 117 ? 2.564   4.264   2.452   1.00 30.92 ? 98  LEU A CB  1 
ATOM   748  C CG  . LEU A 1 117 ? 1.381   3.286   2.528   1.00 29.72 ? 98  LEU A CG  1 
ATOM   749  C CD1 . LEU A 1 117 ? 1.702   2.003   1.788   1.00 27.91 ? 98  LEU A CD1 1 
ATOM   750  C CD2 . LEU A 1 117 ? 0.989   3.022   3.978   1.00 30.04 ? 98  LEU A CD2 1 
ATOM   751  N N   . SER A 1 118 ? 0.900   5.641   -0.264  1.00 31.32 ? 99  SER A N   1 
ATOM   752  C CA  . SER A 1 118 ? -0.113  6.544   -0.797  1.00 31.15 ? 99  SER A CA  1 
ATOM   753  C C   . SER A 1 118 ? -1.271  5.722   -1.359  1.00 31.22 ? 99  SER A C   1 
ATOM   754  O O   . SER A 1 118 ? -1.108  4.555   -1.709  1.00 31.61 ? 99  SER A O   1 
ATOM   755  C CB  . SER A 1 118 ? 0.562   7.435   -1.855  1.00 31.18 ? 99  SER A CB  1 
ATOM   756  O OG  . SER A 1 118 ? -0.272  8.471   -2.353  1.00 31.65 ? 99  SER A OG  1 
ATOM   757  N N   . MET A 1 119 ? -2.458  6.314   -1.413  1.00 31.31 ? 100 MET A N   1 
ATOM   758  C CA  . MET A 1 119 ? -3.621  5.598   -1.891  1.00 31.00 ? 100 MET A CA  1 
ATOM   759  C C   . MET A 1 119 ? -3.683  5.642   -3.402  1.00 31.29 ? 100 MET A C   1 
ATOM   760  O O   . MET A 1 119 ? -3.590  6.708   -4.010  1.00 31.24 ? 100 MET A O   1 
ATOM   761  C CB  . MET A 1 119 ? -4.899  6.190   -1.310  1.00 31.17 ? 100 MET A CB  1 
ATOM   762  C CG  . MET A 1 119 ? -5.055  6.013   0.196   1.00 31.27 ? 100 MET A CG  1 
ATOM   763  S SD  . MET A 1 119 ? -5.171  4.283   0.689   1.00 30.90 ? 100 MET A SD  1 
ATOM   764  C CE  . MET A 1 119 ? -6.831  3.836   0.200   1.00 30.02 ? 100 MET A CE  1 
ATOM   765  N N   . ALA A 1 120 ? -3.827  4.472   -4.015  1.00 31.21 ? 101 ALA A N   1 
ATOM   766  C CA  . ALA A 1 120 ? -4.160  4.386   -5.419  1.00 31.33 ? 101 ALA A CA  1 
ATOM   767  C C   . ALA A 1 120 ? -5.621  4.796   -5.537  1.00 31.44 ? 101 ALA A C   1 
ATOM   768  O O   . ALA A 1 120 ? -6.324  4.849   -4.538  1.00 31.44 ? 101 ALA A O   1 
ATOM   769  C CB  . ALA A 1 120 ? -3.937  2.966   -5.935  1.00 31.02 ? 101 ALA A CB  1 
ATOM   770  N N   . ASN A 1 121 ? -6.071  5.089   -6.749  1.00 32.01 ? 102 ASN A N   1 
ATOM   771  C CA  . ASN A 1 121 ? -7.466  5.433   -6.996  1.00 32.24 ? 102 ASN A CA  1 
ATOM   772  C C   . ASN A 1 121 ? -7.775  5.448   -8.483  1.00 33.18 ? 102 ASN A C   1 
ATOM   773  O O   . ASN A 1 121 ? -6.880  5.324   -9.307  1.00 32.40 ? 102 ASN A O   1 
ATOM   774  C CB  . ASN A 1 121 ? -7.840  6.793   -6.375  1.00 32.86 ? 102 ASN A CB  1 
ATOM   775  C CG  . ASN A 1 121 ? -7.105  7.981   -7.027  1.00 31.61 ? 102 ASN A CG  1 
ATOM   776  O OD1 . ASN A 1 121 ? -7.079  8.122   -8.243  1.00 31.91 ? 102 ASN A OD1 1 
ATOM   777  N ND2 . ASN A 1 121 ? -6.531  8.837   -6.200  1.00 30.28 ? 102 ASN A ND2 1 
ATOM   778  N N   . ALA A 1 122 ? -9.054  5.622   -8.801  1.00 34.59 ? 103 ALA A N   1 
ATOM   779  C CA  . ALA A 1 122 ? -9.553  5.592   -10.170 1.00 35.42 ? 103 ALA A CA  1 
ATOM   780  C C   . ALA A 1 122 ? -10.261 6.917   -10.460 1.00 36.49 ? 103 ALA A C   1 
ATOM   781  O O   . ALA A 1 122 ? -11.295 6.946   -11.119 1.00 36.84 ? 103 ALA A O   1 
ATOM   782  C CB  . ALA A 1 122 ? -10.525 4.429   -10.336 1.00 35.30 ? 103 ALA A CB  1 
ATOM   783  N N   . GLY A 1 123 ? -9.697  8.013   -9.969  1.00 37.19 ? 104 GLY A N   1 
ATOM   784  C CA  . GLY A 1 123 ? -10.353 9.305   -10.060 1.00 37.49 ? 104 GLY A CA  1 
ATOM   785  C C   . GLY A 1 123 ? -10.483 9.949   -8.701  1.00 37.75 ? 104 GLY A C   1 
ATOM   786  O O   . GLY A 1 123 ? -10.007 9.394   -7.685  1.00 37.89 ? 104 GLY A O   1 
ATOM   787  N N   . PRO A 1 124 ? -11.128 11.129  -8.661  1.00 37.67 ? 105 PRO A N   1 
ATOM   788  C CA  . PRO A 1 124 ? -11.232 11.822  -7.389  1.00 37.33 ? 105 PRO A CA  1 
ATOM   789  C C   . PRO A 1 124 ? -12.234 11.126  -6.478  1.00 36.74 ? 105 PRO A C   1 
ATOM   790  O O   . PRO A 1 124 ? -13.265 10.638  -6.951  1.00 36.98 ? 105 PRO A O   1 
ATOM   791  C CB  . PRO A 1 124 ? -11.680 13.234  -7.792  1.00 37.48 ? 105 PRO A CB  1 
ATOM   792  C CG  . PRO A 1 124 ? -12.410 13.053  -9.054  1.00 37.79 ? 105 PRO A CG  1 
ATOM   793  C CD  . PRO A 1 124 ? -11.792 11.866  -9.753  1.00 37.86 ? 105 PRO A CD  1 
ATOM   794  N N   . ASN A 1 125 ? -11.898 11.046  -5.191  1.00 36.21 ? 106 ASN A N   1 
ATOM   795  C CA  . ASN A 1 125 ? -12.755 10.442  -4.169  1.00 35.89 ? 106 ASN A CA  1 
ATOM   796  C C   . ASN A 1 125 ? -13.174 8.995   -4.464  1.00 35.81 ? 106 ASN A C   1 
ATOM   797  O O   . ASN A 1 125 ? -14.341 8.625   -4.269  1.00 34.88 ? 106 ASN A O   1 
ATOM   798  C CB  . ASN A 1 125 ? -13.973 11.334  -3.920  1.00 35.90 ? 106 ASN A CB  1 
ATOM   799  C CG  . ASN A 1 125 ? -13.587 12.768  -3.603  1.00 36.19 ? 106 ASN A CG  1 
ATOM   800  O OD1 . ASN A 1 125 ? -12.865 13.037  -2.634  1.00 36.02 ? 106 ASN A OD1 1 
ATOM   801  N ND2 . ASN A 1 125 ? -14.052 13.698  -4.429  1.00 35.66 ? 106 ASN A ND2 1 
ATOM   802  N N   . THR A 1 126 ? -12.200 8.191   -4.917  1.00 35.93 ? 107 THR A N   1 
ATOM   803  C CA  . THR A 1 126 ? -12.406 6.776   -5.265  1.00 35.87 ? 107 THR A CA  1 
ATOM   804  C C   . THR A 1 126 ? -11.405 5.842   -4.543  1.00 35.67 ? 107 THR A C   1 
ATOM   805  O O   . THR A 1 126 ? -11.015 4.799   -5.071  1.00 36.07 ? 107 THR A O   1 
ATOM   806  C CB  . THR A 1 126 ? -12.305 6.544   -6.802  1.00 35.99 ? 107 THR A CB  1 
ATOM   807  O OG1 . THR A 1 126 ? -10.987 6.871   -7.269  1.00 35.23 ? 107 THR A OG1 1 
ATOM   808  C CG2 . THR A 1 126 ? -13.368 7.371   -7.575  1.00 36.02 ? 107 THR A CG2 1 
ATOM   809  N N   . ASN A 1 127 ? -10.994 6.215   -3.336  1.00 35.40 ? 108 ASN A N   1 
ATOM   810  C CA  . ASN A 1 127 ? -10.128 5.367   -2.523  1.00 34.50 ? 108 ASN A CA  1 
ATOM   811  C C   . ASN A 1 127 ? -10.904 4.151   -2.029  1.00 34.57 ? 108 ASN A C   1 
ATOM   812  O O   . ASN A 1 127 ? -12.043 4.288   -1.563  1.00 34.74 ? 108 ASN A O   1 
ATOM   813  C CB  . ASN A 1 127 ? -9.628  6.113   -1.297  1.00 34.07 ? 108 ASN A CB  1 
ATOM   814  C CG  . ASN A 1 127 ? -8.763  7.299   -1.643  1.00 33.90 ? 108 ASN A CG  1 
ATOM   815  O OD1 . ASN A 1 127 ? -7.788  7.183   -2.381  1.00 30.81 ? 108 ASN A OD1 1 
ATOM   816  N ND2 . ASN A 1 127 ? -9.121  8.461   -1.100  1.00 32.64 ? 108 ASN A ND2 1 
ATOM   817  N N   . GLY A 1 128 ? -10.285 2.970   -2.102  1.00 33.71 ? 109 GLY A N   1 
ATOM   818  C CA  . GLY A 1 128 ? -10.845 1.764   -1.479  1.00 33.04 ? 109 GLY A CA  1 
ATOM   819  C C   . GLY A 1 128 ? -9.822  1.177   -0.523  1.00 32.23 ? 109 GLY A C   1 
ATOM   820  O O   . GLY A 1 128 ? -9.694  1.630   0.626   1.00 31.97 ? 109 GLY A O   1 
ATOM   821  N N   . SER A 1 129 ? -9.082  0.186   -1.029  1.00 31.57 ? 110 SER A N   1 
ATOM   822  C CA  . SER A 1 129 ? -8.006  -0.508  -0.289  1.00 30.87 ? 110 SER A CA  1 
ATOM   823  C C   . SER A 1 129 ? -6.652  -0.489  -0.997  1.00 30.63 ? 110 SER A C   1 
ATOM   824  O O   . SER A 1 129 ? -5.618  -0.605  -0.351  1.00 30.55 ? 110 SER A O   1 
ATOM   825  C CB  . SER A 1 129 ? -8.409  -1.976  -0.035  1.00 30.96 ? 110 SER A CB  1 
ATOM   826  O OG  . SER A 1 129 ? -8.775  -2.644  -1.234  1.00 28.87 ? 110 SER A OG  1 
ATOM   827  N N   . GLN A 1 130 ? -6.643  -0.356  -2.321  1.00 30.97 ? 111 GLN A N   1 
ATOM   828  C CA  . GLN A 1 130 ? -5.388  -0.316  -3.051  1.00 31.00 ? 111 GLN A CA  1 
ATOM   829  C C   . GLN A 1 130 ? -4.531  0.876   -2.616  1.00 31.26 ? 111 GLN A C   1 
ATOM   830  O O   . GLN A 1 130 ? -5.033  1.975   -2.402  1.00 31.26 ? 111 GLN A O   1 
ATOM   831  C CB  . GLN A 1 130 ? -5.618  -0.244  -4.552  1.00 31.44 ? 111 GLN A CB  1 
ATOM   832  C CG  . GLN A 1 130 ? -6.323  -1.432  -5.158  1.00 31.14 ? 111 GLN A CG  1 
ATOM   833  C CD  . GLN A 1 130 ? -6.285  -1.383  -6.659  1.00 29.82 ? 111 GLN A CD  1 
ATOM   834  O OE1 . GLN A 1 130 ? -5.247  -1.119  -7.247  1.00 30.41 ? 111 GLN A OE1 1 
ATOM   835  N NE2 . GLN A 1 130 ? -7.423  -1.629  -7.291  1.00 29.54 ? 111 GLN A NE2 1 
ATOM   836  N N   . PHE A 1 131 ? -3.237  0.624   -2.502  1.00 31.22 ? 112 PHE A N   1 
ATOM   837  C CA  . PHE A 1 131 ? -2.255  1.577   -2.026  1.00 31.22 ? 112 PHE A CA  1 
ATOM   838  C C   . PHE A 1 131 ? -1.045  1.355   -2.919  1.00 31.32 ? 112 PHE A C   1 
ATOM   839  O O   . PHE A 1 131 ? -0.997  0.366   -3.647  1.00 31.56 ? 112 PHE A O   1 
ATOM   840  C CB  . PHE A 1 131 ? -1.875  1.266   -0.568  1.00 31.37 ? 112 PHE A CB  1 
ATOM   841  C CG  . PHE A 1 131 ? -1.314  -0.119  -0.394  1.00 31.65 ? 112 PHE A CG  1 
ATOM   842  C CD1 . PHE A 1 131 ? 0.039   -0.369  -0.601  1.00 32.02 ? 112 PHE A CD1 1 
ATOM   843  C CD2 . PHE A 1 131 ? -2.155  -1.189  -0.115  1.00 32.49 ? 112 PHE A CD2 1 
ATOM   844  C CE1 . PHE A 1 131 ? 0.537   -1.645  -0.507  1.00 31.49 ? 112 PHE A CE1 1 
ATOM   845  C CE2 . PHE A 1 131 ? -1.653  -2.473  -0.019  1.00 31.78 ? 112 PHE A CE2 1 
ATOM   846  C CZ  . PHE A 1 131 ? -0.318  -2.696  -0.214  1.00 32.13 ? 112 PHE A CZ  1 
ATOM   847  N N   . PHE A 1 132 ? -0.071  2.255   -2.876  1.00 31.65 ? 113 PHE A N   1 
ATOM   848  C CA  . PHE A 1 132 ? 1.229   1.958   -3.444  1.00 31.90 ? 113 PHE A CA  1 
ATOM   849  C C   . PHE A 1 132 ? 2.350   2.414   -2.529  1.00 32.47 ? 113 PHE A C   1 
ATOM   850  O O   . PHE A 1 132 ? 2.160   3.312   -1.709  1.00 32.30 ? 113 PHE A O   1 
ATOM   851  C CB  . PHE A 1 132 ? 1.394   2.510   -4.881  1.00 32.40 ? 113 PHE A CB  1 
ATOM   852  C CG  . PHE A 1 132 ? 1.277   4.015   -5.003  1.00 32.34 ? 113 PHE A CG  1 
ATOM   853  C CD1 . PHE A 1 132 ? 0.041   4.615   -5.126  1.00 33.00 ? 113 PHE A CD1 1 
ATOM   854  C CD2 . PHE A 1 132 ? 2.405   4.819   -5.038  1.00 32.98 ? 113 PHE A CD2 1 
ATOM   855  C CE1 . PHE A 1 132 ? -0.076  5.990   -5.242  1.00 32.62 ? 113 PHE A CE1 1 
ATOM   856  C CE2 . PHE A 1 132 ? 2.283   6.185   -5.167  1.00 33.01 ? 113 PHE A CE2 1 
ATOM   857  C CZ  . PHE A 1 132 ? 1.038   6.765   -5.269  1.00 32.17 ? 113 PHE A CZ  1 
ATOM   858  N N   . ILE A 1 133 ? 3.494   1.737   -2.652  1.00 33.10 ? 114 ILE A N   1 
ATOM   859  C CA  . ILE A 1 133 ? 4.728   2.141   -2.001  1.00 33.81 ? 114 ILE A CA  1 
ATOM   860  C C   . ILE A 1 133 ? 5.659   2.719   -3.075  1.00 34.29 ? 114 ILE A C   1 
ATOM   861  O O   . ILE A 1 133 ? 5.963   2.049   -4.069  1.00 33.83 ? 114 ILE A O   1 
ATOM   862  C CB  . ILE A 1 133 ? 5.442   0.951   -1.306  1.00 34.13 ? 114 ILE A CB  1 
ATOM   863  C CG1 . ILE A 1 133 ? 4.480   0.205   -0.366  1.00 34.51 ? 114 ILE A CG1 1 
ATOM   864  C CG2 . ILE A 1 133 ? 6.683   1.448   -0.529  1.00 34.03 ? 114 ILE A CG2 1 
ATOM   865  C CD1 . ILE A 1 133 ? 4.890   -1.207  -0.082  1.00 34.33 ? 114 ILE A CD1 1 
ATOM   866  N N   . CYS A 1 134 ? 6.102   3.957   -2.859  1.00 34.70 ? 115 CYS A N   1 
ATOM   867  C CA  . CYS A 1 134 ? 6.987   4.648   -3.790  1.00 35.32 ? 115 CYS A CA  1 
ATOM   868  C C   . CYS A 1 134 ? 8.417   4.186   -3.645  1.00 36.37 ? 115 CYS A C   1 
ATOM   869  O O   . CYS A 1 134 ? 8.952   4.119   -2.532  1.00 36.29 ? 115 CYS A O   1 
ATOM   870  C CB  . CYS A 1 134 ? 6.951   6.162   -3.548  1.00 35.04 ? 115 CYS A CB  1 
ATOM   871  S SG  . CYS A 1 134 ? 5.383   6.954   -3.919  1.00 34.36 ? 115 CYS A SG  1 
ATOM   872  N N   . THR A 1 135 ? 9.048   3.901   -4.783  1.00 37.60 ? 116 THR A N   1 
ATOM   873  C CA  . THR A 1 135 ? 10.469  3.594   -4.823  1.00 38.57 ? 116 THR A CA  1 
ATOM   874  C C   . THR A 1 135 ? 11.298  4.765   -5.403  1.00 39.45 ? 116 THR A C   1 
ATOM   875  O O   . THR A 1 135 ? 12.507  4.637   -5.594  1.00 40.37 ? 116 THR A O   1 
ATOM   876  C CB  . THR A 1 135 ? 10.721  2.305   -5.608  1.00 38.76 ? 116 THR A CB  1 
ATOM   877  O OG1 . THR A 1 135 ? 10.195  2.435   -6.929  1.00 39.51 ? 116 THR A OG1 1 
ATOM   878  C CG2 . THR A 1 135 ? 10.046  1.121   -4.914  1.00 37.99 ? 116 THR A CG2 1 
ATOM   879  N N   . ALA A 1 136 ? 10.638  5.898   -5.651  1.00 39.86 ? 117 ALA A N   1 
ATOM   880  C CA  . ALA A 1 136 ? 11.279  7.122   -6.120  1.00 39.82 ? 117 ALA A CA  1 
ATOM   881  C C   . ALA A 1 136 ? 10.427  8.299   -5.689  1.00 39.86 ? 117 ALA A C   1 
ATOM   882  O O   . ALA A 1 136 ? 9.325   8.116   -5.169  1.00 39.55 ? 117 ALA A O   1 
ATOM   883  C CB  . ALA A 1 136 ? 11.420  7.103   -7.654  1.00 40.10 ? 117 ALA A CB  1 
ATOM   884  N N   . LYS A 1 137 ? 10.937  9.513   -5.895  1.00 40.09 ? 118 LYS A N   1 
ATOM   885  C CA  . LYS A 1 137 ? 10.130  10.726  -5.686  1.00 39.77 ? 118 LYS A CA  1 
ATOM   886  C C   . LYS A 1 137 ? 9.082   10.788  -6.799  1.00 38.86 ? 118 LYS A C   1 
ATOM   887  O O   . LYS A 1 137 ? 9.404   10.608  -7.970  1.00 39.34 ? 118 LYS A O   1 
ATOM   888  C CB  . LYS A 1 137 ? 11.015  11.980  -5.709  1.00 40.32 ? 118 LYS A CB  1 
ATOM   889  C CG  . LYS A 1 137 ? 10.297  13.242  -5.250  1.00 41.64 ? 118 LYS A CG  1 
ATOM   890  C CD  . LYS A 1 137 ? 11.199  14.451  -5.255  1.00 44.51 ? 118 LYS A CD  1 
ATOM   891  C CE  . LYS A 1 137 ? 10.524  15.634  -4.555  1.00 46.23 ? 118 LYS A CE  1 
ATOM   892  N NZ  . LYS A 1 137 ? 11.224  16.930  -4.841  1.00 48.01 ? 118 LYS A NZ  1 
ATOM   893  N N   . THR A 1 138 ? 7.826   11.017  -6.445  1.00 37.91 ? 119 THR A N   1 
ATOM   894  C CA  . THR A 1 138 ? 6.754   11.024  -7.442  1.00 37.09 ? 119 THR A CA  1 
ATOM   895  C C   . THR A 1 138 ? 5.889   12.275  -7.247  1.00 37.03 ? 119 THR A C   1 
ATOM   896  O O   . THR A 1 138 ? 4.664   12.203  -7.166  1.00 36.70 ? 119 THR A O   1 
ATOM   897  C CB  . THR A 1 138 ? 5.934   9.685   -7.418  1.00 36.91 ? 119 THR A CB  1 
ATOM   898  O OG1 . THR A 1 138 ? 5.319   9.499   -6.141  1.00 36.22 ? 119 THR A OG1 1 
ATOM   899  C CG2 . THR A 1 138 ? 6.840   8.475   -7.691  1.00 35.80 ? 119 THR A CG2 1 
ATOM   900  N N   . GLU A 1 139 ? 6.576   13.423  -7.214  1.00 37.37 ? 120 GLU A N   1 
ATOM   901  C CA  . GLU A 1 139 ? 5.990   14.758  -6.982  1.00 37.64 ? 120 GLU A CA  1 
ATOM   902  C C   . GLU A 1 139 ? 4.693   15.033  -7.740  1.00 37.12 ? 120 GLU A C   1 
ATOM   903  O O   . GLU A 1 139 ? 3.770   15.640  -7.218  1.00 37.62 ? 120 GLU A O   1 
ATOM   904  C CB  . GLU A 1 139 ? 7.037   15.866  -7.295  1.00 38.35 ? 120 GLU A CB  1 
ATOM   905  C CG  . GLU A 1 139 ? 7.651   15.890  -8.764  1.00 39.40 ? 120 GLU A CG  1 
ATOM   906  C CD  . GLU A 1 139 ? 8.771   14.852  -9.039  0.80 40.21 ? 120 GLU A CD  1 
ATOM   907  O OE1 . GLU A 1 139 ? 9.452   14.396  -8.096  0.60 39.34 ? 120 GLU A OE1 1 
ATOM   908  O OE2 . GLU A 1 139 ? 8.972   14.495  -10.225 0.60 40.98 ? 120 GLU A OE2 1 
ATOM   909  N N   . TRP A 1 140 ? 4.614   14.551  -8.966  1.00 36.76 ? 121 TRP A N   1 
ATOM   910  C CA  . TRP A 1 140 ? 3.459   14.795  -9.835  1.00 36.07 ? 121 TRP A CA  1 
ATOM   911  C C   . TRP A 1 140 ? 2.137   14.242  -9.305  1.00 35.65 ? 121 TRP A C   1 
ATOM   912  O O   . TRP A 1 140 ? 1.063   14.631  -9.785  1.00 35.54 ? 121 TRP A O   1 
ATOM   913  C CB  . TRP A 1 140 ? 3.742   14.251  -11.240 1.00 35.91 ? 121 TRP A CB  1 
ATOM   914  C CG  . TRP A 1 140 ? 4.016   12.777  -11.330 1.00 35.40 ? 121 TRP A CG  1 
ATOM   915  C CD1 . TRP A 1 140 ? 3.102   11.791  -11.579 1.00 34.72 ? 121 TRP A CD1 1 
ATOM   916  C CD2 . TRP A 1 140 ? 5.284   12.121  -11.214 1.00 34.55 ? 121 TRP A CD2 1 
ATOM   917  N NE1 . TRP A 1 140 ? 3.721   10.576  -11.622 1.00 33.95 ? 121 TRP A NE1 1 
ATOM   918  C CE2 . TRP A 1 140 ? 5.060   10.748  -11.394 1.00 33.65 ? 121 TRP A CE2 1 
ATOM   919  C CE3 . TRP A 1 140 ? 6.588   12.561  -10.969 1.00 35.79 ? 121 TRP A CE3 1 
ATOM   920  C CZ2 . TRP A 1 140 ? 6.086   9.807   -11.340 1.00 33.81 ? 121 TRP A CZ2 1 
ATOM   921  C CZ3 . TRP A 1 140 ? 7.609   11.622  -10.918 1.00 35.71 ? 121 TRP A CZ3 1 
ATOM   922  C CH2 . TRP A 1 140 ? 7.348   10.264  -11.094 1.00 34.59 ? 121 TRP A CH2 1 
ATOM   923  N N   . LEU A 1 141 ? 2.214   13.350  -8.314  1.00 34.95 ? 122 LEU A N   1 
ATOM   924  C CA  . LEU A 1 141 ? 1.017   12.721  -7.746  1.00 34.46 ? 122 LEU A CA  1 
ATOM   925  C C   . LEU A 1 141 ? 0.442   13.529  -6.575  1.00 33.79 ? 122 LEU A C   1 
ATOM   926  O O   . LEU A 1 141 ? -0.634  13.213  -6.058  1.00 33.07 ? 122 LEU A O   1 
ATOM   927  C CB  . LEU A 1 141 ? 1.334   11.270  -7.350  1.00 34.44 ? 122 LEU A CB  1 
ATOM   928  C CG  . LEU A 1 141 ? 1.790   10.379  -8.525  1.00 34.68 ? 122 LEU A CG  1 
ATOM   929  C CD1 . LEU A 1 141 ? 2.503   9.131   -8.032  1.00 34.93 ? 122 LEU A CD1 1 
ATOM   930  C CD2 . LEU A 1 141 ? 0.624   10.009  -9.427  1.00 34.21 ? 122 LEU A CD2 1 
ATOM   931  N N   . ASP A 1 142 ? 1.146   14.595  -6.195  1.00 33.87 ? 123 ASP A N   1 
ATOM   932  C CA  . ASP A 1 142 ? 0.698   15.514  -5.144  1.00 33.86 ? 123 ASP A CA  1 
ATOM   933  C C   . ASP A 1 142 ? -0.611  16.180  -5.539  1.00 34.13 ? 123 ASP A C   1 
ATOM   934  O O   . ASP A 1 142 ? -0.749  16.634  -6.666  1.00 34.11 ? 123 ASP A O   1 
ATOM   935  C CB  . ASP A 1 142 ? 1.772   16.568  -4.892  1.00 34.02 ? 123 ASP A CB  1 
ATOM   936  C CG  . ASP A 1 142 ? 3.060   15.969  -4.325  1.00 35.07 ? 123 ASP A CG  1 
ATOM   937  O OD1 . ASP A 1 142 ? 3.055   14.761  -4.013  1.00 34.31 ? 123 ASP A OD1 1 
ATOM   938  O OD2 . ASP A 1 142 ? 4.070   16.703  -4.179  1.00 32.42 ? 123 ASP A OD2 1 
ATOM   939  N N   . GLY A 1 143 ? -1.581  16.215  -4.625  1.00 34.34 ? 124 GLY A N   1 
ATOM   940  C CA  . GLY A 1 143 ? -2.914  16.772  -4.918  1.00 34.55 ? 124 GLY A CA  1 
ATOM   941  C C   . GLY A 1 143 ? -3.857  15.819  -5.638  1.00 35.06 ? 124 GLY A C   1 
ATOM   942  O O   . GLY A 1 143 ? -5.028  16.168  -5.913  1.00 35.74 ? 124 GLY A O   1 
ATOM   943  N N   . LYS A 1 144 ? -3.362  14.608  -5.906  1.00 35.47 ? 125 LYS A N   1 
ATOM   944  C CA  . LYS A 1 144 ? -4.051  13.570  -6.717  1.00 35.44 ? 125 LYS A CA  1 
ATOM   945  C C   . LYS A 1 144 ? -4.237  12.227  -5.962  1.00 34.58 ? 125 LYS A C   1 
ATOM   946  O O   . LYS A 1 144 ? -5.306  11.590  -6.016  1.00 33.70 ? 125 LYS A O   1 
ATOM   947  C CB  . LYS A 1 144 ? -3.202  13.327  -7.962  1.00 36.02 ? 125 LYS A CB  1 
ATOM   948  C CG  . LYS A 1 144 ? -3.884  12.568  -9.074  1.00 38.27 ? 125 LYS A CG  1 
ATOM   949  C CD  . LYS A 1 144 ? -3.192  12.870  -10.398 1.00 40.73 ? 125 LYS A CD  1 
ATOM   950  C CE  . LYS A 1 144 ? -2.894  11.595  -11.158 1.00 42.86 ? 125 LYS A CE  1 
ATOM   951  N NZ  . LYS A 1 144 ? -4.092  10.692  -11.209 1.00 44.45 ? 125 LYS A NZ  1 
ATOM   952  N N   . HIS A 1 145 ? -3.186  11.801  -5.264  1.00 33.65 ? 126 HIS A N   1 
ATOM   953  C CA  . HIS A 1 145 ? -3.245  10.617  -4.395  1.00 33.21 ? 126 HIS A CA  1 
ATOM   954  C C   . HIS A 1 145 ? -2.968  11.044  -2.943  1.00 33.03 ? 126 HIS A C   1 
ATOM   955  O O   . HIS A 1 145 ? -2.034  11.810  -2.698  1.00 32.78 ? 126 HIS A O   1 
ATOM   956  C CB  . HIS A 1 145 ? -2.222  9.566   -4.866  1.00 33.15 ? 126 HIS A CB  1 
ATOM   957  C CG  . HIS A 1 145 ? -2.460  9.069   -6.261  1.00 31.75 ? 126 HIS A CG  1 
ATOM   958  N ND1 . HIS A 1 145 ? -3.252  7.975   -6.537  1.00 32.96 ? 126 HIS A ND1 1 
ATOM   959  C CD2 . HIS A 1 145 ? -2.026  9.529   -7.456  1.00 30.96 ? 126 HIS A CD2 1 
ATOM   960  C CE1 . HIS A 1 145 ? -3.289  7.778   -7.844  1.00 33.17 ? 126 HIS A CE1 1 
ATOM   961  N NE2 . HIS A 1 145 ? -2.553  8.707   -8.425  1.00 32.71 ? 126 HIS A NE2 1 
ATOM   962  N N   . VAL A 1 146 ? -3.771  10.550  -1.993  1.00 33.11 ? 127 VAL A N   1 
ATOM   963  C CA  . VAL A 1 146 ? -3.568  10.846  -0.558  1.00 32.98 ? 127 VAL A CA  1 
ATOM   964  C C   . VAL A 1 146 ? -2.387  10.053  0.057   1.00 33.53 ? 127 VAL A C   1 
ATOM   965  O O   . VAL A 1 146 ? -2.478  8.846   0.232   1.00 33.71 ? 127 VAL A O   1 
ATOM   966  C CB  . VAL A 1 146 ? -4.863  10.580  0.278   1.00 33.06 ? 127 VAL A CB  1 
ATOM   967  C CG1 . VAL A 1 146 ? -4.697  11.057  1.729   1.00 32.20 ? 127 VAL A CG1 1 
ATOM   968  C CG2 . VAL A 1 146 ? -6.081  11.259  -0.351  1.00 31.90 ? 127 VAL A CG2 1 
ATOM   969  N N   . VAL A 1 147 ? -1.290  10.745  0.382   1.00 33.84 ? 128 VAL A N   1 
ATOM   970  C CA  . VAL A 1 147 ? -0.194  10.188  1.186   1.00 33.98 ? 128 VAL A CA  1 
ATOM   971  C C   . VAL A 1 147 ? -0.593  10.035  2.671   1.00 34.81 ? 128 VAL A C   1 
ATOM   972  O O   . VAL A 1 147 ? -0.984  11.018  3.329   1.00 34.76 ? 128 VAL A O   1 
ATOM   973  C CB  . VAL A 1 147 ? 1.065   11.090  1.132   1.00 33.76 ? 128 VAL A CB  1 
ATOM   974  C CG1 . VAL A 1 147 ? 2.140   10.562  2.071   1.00 33.21 ? 128 VAL A CG1 1 
ATOM   975  C CG2 . VAL A 1 147 ? 1.601   11.201  -0.288  1.00 33.89 ? 128 VAL A CG2 1 
ATOM   976  N N   . PHE A 1 148 ? -0.484  8.819   3.210   1.00 35.16 ? 129 PHE A N   1 
ATOM   977  C CA  . PHE A 1 148 ? -0.918  8.575   4.579   1.00 35.81 ? 129 PHE A CA  1 
ATOM   978  C C   . PHE A 1 148 ? 0.081   7.849   5.474   1.00 36.72 ? 129 PHE A C   1 
ATOM   979  O O   . PHE A 1 148 ? -0.207  7.647   6.656   1.00 36.63 ? 129 PHE A O   1 
ATOM   980  C CB  . PHE A 1 148 ? -2.255  7.834   4.587   1.00 35.75 ? 129 PHE A CB  1 
ATOM   981  C CG  . PHE A 1 148 ? -2.179  6.456   4.005   1.00 36.12 ? 129 PHE A CG  1 
ATOM   982  C CD1 . PHE A 1 148 ? -2.247  6.260   2.634   1.00 34.62 ? 129 PHE A CD1 1 
ATOM   983  C CD2 . PHE A 1 148 ? -2.014  5.355   4.830   1.00 35.51 ? 129 PHE A CD2 1 
ATOM   984  C CE1 . PHE A 1 148 ? -2.175  5.000   2.103   1.00 35.54 ? 129 PHE A CE1 1 
ATOM   985  C CE2 . PHE A 1 148 ? -1.940  4.099   4.306   1.00 34.57 ? 129 PHE A CE2 1 
ATOM   986  C CZ  . PHE A 1 148 ? -2.023  3.914   2.934   1.00 35.48 ? 129 PHE A CZ  1 
ATOM   987  N N   . GLY A 1 149 ? 1.241   7.471   4.938   1.00 37.55 ? 130 GLY A N   1 
ATOM   988  C CA  . GLY A 1 149 ? 2.271   6.828   5.744   1.00 38.08 ? 130 GLY A CA  1 
ATOM   989  C C   . GLY A 1 149 ? 3.581   6.741   5.013   1.00 38.78 ? 130 GLY A C   1 
ATOM   990  O O   . GLY A 1 149 ? 3.693   7.215   3.888   1.00 38.82 ? 130 GLY A O   1 
ATOM   991  N N   . LYS A 1 150 ? 4.575   6.132   5.646   1.00 39.87 ? 131 LYS A N   1 
ATOM   992  C CA  . LYS A 1 150 ? 5.840   5.825   4.966   1.00 41.32 ? 131 LYS A CA  1 
ATOM   993  C C   . LYS A 1 150 ? 6.482   4.550   5.500   1.00 41.78 ? 131 LYS A C   1 
ATOM   994  O O   . LYS A 1 150 ? 6.226   4.146   6.632   1.00 41.58 ? 131 LYS A O   1 
ATOM   995  C CB  . LYS A 1 150 ? 6.841   6.971   5.136   1.00 41.65 ? 131 LYS A CB  1 
ATOM   996  C CG  . LYS A 1 150 ? 7.043   7.367   6.593   1.00 44.27 ? 131 LYS A CG  1 
ATOM   997  C CD  . LYS A 1 150 ? 8.481   7.734   6.928   1.00 46.85 ? 131 LYS A CD  1 
ATOM   998  C CE  . LYS A 1 150 ? 8.660   7.867   8.441   1.00 47.95 ? 131 LYS A CE  1 
ATOM   999  N NZ  . LYS A 1 150 ? 9.914   7.176   8.867   1.00 49.50 ? 131 LYS A NZ  1 
ATOM   1000 N N   . VAL A 1 151 ? 7.349   3.951   4.691   1.00 42.54 ? 132 VAL A N   1 
ATOM   1001 C CA  . VAL A 1 151 ? 8.102   2.778   5.102   1.00 43.05 ? 132 VAL A CA  1 
ATOM   1002 C C   . VAL A 1 151 ? 9.041   3.153   6.253   1.00 44.26 ? 132 VAL A C   1 
ATOM   1003 O O   . VAL A 1 151 ? 9.828   4.097   6.151   1.00 44.49 ? 132 VAL A O   1 
ATOM   1004 C CB  . VAL A 1 151 ? 8.899   2.161   3.933   1.00 42.93 ? 132 VAL A CB  1 
ATOM   1005 C CG1 . VAL A 1 151 ? 9.866   1.068   4.440   1.00 41.80 ? 132 VAL A CG1 1 
ATOM   1006 C CG2 . VAL A 1 151 ? 7.934   1.599   2.882   1.00 42.07 ? 132 VAL A CG2 1 
ATOM   1007 N N   . LYS A 1 152 ? 8.941   2.385   7.336   1.00 45.23 ? 133 LYS A N   1 
ATOM   1008 C CA  . LYS A 1 152 ? 9.694   2.603   8.568   1.00 46.05 ? 133 LYS A CA  1 
ATOM   1009 C C   . LYS A 1 152 ? 10.891  1.636   8.607   1.00 46.00 ? 133 LYS A C   1 
ATOM   1010 O O   . LYS A 1 152 ? 12.031  2.052   8.792   1.00 46.21 ? 133 LYS A O   1 
ATOM   1011 C CB  . LYS A 1 152 ? 8.748   2.353   9.744   1.00 46.54 ? 133 LYS A CB  1 
ATOM   1012 C CG  . LYS A 1 152 ? 9.149   2.922   11.073  1.00 47.91 ? 133 LYS A CG  1 
ATOM   1013 C CD  . LYS A 1 152 ? 8.437   2.160   12.181  1.00 49.61 ? 133 LYS A CD  1 
ATOM   1014 C CE  . LYS A 1 152 ? 8.131   3.034   13.382  1.00 51.34 ? 133 LYS A CE  1 
ATOM   1015 N NZ  . LYS A 1 152 ? 6.861   3.801   13.201  1.00 51.94 ? 133 LYS A NZ  1 
ATOM   1016 N N   . GLU A 1 153 ? 10.623  0.345   8.421   1.00 45.71 ? 134 GLU A N   1 
ATOM   1017 C CA  . GLU A 1 153 ? 11.675  -0.662  8.315   1.00 45.34 ? 134 GLU A CA  1 
ATOM   1018 C C   . GLU A 1 153 ? 11.438  -1.541  7.113   1.00 44.23 ? 134 GLU A C   1 
ATOM   1019 O O   . GLU A 1 153 ? 10.299  -1.720  6.692   1.00 43.80 ? 134 GLU A O   1 
ATOM   1020 C CB  . GLU A 1 153 ? 11.722  -1.547  9.556   1.00 45.84 ? 134 GLU A CB  1 
ATOM   1021 C CG  . GLU A 1 153 ? 12.034  -0.812  10.835  1.00 47.34 ? 134 GLU A CG  1 
ATOM   1022 C CD  . GLU A 1 153 ? 12.374  -1.772  11.949  1.00 50.54 ? 134 GLU A CD  1 
ATOM   1023 O OE1 . GLU A 1 153 ? 13.589  -1.937  12.236  1.00 51.39 ? 134 GLU A OE1 1 
ATOM   1024 O OE2 . GLU A 1 153 ? 11.426  -2.382  12.510  1.00 51.81 ? 134 GLU A OE2 1 
ATOM   1025 N N   . GLY A 1 154 ? 12.526  -2.086  6.578   1.00 43.00 ? 135 GLY A N   1 
ATOM   1026 C CA  . GLY A 1 154 ? 12.465  -3.021  5.467   1.00 42.68 ? 135 GLY A CA  1 
ATOM   1027 C C   . GLY A 1 154 ? 12.273  -2.411  4.090   1.00 41.98 ? 135 GLY A C   1 
ATOM   1028 O O   . GLY A 1 154 ? 11.630  -3.008  3.240   1.00 42.02 ? 135 GLY A O   1 
ATOM   1029 N N   . MET A 1 155 ? 12.841  -1.228  3.862   1.00 41.42 ? 136 MET A N   1 
ATOM   1030 C CA  . MET A 1 155 ? 12.822  -0.607  2.534   1.00 40.33 ? 136 MET A CA  1 
ATOM   1031 C C   . MET A 1 155 ? 13.548  -1.501  1.560   1.00 39.25 ? 136 MET A C   1 
ATOM   1032 O O   . MET A 1 155 ? 13.107  -1.682  0.427   1.00 38.71 ? 136 MET A O   1 
ATOM   1033 C CB  . MET A 1 155 ? 13.459  0.791   2.565   1.00 40.42 ? 136 MET A CB  1 
ATOM   1034 C CG  . MET A 1 155 ? 13.236  1.591   1.296   1.00 40.23 ? 136 MET A CG  1 
ATOM   1035 S SD  . MET A 1 155 ? 11.508  2.050   1.068   1.00 40.18 ? 136 MET A SD  1 
ATOM   1036 C CE  . MET A 1 155 ? 11.419  1.936   -0.723  1.00 39.57 ? 136 MET A CE  1 
ATOM   1037 N N   . ASN A 1 156 ? 14.643  -2.095  2.024   1.00 38.67 ? 137 ASN A N   1 
ATOM   1038 C CA  . ASN A 1 156 ? 15.373  -3.118  1.257   1.00 37.94 ? 137 ASN A CA  1 
ATOM   1039 C C   . ASN A 1 156 ? 14.499  -4.292  0.810   1.00 37.67 ? 137 ASN A C   1 
ATOM   1040 O O   . ASN A 1 156 ? 14.762  -4.908  -0.207  1.00 38.43 ? 137 ASN A O   1 
ATOM   1041 C CB  . ASN A 1 156 ? 16.578  -3.631  2.053   1.00 38.23 ? 137 ASN A CB  1 
ATOM   1042 C CG  . ASN A 1 156 ? 16.173  -4.421  3.306   1.00 37.85 ? 137 ASN A CG  1 
ATOM   1043 O OD1 . ASN A 1 156 ? 15.488  -3.908  4.193   1.00 35.30 ? 137 ASN A OD1 1 
ATOM   1044 N ND2 . ASN A 1 156 ? 16.603  -5.682  3.370   1.00 38.60 ? 137 ASN A ND2 1 
ATOM   1045 N N   . ILE A 1 157 ? 13.456  -4.605  1.556   1.00 37.49 ? 138 ILE A N   1 
ATOM   1046 C CA  . ILE A 1 157 ? 12.507  -5.645  1.130   1.00 37.56 ? 138 ILE A CA  1 
ATOM   1047 C C   . ILE A 1 157 ? 11.573  -5.128  0.013   1.00 37.64 ? 138 ILE A C   1 
ATOM   1048 O O   . ILE A 1 157 ? 11.188  -5.908  -0.858  1.00 38.11 ? 138 ILE A O   1 
ATOM   1049 C CB  . ILE A 1 157 ? 11.678  -6.208  2.325   1.00 37.18 ? 138 ILE A CB  1 
ATOM   1050 C CG1 . ILE A 1 157 ? 12.615  -6.776  3.416   1.00 37.91 ? 138 ILE A CG1 1 
ATOM   1051 C CG2 . ILE A 1 157 ? 10.692  -7.294  1.856   1.00 36.53 ? 138 ILE A CG2 1 
ATOM   1052 C CD1 . ILE A 1 157 ? 13.470  -7.983  2.973   1.00 36.47 ? 138 ILE A CD1 1 
ATOM   1053 N N   . VAL A 1 158 ? 11.207  -3.841  0.050   1.00 37.81 ? 139 VAL A N   1 
ATOM   1054 C CA  . VAL A 1 158 ? 10.438  -3.209  -1.035  1.00 38.19 ? 139 VAL A CA  1 
ATOM   1055 C C   . VAL A 1 158 ? 11.284  -3.134  -2.330  1.00 39.39 ? 139 VAL A C   1 
ATOM   1056 O O   . VAL A 1 158 ? 10.761  -3.290  -3.441  1.00 39.57 ? 139 VAL A O   1 
ATOM   1057 C CB  . VAL A 1 158 ? 9.908   -1.790  -0.630  1.00 38.15 ? 139 VAL A CB  1 
ATOM   1058 C CG1 . VAL A 1 158 ? 9.297   -1.071  -1.829  1.00 37.60 ? 139 VAL A CG1 1 
ATOM   1059 C CG2 . VAL A 1 158 ? 8.892   -1.887  0.492   1.00 35.60 ? 139 VAL A CG2 1 
ATOM   1060 N N   . GLU A 1 159 ? 12.589  -2.910  -2.172  1.00 40.46 ? 140 GLU A N   1 
ATOM   1061 C CA  . GLU A 1 159 ? 13.543  -2.936  -3.284  1.00 41.38 ? 140 GLU A CA  1 
ATOM   1062 C C   . GLU A 1 159 ? 13.749  -4.339  -3.837  1.00 41.57 ? 140 GLU A C   1 
ATOM   1063 O O   . GLU A 1 159 ? 13.977  -4.511  -5.030  1.00 42.82 ? 140 GLU A O   1 
ATOM   1064 C CB  . GLU A 1 159 ? 14.896  -2.369  -2.851  1.00 41.61 ? 140 GLU A CB  1 
ATOM   1065 C CG  . GLU A 1 159 ? 14.854  -0.908  -2.457  1.00 43.40 ? 140 GLU A CG  1 
ATOM   1066 C CD  . GLU A 1 159 ? 16.158  -0.410  -1.861  1.00 46.54 ? 140 GLU A CD  1 
ATOM   1067 O OE1 . GLU A 1 159 ? 17.203  -1.059  -2.055  1.00 48.84 ? 140 GLU A OE1 1 
ATOM   1068 O OE2 . GLU A 1 159 ? 16.144  0.648   -1.195  1.00 49.48 ? 140 GLU A OE2 1 
ATOM   1069 N N   . ALA A 1 160 ? 13.698  -5.349  -2.980  1.00 41.59 ? 141 ALA A N   1 
ATOM   1070 C CA  . ALA A 1 160 ? 13.724  -6.734  -3.454  1.00 41.40 ? 141 ALA A CA  1 
ATOM   1071 C C   . ALA A 1 160 ? 12.443  -7.077  -4.244  1.00 41.42 ? 141 ALA A C   1 
ATOM   1072 O O   . ALA A 1 160 ? 12.519  -7.763  -5.264  1.00 41.18 ? 141 ALA A O   1 
ATOM   1073 C CB  . ALA A 1 160 ? 13.933  -7.709  -2.287  1.00 40.92 ? 141 ALA A CB  1 
ATOM   1074 N N   . MET A 1 161 ? 11.281  -6.606  -3.770  1.00 41.53 ? 142 MET A N   1 
ATOM   1075 C CA  . MET A 1 161 ? 10.006  -6.786  -4.490  1.00 41.86 ? 142 MET A CA  1 
ATOM   1076 C C   . MET A 1 161 ? 10.099  -6.170  -5.879  1.00 42.34 ? 142 MET A C   1 
ATOM   1077 O O   . MET A 1 161 ? 9.693   -6.780  -6.871  1.00 42.05 ? 142 MET A O   1 
ATOM   1078 C CB  . MET A 1 161 ? 8.842   -6.117  -3.757  1.00 41.80 ? 142 MET A CB  1 
ATOM   1079 C CG  . MET A 1 161 ? 8.455   -6.741  -2.445  1.00 42.28 ? 142 MET A CG  1 
ATOM   1080 S SD  . MET A 1 161 ? 7.281   -5.714  -1.550  1.00 42.87 ? 142 MET A SD  1 
ATOM   1081 C CE  . MET A 1 161 ? 5.821   -5.907  -2.554  1.00 44.92 ? 142 MET A CE  1 
ATOM   1082 N N   . GLU A 1 162 ? 10.643  -4.953  -5.918  1.00 43.23 ? 143 GLU A N   1 
ATOM   1083 C CA  . GLU A 1 162 ? 10.876  -4.193  -7.153  1.00 44.05 ? 143 GLU A CA  1 
ATOM   1084 C C   . GLU A 1 162 ? 11.479  -5.042  -8.284  1.00 44.30 ? 143 GLU A C   1 
ATOM   1085 O O   . GLU A 1 162 ? 11.071  -4.936  -9.431  1.00 44.58 ? 143 GLU A O   1 
ATOM   1086 C CB  . GLU A 1 162 ? 11.767  -2.984  -6.843  1.00 44.51 ? 143 GLU A CB  1 
ATOM   1087 C CG  . GLU A 1 162 ? 11.589  -1.823  -7.774  1.00 45.21 ? 143 GLU A CG  1 
ATOM   1088 C CD  . GLU A 1 162 ? 12.301  -0.563  -7.314  1.00 46.46 ? 143 GLU A CD  1 
ATOM   1089 O OE1 . GLU A 1 162 ? 13.227  -0.637  -6.477  1.00 48.61 ? 143 GLU A OE1 1 
ATOM   1090 O OE2 . GLU A 1 162 ? 11.931  0.520   -7.807  1.00 48.02 ? 143 GLU A OE2 1 
ATOM   1091 N N   . ARG A 1 163 ? 12.395  -5.936  -7.939  1.00 44.54 ? 144 ARG A N   1 
ATOM   1092 C CA  . ARG A 1 163 ? 13.104  -6.762  -8.926  1.00 44.64 ? 144 ARG A CA  1 
ATOM   1093 C C   . ARG A 1 163 ? 12.268  -7.879  -9.569  1.00 44.54 ? 144 ARG A C   1 
ATOM   1094 O O   . ARG A 1 163 ? 12.725  -8.517  -10.508 1.00 44.86 ? 144 ARG A O   1 
ATOM   1095 C CB  . ARG A 1 163 ? 14.352  -7.381  -8.285  1.00 44.76 ? 144 ARG A CB  1 
ATOM   1096 C CG  . ARG A 1 163 ? 15.119  -6.403  -7.394  1.00 45.51 ? 144 ARG A CG  1 
ATOM   1097 C CD  . ARG A 1 163 ? 16.627  -6.483  -7.581  0.80 46.34 ? 144 ARG A CD  1 
ATOM   1098 N NE  . ARG A 1 163 ? 17.304  -5.557  -6.671  0.60 46.41 ? 144 ARG A NE  1 
ATOM   1099 C CZ  . ARG A 1 163 ? 17.697  -5.849  -5.434  0.60 46.70 ? 144 ARG A CZ  1 
ATOM   1100 N NH1 . ARG A 1 163 ? 17.508  -7.061  -4.925  0.60 46.87 ? 144 ARG A NH1 1 
ATOM   1101 N NH2 . ARG A 1 163 ? 18.292  -4.914  -4.700  0.60 46.94 ? 144 ARG A NH2 1 
ATOM   1102 N N   . PHE A 1 164 ? 11.065  -8.128  -9.066  1.00 44.52 ? 145 PHE A N   1 
ATOM   1103 C CA  . PHE A 1 164 ? 10.147  -9.085  -9.692  1.00 44.72 ? 145 PHE A CA  1 
ATOM   1104 C C   . PHE A 1 164 ? 9.073   -8.374  -10.536 1.00 44.89 ? 145 PHE A C   1 
ATOM   1105 O O   . PHE A 1 164 ? 8.253   -9.028  -11.171 1.00 44.96 ? 145 PHE A O   1 
ATOM   1106 C CB  . PHE A 1 164 ? 9.492   -9.972  -8.620  1.00 44.77 ? 145 PHE A CB  1 
ATOM   1107 C CG  . PHE A 1 164 ? 10.487  -10.737 -7.786  1.00 44.66 ? 145 PHE A CG  1 
ATOM   1108 C CD1 . PHE A 1 164 ? 10.957  -11.972 -8.204  1.00 45.00 ? 145 PHE A CD1 1 
ATOM   1109 C CD2 . PHE A 1 164 ? 10.980  -10.199 -6.597  1.00 44.55 ? 145 PHE A CD2 1 
ATOM   1110 C CE1 . PHE A 1 164 ? 11.891  -12.666 -7.443  1.00 44.97 ? 145 PHE A CE1 1 
ATOM   1111 C CE2 . PHE A 1 164 ? 11.912  -10.882 -5.835  1.00 44.74 ? 145 PHE A CE2 1 
ATOM   1112 C CZ  . PHE A 1 164 ? 12.362  -12.119 -6.252  1.00 45.03 ? 145 PHE A CZ  1 
ATOM   1113 N N   . GLY A 1 165 ? 9.078   -7.040  -10.528 1.00 45.18 ? 146 GLY A N   1 
ATOM   1114 C CA  . GLY A 1 165 ? 8.182   -6.258  -11.369 1.00 45.25 ? 146 GLY A CA  1 
ATOM   1115 C C   . GLY A 1 165 ? 8.828   -5.943  -12.707 1.00 45.22 ? 146 GLY A C   1 
ATOM   1116 O O   . GLY A 1 165 ? 10.035  -6.097  -12.871 1.00 45.57 ? 146 GLY A O   1 
ATOM   1117 N N   . SER A 1 166 ? 8.021   -5.476  -13.652 1.00 44.93 ? 147 SER A N   1 
ATOM   1118 C CA  . SER A 1 166 ? 8.484   -5.175  -15.004 1.00 44.74 ? 147 SER A CA  1 
ATOM   1119 C C   . SER A 1 166 ? 8.020   -3.773  -15.458 1.00 44.80 ? 147 SER A C   1 
ATOM   1120 O O   . SER A 1 166 ? 7.182   -3.142  -14.785 1.00 44.68 ? 147 SER A O   1 
ATOM   1121 C CB  . SER A 1 166 ? 7.952   -6.243  -15.962 1.00 44.54 ? 147 SER A CB  1 
ATOM   1122 O OG  . SER A 1 166 ? 6.537   -6.248  -15.985 1.00 43.29 ? 147 SER A OG  1 
ATOM   1123 N N   . ARG A 1 167 ? 8.562   -3.309  -16.595 1.00 44.48 ? 148 ARG A N   1 
ATOM   1124 C CA  . ARG A 1 167 ? 8.194   -2.011  -17.206 1.00 44.33 ? 148 ARG A CA  1 
ATOM   1125 C C   . ARG A 1 167 ? 6.680   -1.765  -17.280 1.00 43.59 ? 148 ARG A C   1 
ATOM   1126 O O   . ARG A 1 167 ? 6.254   -0.649  -17.071 1.00 43.30 ? 148 ARG A O   1 
ATOM   1127 C CB  . ARG A 1 167 ? 8.807   -1.860  -18.612 1.00 44.72 ? 148 ARG A CB  1 
ATOM   1128 C CG  . ARG A 1 167 ? 10.293  -1.424  -18.650 1.00 45.88 ? 148 ARG A CG  1 
ATOM   1129 C CD  . ARG A 1 167 ? 10.497  0.008   -18.147 1.00 46.79 ? 148 ARG A CD  1 
ATOM   1130 N NE  . ARG A 1 167 ? 9.508   0.915   -18.727 1.00 48.52 ? 148 ARG A NE  1 
ATOM   1131 C CZ  . ARG A 1 167 ? 9.553   1.410   -19.969 1.00 49.90 ? 148 ARG A CZ  1 
ATOM   1132 N NH1 . ARG A 1 167 ? 10.554  1.113   -20.800 1.00 49.93 ? 148 ARG A NH1 1 
ATOM   1133 N NH2 . ARG A 1 167 ? 8.584   2.218   -20.386 1.00 50.17 ? 148 ARG A NH2 1 
ATOM   1134 N N   . ASN A 1 168 ? 5.882   -2.795  -17.566 1.00 43.13 ? 149 ASN A N   1 
ATOM   1135 C CA  . ASN A 1 168 ? 4.410   -2.663  -17.575 1.00 42.91 ? 149 ASN A CA  1 
ATOM   1136 C C   . ASN A 1 168 ? 3.697   -3.101  -16.285 1.00 42.68 ? 149 ASN A C   1 
ATOM   1137 O O   . ASN A 1 168 ? 2.465   -3.177  -16.261 1.00 42.16 ? 149 ASN A O   1 
ATOM   1138 C CB  . ASN A 1 168 ? 3.796   -3.385  -18.790 1.00 43.01 ? 149 ASN A CB  1 
ATOM   1139 C CG  . ASN A 1 168 ? 3.828   -4.909  -18.664 1.00 43.68 ? 149 ASN A CG  1 
ATOM   1140 O OD1 . ASN A 1 168 ? 4.516   -5.464  -17.813 1.00 44.11 ? 149 ASN A OD1 1 
ATOM   1141 N ND2 . ASN A 1 168 ? 3.076   -5.587  -19.523 1.00 43.53 ? 149 ASN A ND2 1 
ATOM   1142 N N   . GLY A 1 169 ? 4.459   -3.396  -15.227 1.00 42.62 ? 150 GLY A N   1 
ATOM   1143 C CA  . GLY A 1 169 ? 3.883   -3.716  -13.926 1.00 42.89 ? 150 GLY A CA  1 
ATOM   1144 C C   . GLY A 1 169 ? 3.675   -5.195  -13.634 1.00 43.39 ? 150 GLY A C   1 
ATOM   1145 O O   . GLY A 1 169 ? 3.667   -5.585  -12.474 1.00 43.75 ? 150 GLY A O   1 
ATOM   1146 N N   . LYS A 1 170 ? 3.491   -6.015  -14.672 1.00 43.53 ? 151 LYS A N   1 
ATOM   1147 C CA  . LYS A 1 170 ? 3.350   -7.472  -14.514 1.00 43.87 ? 151 LYS A CA  1 
ATOM   1148 C C   . LYS A 1 170 ? 4.514   -8.051  -13.708 1.00 44.10 ? 151 LYS A C   1 
ATOM   1149 O O   . LYS A 1 170 ? 5.679   -7.784  -14.018 1.00 44.12 ? 151 LYS A O   1 
ATOM   1150 C CB  . LYS A 1 170 ? 3.283   -8.163  -15.882 1.00 43.67 ? 151 LYS A CB  1 
ATOM   1151 C CG  . LYS A 1 170 ? 2.659   -9.549  -15.842 0.80 44.32 ? 151 LYS A CG  1 
ATOM   1152 N N   . THR A 1 171 ? 4.194   -8.823  -12.668 1.00 44.61 ? 152 THR A N   1 
ATOM   1153 C CA  . THR A 1 171 ? 5.220   -9.465  -11.831 1.00 44.94 ? 152 THR A CA  1 
ATOM   1154 C C   . THR A 1 171 ? 5.615   -10.819 -12.438 1.00 45.11 ? 152 THR A C   1 
ATOM   1155 O O   . THR A 1 171 ? 4.775   -11.512 -13.032 1.00 45.33 ? 152 THR A O   1 
ATOM   1156 C CB  . THR A 1 171 ? 4.753   -9.654  -10.346 1.00 44.99 ? 152 THR A CB  1 
ATOM   1157 O OG1 . THR A 1 171 ? 3.546   -10.436 -10.297 1.00 45.65 ? 152 THR A OG1 1 
ATOM   1158 C CG2 . THR A 1 171 ? 4.513   -8.320  -9.667  1.00 43.85 ? 152 THR A CG2 1 
ATOM   1159 N N   . SER A 1 172 ? 6.891   -11.175 -12.299 1.00 45.14 ? 153 SER A N   1 
ATOM   1160 C CA  . SER A 1 172 ? 7.431   -12.437 -12.827 1.00 45.23 ? 153 SER A CA  1 
ATOM   1161 C C   . SER A 1 172 ? 7.166   -13.616 -11.892 1.00 45.50 ? 153 SER A C   1 
ATOM   1162 O O   . SER A 1 172 ? 7.037   -14.754 -12.350 1.00 46.11 ? 153 SER A O   1 
ATOM   1163 C CB  . SER A 1 172 ? 8.940   -12.314 -13.061 1.00 45.40 ? 153 SER A CB  1 
ATOM   1164 O OG  . SER A 1 172 ? 9.611   -11.936 -11.869 1.00 44.73 ? 153 SER A OG  1 
ATOM   1165 N N   . LYS A 1 173 ? 7.123   -13.345 -10.584 1.00 45.17 ? 154 LYS A N   1 
ATOM   1166 C CA  . LYS A 1 173 ? 6.685   -14.315 -9.581  1.00 44.76 ? 154 LYS A CA  1 
ATOM   1167 C C   . LYS A 1 173 ? 5.559   -13.670 -8.787  1.00 43.90 ? 154 LYS A C   1 
ATOM   1168 O O   . LYS A 1 173 ? 5.453   -12.448 -8.753  1.00 44.21 ? 154 LYS A O   1 
ATOM   1169 C CB  . LYS A 1 173 ? 7.823   -14.670 -8.619  1.00 45.05 ? 154 LYS A CB  1 
ATOM   1170 C CG  . LYS A 1 173 ? 9.203   -14.895 -9.252  1.00 46.65 ? 154 LYS A CG  1 
ATOM   1171 C CD  . LYS A 1 173 ? 9.521   -16.349 -9.570  1.00 48.17 ? 154 LYS A CD  1 
ATOM   1172 C CE  . LYS A 1 173 ? 11.036  -16.618 -9.463  1.00 48.15 ? 154 LYS A CE  1 
ATOM   1173 N N   . LYS A 1 174 ? 4.742   -14.487 -8.133  1.00 42.70 ? 155 LYS A N   1 
ATOM   1174 C CA  . LYS A 1 174 ? 3.637   -14.002 -7.311  1.00 41.61 ? 155 LYS A CA  1 
ATOM   1175 C C   . LYS A 1 174 ? 4.131   -13.402 -5.994  1.00 40.73 ? 155 LYS A C   1 
ATOM   1176 O O   . LYS A 1 174 ? 4.752   -14.092 -5.188  1.00 40.70 ? 155 LYS A O   1 
ATOM   1177 C CB  . LYS A 1 174 ? 2.655   -15.139 -7.026  1.00 41.44 ? 155 LYS A CB  1 
ATOM   1178 C CG  . LYS A 1 174 ? 1.309   -14.677 -6.524  1.00 41.84 ? 155 LYS A CG  1 
ATOM   1179 C CD  . LYS A 1 174 ? 0.458   -14.098 -7.651  1.00 41.02 ? 155 LYS A CD  1 
ATOM   1180 C CE  . LYS A 1 174 ? -0.774  -13.411 -7.094  1.00 41.58 ? 155 LYS A CE  1 
ATOM   1181 N NZ  . LYS A 1 174 ? -1.537  -12.602 -8.113  1.00 39.25 ? 155 LYS A NZ  1 
ATOM   1182 N N   . ILE A 1 175 ? 3.859   -12.107 -5.799  1.00 39.77 ? 156 ILE A N   1 
ATOM   1183 C CA  . ILE A 1 175 ? 4.257   -11.375 -4.596  1.00 38.57 ? 156 ILE A CA  1 
ATOM   1184 C C   . ILE A 1 175 ? 3.008   -11.214 -3.770  1.00 38.26 ? 156 ILE A C   1 
ATOM   1185 O O   . ILE A 1 175 ? 2.012   -10.743 -4.288  1.00 38.60 ? 156 ILE A O   1 
ATOM   1186 C CB  . ILE A 1 175 ? 4.842   -9.975  -4.931  1.00 38.25 ? 156 ILE A CB  1 
ATOM   1187 C CG1 . ILE A 1 175 ? 5.960   -10.099 -5.959  1.00 38.22 ? 156 ILE A CG1 1 
ATOM   1188 C CG2 . ILE A 1 175 ? 5.338   -9.273  -3.680  1.00 36.27 ? 156 ILE A CG2 1 
ATOM   1189 C CD1 . ILE A 1 175 ? 7.049   -11.087 -5.570  1.00 39.26 ? 156 ILE A CD1 1 
ATOM   1190 N N   . THR A 1 176 ? 3.055   -11.612 -2.502  1.00 37.91 ? 157 THR A N   1 
ATOM   1191 C CA  . THR A 1 176 ? 1.872   -11.606 -1.644  1.00 38.16 ? 157 THR A CA  1 
ATOM   1192 C C   . THR A 1 176 ? 2.195   -11.094 -0.259  1.00 37.86 ? 157 THR A C   1 
ATOM   1193 O O   . THR A 1 176 ? 3.348   -11.090 0.159   1.00 37.14 ? 157 THR A O   1 
ATOM   1194 C CB  . THR A 1 176 ? 1.222   -13.028 -1.496  1.00 38.24 ? 157 THR A CB  1 
ATOM   1195 O OG1 . THR A 1 176 ? 2.173   -13.947 -0.949  1.00 40.22 ? 157 THR A OG1 1 
ATOM   1196 C CG2 . THR A 1 176 ? 0.732   -13.560 -2.846  1.00 37.81 ? 157 THR A CG2 1 
ATOM   1197 N N   . ILE A 1 177 ? 1.152   -10.634 0.423   1.00 38.24 ? 158 ILE A N   1 
ATOM   1198 C CA  . ILE A 1 177 ? 1.218   -10.320 1.840   1.00 38.53 ? 158 ILE A CA  1 
ATOM   1199 C C   . ILE A 1 177 ? 0.836   -11.611 2.565   1.00 39.20 ? 158 ILE A C   1 
ATOM   1200 O O   . ILE A 1 177 ? -0.352  -11.924 2.757   1.00 39.02 ? 158 ILE A O   1 
ATOM   1201 C CB  . ILE A 1 177 ? 0.276   -9.153  2.207   1.00 38.47 ? 158 ILE A CB  1 
ATOM   1202 C CG1 . ILE A 1 177 ? 0.690   -7.878  1.438   1.00 38.04 ? 158 ILE A CG1 1 
ATOM   1203 C CG2 . ILE A 1 177 ? 0.289   -8.897  3.701   1.00 37.37 ? 158 ILE A CG2 1 
ATOM   1204 C CD1 . ILE A 1 177 ? -0.402  -6.824  1.325   1.00 35.52 ? 158 ILE A CD1 1 
ATOM   1205 N N   . ALA A 1 178 ? 1.869   -12.373 2.927   1.00 39.42 ? 159 ALA A N   1 
ATOM   1206 C CA  . ALA A 1 178 ? 1.698   -13.674 3.562   1.00 39.57 ? 159 ALA A CA  1 
ATOM   1207 C C   . ALA A 1 178 ? 0.987   -13.493 4.899   1.00 39.38 ? 159 ALA A C   1 
ATOM   1208 O O   . ALA A 1 178 ? 0.113   -14.277 5.267   1.00 39.45 ? 159 ALA A O   1 
ATOM   1209 C CB  . ALA A 1 178 ? 3.075   -14.358 3.744   1.00 39.55 ? 159 ALA A CB  1 
ATOM   1210 N N   . ASP A 1 179 ? 1.364   -12.429 5.601   1.00 39.49 ? 160 ASP A N   1 
ATOM   1211 C CA  . ASP A 1 179 ? 0.762   -12.064 6.870   1.00 39.38 ? 160 ASP A CA  1 
ATOM   1212 C C   . ASP A 1 179 ? 0.916   -10.553 7.068   1.00 39.28 ? 160 ASP A C   1 
ATOM   1213 O O   . ASP A 1 179 ? 1.887   -9.954  6.597   1.00 39.53 ? 160 ASP A O   1 
ATOM   1214 C CB  . ASP A 1 179 ? 1.448   -12.844 8.013   1.00 39.65 ? 160 ASP A CB  1 
ATOM   1215 C CG  . ASP A 1 179 ? 0.685   -12.767 9.337   1.00 39.76 ? 160 ASP A CG  1 
ATOM   1216 O OD1 . ASP A 1 179 ? -0.559  -12.600 9.325   1.00 40.23 ? 160 ASP A OD1 1 
ATOM   1217 O OD2 . ASP A 1 179 ? 1.341   -12.865 10.393  1.00 39.93 ? 160 ASP A OD2 1 
ATOM   1218 N N   . CYS A 1 180 ? -0.046  -9.945  7.752   1.00 39.20 ? 161 CYS A N   1 
ATOM   1219 C CA  . CYS A 1 180 ? 0.037   -8.539  8.136   1.00 39.47 ? 161 CYS A CA  1 
ATOM   1220 C C   . CYS A 1 180 ? -0.640  -8.273  9.481   1.00 39.48 ? 161 CYS A C   1 
ATOM   1221 O O   . CYS A 1 180 ? -1.446  -9.062  9.960   1.00 38.58 ? 161 CYS A O   1 
ATOM   1222 C CB  . CYS A 1 180 ? -0.618  -7.662  7.064   1.00 39.57 ? 161 CYS A CB  1 
ATOM   1223 S SG  . CYS A 1 180 ? -2.200  -8.285  6.528   1.00 39.95 ? 161 CYS A SG  1 
ATOM   1224 N N   . GLY A 1 181 ? -0.312  -7.138  10.078  1.00 40.25 ? 162 GLY A N   1 
ATOM   1225 C CA  . GLY A 1 181 ? -0.942  -6.727  11.320  1.00 41.10 ? 162 GLY A CA  1 
ATOM   1226 C C   . GLY A 1 181 ? -0.296  -5.489  11.894  1.00 41.89 ? 162 GLY A C   1 
ATOM   1227 O O   . GLY A 1 181 ? 0.469   -4.817  11.214  1.00 41.95 ? 162 GLY A O   1 
ATOM   1228 N N   . GLN A 1 182 ? -0.609  -5.206  13.155  1.00 42.97 ? 163 GLN A N   1 
ATOM   1229 C CA  . GLN A 1 182 ? -0.135  -4.016  13.833  1.00 43.78 ? 163 GLN A CA  1 
ATOM   1230 C C   . GLN A 1 182 ? 0.990   -4.365  14.806  1.00 45.01 ? 163 GLN A C   1 
ATOM   1231 O O   . GLN A 1 182 ? 0.923   -5.380  15.491  1.00 45.25 ? 163 GLN A O   1 
ATOM   1232 C CB  . GLN A 1 182 ? -1.296  -3.363  14.578  1.00 43.56 ? 163 GLN A CB  1 
ATOM   1233 C CG  . GLN A 1 182 ? -0.938  -2.035  15.187  1.00 43.03 ? 163 GLN A CG  1 
ATOM   1234 C CD  . GLN A 1 182 ? -2.136  -1.201  15.582  1.00 42.26 ? 163 GLN A CD  1 
ATOM   1235 O OE1 . GLN A 1 182 ? -3.289  -1.597  15.397  1.00 41.59 ? 163 GLN A OE1 1 
ATOM   1236 N NE2 . GLN A 1 182 ? -1.866  -0.033  16.133  1.00 41.44 ? 163 GLN A NE2 1 
ATOM   1237 N N   . LEU A 1 183 ? 2.027   -3.527  14.840  1.00 46.30 ? 164 LEU A N   1 
ATOM   1238 C CA  . LEU A 1 183 ? 3.123   -3.656  15.804  1.00 47.01 ? 164 LEU A CA  1 
ATOM   1239 C C   . LEU A 1 183 ? 2.966   -2.625  16.927  1.00 47.62 ? 164 LEU A C   1 
ATOM   1240 O O   . LEU A 1 183 ? 3.267   -2.913  18.087  1.00 48.48 ? 164 LEU A O   1 
ATOM   1241 C CB  . LEU A 1 183 ? 4.478   -3.452  15.124  1.00 46.97 ? 164 LEU A CB  1 
ATOM   1242 C CG  . LEU A 1 183 ? 4.907   -4.409  14.006  1.00 47.87 ? 164 LEU A CG  1 
ATOM   1243 C CD1 . LEU A 1 183 ? 6.206   -3.936  13.381  1.00 48.37 ? 164 LEU A CD1 1 
ATOM   1244 C CD2 . LEU A 1 183 ? 5.057   -5.850  14.492  1.00 47.97 ? 164 LEU A CD2 1 
ATOM   1245 N N   . GLU A 1 184 ? 2.512   -1.426  16.575  0.70 47.69 ? 165 GLU A N   1 
ATOM   1246 C CA  . GLU A 1 184 ? 2.317   -0.343  17.540  0.60 47.76 ? 165 GLU A CA  1 
ATOM   1247 C C   . GLU A 1 184 ? 1.213   0.600   17.057  0.60 47.71 ? 165 GLU A C   1 
ATOM   1248 O O   . GLU A 1 184 ? 0.551   0.321   16.063  0.60 47.30 ? 165 GLU A O   1 
ATOM   1249 O OXT . GLU A 1 184 ? 0.957   1.658   17.628  0.60 48.00 ? 165 GLU A OXT 1 
HETATM 1250 C C   . EA4 B 2 .   ? -2.675  4.325   -9.566  1.00 30.54 ? 166 EA4 A C   1 
HETATM 1251 N N   . EA4 B 2 .   ? -4.750  3.728   -10.647 1.00 32.41 ? 166 EA4 A N   1 
HETATM 1252 O O   . EA4 B 2 .   ? -3.322  4.492   -8.534  1.00 29.67 ? 166 EA4 A O   1 
HETATM 1253 C CA  . EA4 B 2 .   ? -3.337  3.950   -10.874 1.00 31.18 ? 166 EA4 A CA  1 
HETATM 1254 C CAA . EA4 B 2 .   ? 0.704   5.222   -8.785  1.00 29.91 ? 166 EA4 A CAA 1 
HETATM 1255 N NAB . EA4 B 2 .   ? -10.526 1.750   -5.575  1.00 35.01 ? 166 EA4 A NAB 1 
HETATM 1256 O OAC . EA4 B 2 .   ? -4.589  1.474   -10.594 1.00 33.80 ? 166 EA4 A OAC 1 
HETATM 1257 C CAE . EA4 B 2 .   ? -8.454  2.055   -6.624  1.00 34.43 ? 166 EA4 A CAE 1 
HETATM 1258 C CAF . EA4 B 2 .   ? -10.298 1.080   -7.809  1.00 34.43 ? 166 EA4 A CAF 1 
HETATM 1259 C CAG . EA4 B 2 .   ? -7.661  1.945   -7.755  1.00 33.63 ? 166 EA4 A CAG 1 
HETATM 1260 C CAH . EA4 B 2 .   ? -9.505  0.964   -8.945  1.00 34.78 ? 166 EA4 A CAH 1 
HETATM 1261 C CAI . EA4 B 2 .   ? -0.696  4.750   -8.358  1.00 30.73 ? 166 EA4 A CAI 1 
HETATM 1262 C CAK . EA4 B 2 .   ? -7.324  1.248   -10.167 1.00 35.21 ? 166 EA4 A CAK 1 
HETATM 1263 N NAM . EA4 B 2 .   ? -6.583  2.480   -10.349 1.00 33.79 ? 166 EA4 A NAM 1 
HETATM 1264 O OAN . EA4 B 2 .   ? -1.338  4.499   -9.620  1.00 30.18 ? 166 EA4 A OAN 1 
HETATM 1265 C CAO . EA4 B 2 .   ? -5.270  2.506   -10.531 1.00 33.26 ? 166 EA4 A CAO 1 
HETATM 1266 C CAQ . EA4 B 2 .   ? -9.772  1.629   -6.654  1.00 33.64 ? 166 EA4 A CAQ 1 
HETATM 1267 C CAR . EA4 B 2 .   ? -8.191  1.394   -8.917  1.00 34.40 ? 166 EA4 A CAR 1 
HETATM 1268 O O   . HOH C 3 .   ? -9.240  9.308   -5.058  1.00 43.92 ? 167 HOH A O   1 
HETATM 1269 O O   . HOH C 3 .   ? -10.214 -5.242  8.617   1.00 33.41 ? 168 HOH A O   1 
HETATM 1270 O O   . HOH C 3 .   ? -7.601  2.881   -3.252  1.00 27.76 ? 169 HOH A O   1 
HETATM 1271 O O   . HOH C 3 .   ? -9.425  -0.239  -3.881  1.00 29.98 ? 170 HOH A O   1 
HETATM 1272 O O   . HOH C 3 .   ? -0.617  14.256  -2.080  1.00 41.01 ? 171 HOH A O   1 
HETATM 1273 O O   . HOH C 3 .   ? 9.490   -12.904 6.754   1.00 35.55 ? 172 HOH A O   1 
HETATM 1274 O O   . HOH C 3 .   ? 6.107   16.061  -3.670  1.00 39.33 ? 173 HOH A O   1 
HETATM 1275 O O   . HOH C 3 .   ? 1.236   -8.883  -11.944 1.00 38.07 ? 174 HOH A O   1 
HETATM 1276 O O   . HOH C 3 .   ? 7.711   -13.124 4.850   1.00 34.49 ? 175 HOH A O   1 
HETATM 1277 O O   . HOH C 3 .   ? 11.244  11.049  1.527   0.80 35.67 ? 176 HOH A O   1 
HETATM 1278 O O   . HOH C 3 .   ? 6.442   -7.209  -18.575 1.00 48.85 ? 177 HOH A O   1 
HETATM 1279 O O   . HOH C 3 .   ? -2.154  13.803  3.459   0.80 32.83 ? 178 HOH A O   1 
HETATM 1280 O O   . HOH C 3 .   ? 2.474   -10.631 -7.963  1.00 36.27 ? 179 HOH A O   1 
HETATM 1281 O O   . HOH C 3 .   ? 13.488  1.110   6.409   1.00 34.51 ? 180 HOH A O   1 
HETATM 1282 O O   . HOH C 3 .   ? -0.993  3.417   17.262  1.00 47.31 ? 181 HOH A O   1 
HETATM 1283 O O   . HOH C 3 .   ? -6.258  15.961  11.675  1.00 40.05 ? 182 HOH A O   1 
HETATM 1284 O O   . HOH C 3 .   ? -5.859  -8.544  6.815   1.00 38.86 ? 183 HOH A O   1 
HETATM 1285 O O   . HOH C 3 .   ? -3.691  -6.210  -5.221  1.00 27.94 ? 184 HOH A O   1 
HETATM 1286 O O   . HOH C 3 .   ? 8.895   6.870   -11.904 1.00 33.24 ? 185 HOH A O   1 
HETATM 1287 O O   . HOH C 3 .   ? -5.872  9.058   -3.245  1.00 30.29 ? 186 HOH A O   1 
HETATM 1288 O O   . HOH C 3 .   ? -7.905  19.835  3.881   0.50 23.08 ? 187 HOH A O   1 
HETATM 1289 O O   . HOH C 3 .   ? -1.506  13.644  0.763   1.00 32.90 ? 188 HOH A O   1 
HETATM 1290 O O   . HOH C 3 .   ? 6.197   5.085   15.030  0.50 31.23 ? 189 HOH A O   1 
HETATM 1291 O O   . HOH C 3 .   ? 10.736  -4.804  -17.504 1.00 35.83 ? 190 HOH A O   1 
HETATM 1292 O O   . HOH C 3 .   ? 3.503   -15.456 -2.825  1.00 31.60 ? 191 HOH A O   1 
HETATM 1293 O O   . HOH C 3 .   ? -16.039 0.262   10.704  0.50 30.87 ? 192 HOH A O   1 
HETATM 1294 O O   . HOH C 3 .   ? -17.809 7.979   -2.217  1.00 49.07 ? 193 HOH A O   1 
HETATM 1295 O O   . HOH C 3 .   ? -3.333  -1.263  -11.196 1.00 36.59 ? 194 HOH A O   1 
HETATM 1296 O O   A HOH C 3 .   ? -1.303  19.307  -3.806  0.50 27.52 ? 195 HOH A O   1 
HETATM 1297 O O   B HOH C 3 .   ? -0.730  20.012  -5.434  0.50 26.33 ? 195 HOH A O   1 
HETATM 1298 O O   . HOH C 3 .   ? 5.778   -15.002 5.622   0.60 29.14 ? 196 HOH A O   1 
HETATM 1299 O O   . HOH C 3 .   ? -6.281  3.933   3.671   1.00 24.23 ? 197 HOH A O   1 
HETATM 1300 O O   . HOH C 3 .   ? -7.897  -10.551 6.645   1.00 33.66 ? 198 HOH A O   1 
HETATM 1301 O O   . HOH C 3 .   ? -14.618 -8.549  0.909   1.00 48.87 ? 199 HOH A O   1 
HETATM 1302 O O   . HOH C 3 .   ? -6.833  -14.880 0.380   1.00 39.11 ? 200 HOH A O   1 
HETATM 1303 O O   A HOH C 3 .   ? -1.041  -4.708  -13.744 0.70 32.15 ? 201 HOH A O   1 
HETATM 1304 O O   B HOH C 3 .   ? -2.684  -6.175  -13.605 0.30 22.18 ? 201 HOH A O   1 
HETATM 1305 O O   . HOH C 3 .   ? -11.053 -7.632  -14.264 1.00 45.92 ? 202 HOH A O   1 
HETATM 1306 O O   . HOH C 3 .   ? -17.048 7.259   4.312   0.60 33.79 ? 203 HOH A O   1 
HETATM 1307 O O   . HOH C 3 .   ? -7.967  12.375  -6.237  1.00 39.36 ? 204 HOH A O   1 
HETATM 1308 O O   . HOH C 3 .   ? -9.418  16.499  6.781   1.00 59.93 ? 205 HOH A O   1 
HETATM 1309 O O   . HOH C 3 .   ? 5.144   13.352  7.763   1.00 44.01 ? 206 HOH A O   1 
HETATM 1310 O O   . HOH C 3 .   ? 9.504   8.662   3.325   1.00 55.89 ? 207 HOH A O   1 
HETATM 1311 O O   . HOH C 3 .   ? 7.167   -10.663 -17.294 1.00 55.12 ? 208 HOH A O   1 
HETATM 1312 O O   . HOH C 3 .   ? 2.433   -13.524 -11.186 1.00 40.70 ? 209 HOH A O   1 
HETATM 1313 O O   . HOH C 3 .   ? 1.976   -17.360 -3.717  0.60 33.11 ? 210 HOH A O   1 
HETATM 1314 O O   . HOH C 3 .   ? 5.269   -10.894 14.858  1.00 48.82 ? 211 HOH A O   1 
HETATM 1315 O O   . HOH C 3 .   ? 3.013   11.684  16.150  0.80 42.64 ? 212 HOH A O   1 
HETATM 1316 O O   . HOH C 3 .   ? -1.177  9.689   16.433  1.00 50.27 ? 213 HOH A O   1 
HETATM 1317 O O   . HOH C 3 .   ? 15.276  0.679   -12.843 0.50 30.98 ? 214 HOH A O   1 
HETATM 1318 O O   . HOH C 3 .   ? -2.131  -7.184  14.305  0.60 31.73 ? 215 HOH A O   1 
HETATM 1319 O O   A HOH C 3 .   ? -1.409  -15.974 4.057   0.40 27.59 ? 216 HOH A O   1 
HETATM 1320 O O   B HOH C 3 .   ? -3.723  -16.126 4.600   0.40 24.15 ? 216 HOH A O   1 
HETATM 1321 O O   . HOH C 3 .   ? -4.375  5.121   15.570  1.00 42.85 ? 217 HOH A O   1 
HETATM 1322 O O   . HOH C 3 .   ? -4.730  -2.156  17.839  0.40 28.89 ? 218 HOH A O   1 
HETATM 1323 O O   A HOH C 3 .   ? -0.721  -16.763 9.775   0.50 27.59 ? 219 HOH A O   1 
HETATM 1324 O O   B HOH C 3 .   ? 1.085   -16.558 10.993  0.50 31.57 ? 219 HOH A O   1 
HETATM 1325 O O   . HOH C 3 .   ? -0.178  5.097   -13.342 1.00 35.71 ? 220 HOH A O   1 
HETATM 1326 O O   . HOH C 3 .   ? -15.370 -5.625  -5.817  1.00 45.66 ? 221 HOH A O   1 
HETATM 1327 O O   . HOH C 3 .   ? 13.588  9.421   -7.152  1.00 46.15 ? 222 HOH A O   1 
HETATM 1328 O O   . HOH C 3 .   ? 6.785   0.525   16.508  0.60 32.16 ? 223 HOH A O   1 
HETATM 1329 O O   . HOH C 3 .   ? 12.480  -14.966 -2.217  1.00 38.99 ? 224 HOH A O   1 
HETATM 1330 O O   A HOH C 3 .   ? 2.571   12.786  21.674  0.50 27.12 ? 225 HOH A O   1 
HETATM 1331 O O   B HOH C 3 .   ? 0.246   12.545  21.451  0.50 36.57 ? 225 HOH A O   1 
HETATM 1332 O O   . HOH C 3 .   ? -8.347  9.422   1.559   1.00 33.87 ? 226 HOH A O   1 
HETATM 1333 O O   . HOH C 3 .   ? -5.752  -11.548 10.398  1.00 58.57 ? 227 HOH A O   1 
HETATM 1334 O O   . HOH C 3 .   ? -20.729 0.307   -0.805  1.00 53.19 ? 228 HOH A O   1 
HETATM 1335 O O   . HOH C 3 .   ? -5.986  18.558  -5.232  1.00 30.92 ? 229 HOH A O   1 
HETATM 1336 O O   . HOH C 3 .   ? 12.521  4.983   3.859   1.00 46.72 ? 230 HOH A O   1 
HETATM 1337 O O   . HOH C 3 .   ? 4.675   8.287   15.397  0.50 40.60 ? 231 HOH A O   1 
HETATM 1338 O O   . HOH C 3 .   ? 9.869   -6.961  13.003  1.00 39.53 ? 232 HOH A O   1 
HETATM 1339 O O   . HOH C 3 .   ? -3.993  -5.125  16.400  1.00 47.77 ? 233 HOH A O   1 
HETATM 1340 O O   . HOH C 3 .   ? 0.238   -2.642  18.849  1.00 56.01 ? 234 HOH A O   1 
HETATM 1341 O O   . HOH C 3 .   ? -9.847  -10.214 2.913   0.60 30.82 ? 235 HOH A O   1 
HETATM 1342 O O   . HOH C 3 .   ? -7.191  -10.828 1.323   1.00 49.55 ? 236 HOH A O   1 
HETATM 1343 O O   . HOH C 3 .   ? -6.141  -13.524 -2.395  0.60 27.34 ? 237 HOH A O   1 
HETATM 1344 O O   . HOH C 3 .   ? -4.964  -9.512  -4.100  1.00 42.59 ? 238 HOH A O   1 
HETATM 1345 O O   . HOH C 3 .   ? -1.657  -6.489  -1.624  1.00 32.51 ? 239 HOH A O   1 
HETATM 1346 O O   . HOH C 3 .   ? 11.180  0.152   -14.797 0.50 20.68 ? 240 HOH A O   1 
HETATM 1347 O O   . HOH C 3 .   ? 1.495   8.837   -12.680 1.00 43.20 ? 241 HOH A O   1 
HETATM 1348 O O   . HOH C 3 .   ? -1.338  9.917   -13.200 1.00 47.15 ? 242 HOH A O   1 
HETATM 1349 O O   . HOH C 3 .   ? -2.928  1.672   -14.564 0.70 35.64 ? 243 HOH A O   1 
HETATM 1350 O O   . HOH C 3 .   ? 6.208   13.124  3.080   0.80 47.80 ? 244 HOH A O   1 
HETATM 1351 O O   . HOH C 3 .   ? 7.261   9.506   -3.337  1.00 40.08 ? 245 HOH A O   1 
HETATM 1352 O O   . HOH C 3 .   ? 14.898  3.169   -1.462  1.00 45.69 ? 246 HOH A O   1 
HETATM 1353 O O   . HOH C 3 .   ? -7.648  5.212   -12.934 1.00 44.36 ? 247 HOH A O   1 
HETATM 1354 O O   . HOH C 3 .   ? -2.743  5.351   -14.073 0.60 30.13 ? 248 HOH A O   1 
HETATM 1355 O O   . HOH C 3 .   ? 20.504  -2.251  -8.936  1.00 54.51 ? 249 HOH A O   1 
HETATM 1356 O O   . HOH C 3 .   ? 13.292  -16.098 -6.695  0.80 39.40 ? 250 HOH A O   1 
HETATM 1357 O O   . HOH C 3 .   ? -12.412 1.441   12.500  0.30 24.26 ? 251 HOH A O   1 
HETATM 1358 O O   . HOH C 3 .   ? 15.840  6.782   -6.216  1.00 54.90 ? 252 HOH A O   1 
HETATM 1359 O O   . HOH C 3 .   ? 19.890  -8.278  -5.428  1.00 63.58 ? 253 HOH A O   1 
HETATM 1360 O O   . HOH C 3 .   ? 9.496   -4.069  11.543  0.40 20.65 ? 254 HOH A O   1 
HETATM 1361 O O   . HOH C 3 .   ? -7.610  -14.531 3.732   0.40 27.24 ? 255 HOH A O   1 
HETATM 1362 O O   . HOH C 3 .   ? 0.595   -15.846 0.988   0.30 19.23 ? 256 HOH A O   1 
# 
loop_
_pdbx_poly_seq_scheme.asym_id 
_pdbx_poly_seq_scheme.entity_id 
_pdbx_poly_seq_scheme.seq_id 
_pdbx_poly_seq_scheme.mon_id 
_pdbx_poly_seq_scheme.ndb_seq_num 
_pdbx_poly_seq_scheme.pdb_seq_num 
_pdbx_poly_seq_scheme.auth_seq_num 
_pdbx_poly_seq_scheme.pdb_mon_id 
_pdbx_poly_seq_scheme.auth_mon_id 
_pdbx_poly_seq_scheme.pdb_strand_id 
_pdbx_poly_seq_scheme.pdb_ins_code 
_pdbx_poly_seq_scheme.hetero 
A 1 1   MET 1   -18 ?   ?   ?   A . n 
A 1 2   GLY 2   -17 ?   ?   ?   A . n 
A 1 3   HIS 3   -16 ?   ?   ?   A . n 
A 1 4   HIS 4   -15 ?   ?   ?   A . n 
A 1 5   HIS 5   -14 ?   ?   ?   A . n 
A 1 6   HIS 6   -13 ?   ?   ?   A . n 
A 1 7   HIS 7   -12 ?   ?   ?   A . n 
A 1 8   HIS 8   -11 ?   ?   ?   A . n 
A 1 9   SER 9   -10 ?   ?   ?   A . n 
A 1 10  SER 10  -9  ?   ?   ?   A . n 
A 1 11  GLY 11  -8  ?   ?   ?   A . n 
A 1 12  ARG 12  -7  ?   ?   ?   A . n 
A 1 13  GLU 13  -6  ?   ?   ?   A . n 
A 1 14  ASN 14  -5  ?   ?   ?   A . n 
A 1 15  LEU 15  -4  ?   ?   ?   A . n 
A 1 16  TYR 16  -3  ?   ?   ?   A . n 
A 1 17  PHE 17  -2  ?   ?   ?   A . n 
A 1 18  GLN 18  -1  ?   ?   ?   A . n 
A 1 19  GLY 19  0   ?   ?   ?   A . n 
A 1 20  MET 20  1   ?   ?   ?   A . n 
A 1 21  VAL 21  2   2   VAL VAL A . n 
A 1 22  ASN 22  3   3   ASN ASN A . n 
A 1 23  PRO 23  4   4   PRO PRO A . n 
A 1 24  THR 24  5   5   THR THR A . n 
A 1 25  VAL 25  6   6   VAL VAL A . n 
A 1 26  PHE 26  7   7   PHE PHE A . n 
A 1 27  PHE 27  8   8   PHE PHE A . n 
A 1 28  ASP 28  9   9   ASP ASP A . n 
A 1 29  ILE 29  10  10  ILE ILE A . n 
A 1 30  ALA 30  11  11  ALA ALA A . n 
A 1 31  VAL 31  12  12  VAL VAL A . n 
A 1 32  ASP 32  13  13  ASP ASP A . n 
A 1 33  GLY 33  14  14  GLY GLY A . n 
A 1 34  GLU 34  15  15  GLU GLU A . n 
A 1 35  PRO 35  16  16  PRO PRO A . n 
A 1 36  LEU 36  17  17  LEU LEU A . n 
A 1 37  GLY 37  18  18  GLY GLY A . n 
A 1 38  ARG 38  19  19  ARG ARG A . n 
A 1 39  VAL 39  20  20  VAL VAL A . n 
A 1 40  SER 40  21  21  SER SER A . n 
A 1 41  PHE 41  22  22  PHE PHE A . n 
A 1 42  GLU 42  23  23  GLU GLU A . n 
A 1 43  LEU 43  24  24  LEU LEU A . n 
A 1 44  PHE 44  25  25  PHE PHE A . n 
A 1 45  ALA 45  26  26  ALA ALA A . n 
A 1 46  ASP 46  27  27  ASP ASP A . n 
A 1 47  LYS 47  28  28  LYS LYS A . n 
A 1 48  VAL 48  29  29  VAL VAL A . n 
A 1 49  PRO 49  30  30  PRO PRO A . n 
A 1 50  LYS 50  31  31  LYS LYS A . n 
A 1 51  THR 51  32  32  THR THR A . n 
A 1 52  ALA 52  33  33  ALA ALA A . n 
A 1 53  GLU 53  34  34  GLU GLU A . n 
A 1 54  ASN 54  35  35  ASN ASN A . n 
A 1 55  PHE 55  36  36  PHE PHE A . n 
A 1 56  ARG 56  37  37  ARG ARG A . n 
A 1 57  ALA 57  38  38  ALA ALA A . n 
A 1 58  LEU 58  39  39  LEU LEU A . n 
A 1 59  SER 59  40  40  SER SER A . n 
A 1 60  THR 60  41  41  THR THR A . n 
A 1 61  GLY 61  42  42  GLY GLY A . n 
A 1 62  GLU 62  43  43  GLU GLU A . n 
A 1 63  LYS 63  44  44  LYS LYS A . n 
A 1 64  GLY 64  45  45  GLY GLY A . n 
A 1 65  PHE 65  46  46  PHE PHE A . n 
A 1 66  GLY 66  47  47  GLY GLY A . n 
A 1 67  TYR 67  48  48  TYR TYR A . n 
A 1 68  LYS 68  49  49  LYS LYS A . n 
A 1 69  GLY 69  50  50  GLY GLY A . n 
A 1 70  SER 70  51  51  SER SER A . n 
A 1 71  CYS 71  52  52  CYS CYS A . n 
A 1 72  PHE 72  53  53  PHE PHE A . n 
A 1 73  HIS 73  54  54  HIS HIS A . n 
A 1 74  ARG 74  55  55  ARG ARG A . n 
A 1 75  ILE 75  56  56  ILE ILE A . n 
A 1 76  ILE 76  57  57  ILE ILE A . n 
A 1 77  PRO 77  58  58  PRO PRO A . n 
A 1 78  GLY 78  59  59  GLY GLY A . n 
A 1 79  PHE 79  60  60  PHE PHE A . n 
A 1 80  MET 80  61  61  MET MET A . n 
A 1 81  CYS 81  62  62  CYS CYS A . n 
A 1 82  GLN 82  63  63  GLN GLN A . n 
A 1 83  GLY 83  64  64  GLY GLY A . n 
A 1 84  GLY 84  65  65  GLY GLY A . n 
A 1 85  ASP 85  66  66  ASP ASP A . n 
A 1 86  PHE 86  67  67  PHE PHE A . n 
A 1 87  THR 87  68  68  THR THR A . n 
A 1 88  ARG 88  69  69  ARG ARG A . n 
A 1 89  HIS 89  70  70  HIS HIS A . n 
A 1 90  ASN 90  71  71  ASN ASN A . n 
A 1 91  GLY 91  72  72  GLY GLY A . n 
A 1 92  THR 92  73  73  THR THR A . n 
A 1 93  GLY 93  74  74  GLY GLY A . n 
A 1 94  GLY 94  75  75  GLY GLY A . n 
A 1 95  LYS 95  76  76  LYS LYS A . n 
A 1 96  SER 96  77  77  SER SER A . n 
A 1 97  ILE 97  78  78  ILE ILE A . n 
A 1 98  TYR 98  79  79  TYR TYR A . n 
A 1 99  GLY 99  80  80  GLY GLY A . n 
A 1 100 GLU 100 81  81  GLU GLU A . n 
A 1 101 LYS 101 82  82  LYS LYS A . n 
A 1 102 PHE 102 83  83  PHE PHE A . n 
A 1 103 GLU 103 84  84  GLU GLU A . n 
A 1 104 ASP 104 85  85  ASP ASP A . n 
A 1 105 GLU 105 86  86  GLU GLU A . n 
A 1 106 ASN 106 87  87  ASN ASN A . n 
A 1 107 PHE 107 88  88  PHE PHE A . n 
A 1 108 ILE 108 89  89  ILE ILE A . n 
A 1 109 LEU 109 90  90  LEU LEU A . n 
A 1 110 LYS 110 91  91  LYS LYS A . n 
A 1 111 HIS 111 92  92  HIS HIS A . n 
A 1 112 THR 112 93  93  THR THR A . n 
A 1 113 GLY 113 94  94  GLY GLY A . n 
A 1 114 PRO 114 95  95  PRO PRO A . n 
A 1 115 GLY 115 96  96  GLY GLY A . n 
A 1 116 ILE 116 97  97  ILE ILE A . n 
A 1 117 LEU 117 98  98  LEU LEU A . n 
A 1 118 SER 118 99  99  SER SER A . n 
A 1 119 MET 119 100 100 MET MET A . n 
A 1 120 ALA 120 101 101 ALA ALA A . n 
A 1 121 ASN 121 102 102 ASN ASN A . n 
A 1 122 ALA 122 103 103 ALA ALA A . n 
A 1 123 GLY 123 104 104 GLY GLY A . n 
A 1 124 PRO 124 105 105 PRO PRO A . n 
A 1 125 ASN 125 106 106 ASN ASN A . n 
A 1 126 THR 126 107 107 THR THR A . n 
A 1 127 ASN 127 108 108 ASN ASN A . n 
A 1 128 GLY 128 109 109 GLY GLY A . n 
A 1 129 SER 129 110 110 SER SER A . n 
A 1 130 GLN 130 111 111 GLN GLN A . n 
A 1 131 PHE 131 112 112 PHE PHE A . n 
A 1 132 PHE 132 113 113 PHE PHE A . n 
A 1 133 ILE 133 114 114 ILE ILE A . n 
A 1 134 CYS 134 115 115 CYS CYS A . n 
A 1 135 THR 135 116 116 THR THR A . n 
A 1 136 ALA 136 117 117 ALA ALA A . n 
A 1 137 LYS 137 118 118 LYS LYS A . n 
A 1 138 THR 138 119 119 THR THR A . n 
A 1 139 GLU 139 120 120 GLU GLU A . n 
A 1 140 TRP 140 121 121 TRP TRP A . n 
A 1 141 LEU 141 122 122 LEU LEU A . n 
A 1 142 ASP 142 123 123 ASP ASP A . n 
A 1 143 GLY 143 124 124 GLY GLY A . n 
A 1 144 LYS 144 125 125 LYS LYS A . n 
A 1 145 HIS 145 126 126 HIS HIS A . n 
A 1 146 VAL 146 127 127 VAL VAL A . n 
A 1 147 VAL 147 128 128 VAL VAL A . n 
A 1 148 PHE 148 129 129 PHE PHE A . n 
A 1 149 GLY 149 130 130 GLY GLY A . n 
A 1 150 LYS 150 131 131 LYS LYS A . n 
A 1 151 VAL 151 132 132 VAL VAL A . n 
A 1 152 LYS 152 133 133 LYS LYS A . n 
A 1 153 GLU 153 134 134 GLU GLU A . n 
A 1 154 GLY 154 135 135 GLY GLY A . n 
A 1 155 MET 155 136 136 MET MET A . n 
A 1 156 ASN 156 137 137 ASN ASN A . n 
A 1 157 ILE 157 138 138 ILE ILE A . n 
A 1 158 VAL 158 139 139 VAL VAL A . n 
A 1 159 GLU 159 140 140 GLU GLU A . n 
A 1 160 ALA 160 141 141 ALA ALA A . n 
A 1 161 MET 161 142 142 MET MET A . n 
A 1 162 GLU 162 143 143 GLU GLU A . n 
A 1 163 ARG 163 144 144 ARG ARG A . n 
A 1 164 PHE 164 145 145 PHE PHE A . n 
A 1 165 GLY 165 146 146 GLY GLY A . n 
A 1 166 SER 166 147 147 SER SER A . n 
A 1 167 ARG 167 148 148 ARG ARG A . n 
A 1 168 ASN 168 149 149 ASN ASN A . n 
A 1 169 GLY 169 150 150 GLY GLY A . n 
A 1 170 LYS 170 151 151 LYS LYS A . n 
A 1 171 THR 171 152 152 THR THR A . n 
A 1 172 SER 172 153 153 SER SER A . n 
A 1 173 LYS 173 154 154 LYS LYS A . n 
A 1 174 LYS 174 155 155 LYS LYS A . n 
A 1 175 ILE 175 156 156 ILE ILE A . n 
A 1 176 THR 176 157 157 THR THR A . n 
A 1 177 ILE 177 158 158 ILE ILE A . n 
A 1 178 ALA 178 159 159 ALA ALA A . n 
A 1 179 ASP 179 160 160 ASP ASP A . n 
A 1 180 CYS 180 161 161 CYS CYS A . n 
A 1 181 GLY 181 162 162 GLY GLY A . n 
A 1 182 GLN 182 163 163 GLN GLN A . n 
A 1 183 LEU 183 164 164 LEU LEU A . n 
A 1 184 GLU 184 165 165 GLU GLU A . n 
# 
loop_
_pdbx_nonpoly_scheme.asym_id 
_pdbx_nonpoly_scheme.entity_id 
_pdbx_nonpoly_scheme.mon_id 
_pdbx_nonpoly_scheme.ndb_seq_num 
_pdbx_nonpoly_scheme.pdb_seq_num 
_pdbx_nonpoly_scheme.auth_seq_num 
_pdbx_nonpoly_scheme.pdb_mon_id 
_pdbx_nonpoly_scheme.auth_mon_id 
_pdbx_nonpoly_scheme.pdb_strand_id 
_pdbx_nonpoly_scheme.pdb_ins_code 
B 2 EA4 1  166 1   EA4 EA4 A . 
C 3 HOH 1  167 1   HOH HOH A . 
C 3 HOH 2  168 4   HOH HOH A . 
C 3 HOH 3  169 5   HOH HOH A . 
C 3 HOH 4  170 6   HOH HOH A . 
C 3 HOH 5  171 7   HOH HOH A . 
C 3 HOH 6  172 8   HOH HOH A . 
C 3 HOH 7  173 11  HOH HOH A . 
C 3 HOH 8  174 12  HOH HOH A . 
C 3 HOH 9  175 14  HOH HOH A . 
C 3 HOH 10 176 16  HOH HOH A . 
C 3 HOH 11 177 17  HOH HOH A . 
C 3 HOH 12 178 18  HOH HOH A . 
C 3 HOH 13 179 23  HOH HOH A . 
C 3 HOH 14 180 24  HOH HOH A . 
C 3 HOH 15 181 26  HOH HOH A . 
C 3 HOH 16 182 27  HOH HOH A . 
C 3 HOH 17 183 29  HOH HOH A . 
C 3 HOH 18 184 32  HOH HOH A . 
C 3 HOH 19 185 33  HOH HOH A . 
C 3 HOH 20 186 35  HOH HOH A . 
C 3 HOH 21 187 36  HOH HOH A . 
C 3 HOH 22 188 37  HOH HOH A . 
C 3 HOH 23 189 44  HOH HOH A . 
C 3 HOH 24 190 46  HOH HOH A . 
C 3 HOH 25 191 48  HOH HOH A . 
C 3 HOH 26 192 50  HOH HOH A . 
C 3 HOH 27 193 53  HOH HOH A . 
C 3 HOH 28 194 55  HOH HOH A . 
C 3 HOH 29 195 57  HOH HOH A . 
C 3 HOH 30 196 60  HOH HOH A . 
C 3 HOH 31 197 63  HOH HOH A . 
C 3 HOH 32 198 64  HOH HOH A . 
C 3 HOH 33 199 65  HOH HOH A . 
C 3 HOH 34 200 67  HOH HOH A . 
C 3 HOH 35 201 68  HOH HOH A . 
C 3 HOH 36 202 73  HOH HOH A . 
C 3 HOH 37 203 77  HOH HOH A . 
C 3 HOH 38 204 78  HOH HOH A . 
C 3 HOH 39 205 79  HOH HOH A . 
C 3 HOH 40 206 80  HOH HOH A . 
C 3 HOH 41 207 82  HOH HOH A . 
C 3 HOH 42 208 87  HOH HOH A . 
C 3 HOH 43 209 88  HOH HOH A . 
C 3 HOH 44 210 90  HOH HOH A . 
C 3 HOH 45 211 91  HOH HOH A . 
C 3 HOH 46 212 95  HOH HOH A . 
C 3 HOH 47 213 96  HOH HOH A . 
C 3 HOH 48 214 99  HOH HOH A . 
C 3 HOH 49 215 102 HOH HOH A . 
C 3 HOH 50 216 103 HOH HOH A . 
C 3 HOH 51 217 111 HOH HOH A . 
C 3 HOH 52 218 112 HOH HOH A . 
C 3 HOH 53 219 113 HOH HOH A . 
C 3 HOH 54 220 114 HOH HOH A . 
C 3 HOH 55 221 115 HOH HOH A . 
C 3 HOH 56 222 117 HOH HOH A . 
C 3 HOH 57 223 118 HOH HOH A . 
C 3 HOH 58 224 119 HOH HOH A . 
C 3 HOH 59 225 120 HOH HOH A . 
C 3 HOH 60 226 121 HOH HOH A . 
C 3 HOH 61 227 122 HOH HOH A . 
C 3 HOH 62 228 125 HOH HOH A . 
C 3 HOH 63 229 126 HOH HOH A . 
C 3 HOH 64 230 127 HOH HOH A . 
C 3 HOH 65 231 129 HOH HOH A . 
C 3 HOH 66 232 130 HOH HOH A . 
C 3 HOH 67 233 131 HOH HOH A . 
C 3 HOH 68 234 132 HOH HOH A . 
C 3 HOH 69 235 133 HOH HOH A . 
C 3 HOH 70 236 134 HOH HOH A . 
C 3 HOH 71 237 135 HOH HOH A . 
C 3 HOH 72 238 136 HOH HOH A . 
C 3 HOH 73 239 137 HOH HOH A . 
C 3 HOH 74 240 138 HOH HOH A . 
C 3 HOH 75 241 139 HOH HOH A . 
C 3 HOH 76 242 140 HOH HOH A . 
C 3 HOH 77 243 141 HOH HOH A . 
C 3 HOH 78 244 142 HOH HOH A . 
C 3 HOH 79 245 143 HOH HOH A . 
C 3 HOH 80 246 144 HOH HOH A . 
C 3 HOH 81 247 145 HOH HOH A . 
C 3 HOH 82 248 146 HOH HOH A . 
C 3 HOH 83 249 147 HOH HOH A . 
C 3 HOH 84 250 148 HOH HOH A . 
C 3 HOH 85 251 149 HOH HOH A . 
C 3 HOH 86 252 150 HOH HOH A . 
C 3 HOH 87 253 151 HOH HOH A . 
C 3 HOH 88 254 152 HOH HOH A . 
C 3 HOH 89 255 153 HOH HOH A . 
C 3 HOH 90 256 154 HOH HOH A . 
# 
_pdbx_struct_assembly.id                   1 
_pdbx_struct_assembly.details              author_and_software_defined_assembly 
_pdbx_struct_assembly.method_details       PISA 
_pdbx_struct_assembly.oligomeric_details   monomeric 
_pdbx_struct_assembly.oligomeric_count     1 
# 
_pdbx_struct_assembly_gen.assembly_id       1 
_pdbx_struct_assembly_gen.oper_expression   1 
_pdbx_struct_assembly_gen.asym_id_list      A,B,C 
# 
_pdbx_struct_oper_list.id                   1 
_pdbx_struct_oper_list.type                 'identity operation' 
_pdbx_struct_oper_list.name                 1_555 
_pdbx_struct_oper_list.symmetry_operation   x,y,z 
_pdbx_struct_oper_list.matrix[1][1]         1.0000000000 
_pdbx_struct_oper_list.matrix[1][2]         0.0000000000 
_pdbx_struct_oper_list.matrix[1][3]         0.0000000000 
_pdbx_struct_oper_list.vector[1]            0.0000000000 
_pdbx_struct_oper_list.matrix[2][1]         0.0000000000 
_pdbx_struct_oper_list.matrix[2][2]         1.0000000000 
_pdbx_struct_oper_list.matrix[2][3]         0.0000000000 
_pdbx_struct_oper_list.vector[2]            0.0000000000 
_pdbx_struct_oper_list.matrix[3][1]         0.0000000000 
_pdbx_struct_oper_list.matrix[3][2]         0.0000000000 
_pdbx_struct_oper_list.matrix[3][3]         1.0000000000 
_pdbx_struct_oper_list.vector[3]            0.0000000000 
# 
loop_
_pdbx_audit_revision_history.ordinal 
_pdbx_audit_revision_history.data_content_type 
_pdbx_audit_revision_history.major_revision 
_pdbx_audit_revision_history.minor_revision 
_pdbx_audit_revision_history.revision_date 
1 'Structure model' 1 0 2012-03-21 
2 'Structure model' 1 1 2016-10-19 
3 'Structure model' 1 2 2023-09-13 
# 
_pdbx_audit_revision_details.ordinal             1 
_pdbx_audit_revision_details.revision_ordinal    1 
_pdbx_audit_revision_details.data_content_type   'Structure model' 
_pdbx_audit_revision_details.provider            repository 
_pdbx_audit_revision_details.type                'Initial release' 
_pdbx_audit_revision_details.description         ? 
_pdbx_audit_revision_details.details             ? 
# 
loop_
_pdbx_audit_revision_group.ordinal 
_pdbx_audit_revision_group.revision_ordinal 
_pdbx_audit_revision_group.data_content_type 
_pdbx_audit_revision_group.group 
1 2 'Structure model' 'Database references'    
2 3 'Structure model' 'Data collection'        
3 3 'Structure model' 'Database references'    
4 3 'Structure model' 'Derived calculations'   
5 3 'Structure model' 'Refinement description' 
# 
loop_
_pdbx_audit_revision_category.ordinal 
_pdbx_audit_revision_category.revision_ordinal 
_pdbx_audit_revision_category.data_content_type 
_pdbx_audit_revision_category.category 
1 3 'Structure model' chem_comp_atom                
2 3 'Structure model' chem_comp_bond                
3 3 'Structure model' database_2                    
4 3 'Structure model' pdbx_initial_refinement_model 
5 3 'Structure model' struct_ref_seq_dif            
6 3 'Structure model' struct_site                   
# 
loop_
_pdbx_audit_revision_item.ordinal 
_pdbx_audit_revision_item.revision_ordinal 
_pdbx_audit_revision_item.data_content_type 
_pdbx_audit_revision_item.item 
1 3 'Structure model' '_database_2.pdbx_DOI'                
2 3 'Structure model' '_database_2.pdbx_database_accession' 
3 3 'Structure model' '_struct_ref_seq_dif.details'         
4 3 'Structure model' '_struct_site.pdbx_auth_asym_id'      
5 3 'Structure model' '_struct_site.pdbx_auth_comp_id'      
6 3 'Structure model' '_struct_site.pdbx_auth_seq_id'       
# 
loop_
_software.name 
_software.classification 
_software.version 
_software.citation_id 
_software.pdbx_ordinal 
DNA    'data collection' .        ? 1 
X-PLOR 'model building'  .        ? 2 
REFMAC refinement        5.4.0062 ? 3 
MOSFLM 'data reduction'  .        ? 4 
SCALA  'data scaling'    .        ? 5 
X-PLOR phasing           .        ? 6 
# 
_pdbx_validate_torsion.id              1 
_pdbx_validate_torsion.PDB_model_num   1 
_pdbx_validate_torsion.auth_comp_id    PHE 
_pdbx_validate_torsion.auth_asym_id    A 
_pdbx_validate_torsion.auth_seq_id     60 
_pdbx_validate_torsion.PDB_ins_code    ? 
_pdbx_validate_torsion.label_alt_id    ? 
_pdbx_validate_torsion.phi             -120.32 
_pdbx_validate_torsion.psi             -73.39 
# 
loop_
_pdbx_unobs_or_zero_occ_atoms.id 
_pdbx_unobs_or_zero_occ_atoms.PDB_model_num 
_pdbx_unobs_or_zero_occ_atoms.polymer_flag 
_pdbx_unobs_or_zero_occ_atoms.occupancy_flag 
_pdbx_unobs_or_zero_occ_atoms.auth_asym_id 
_pdbx_unobs_or_zero_occ_atoms.auth_comp_id 
_pdbx_unobs_or_zero_occ_atoms.auth_seq_id 
_pdbx_unobs_or_zero_occ_atoms.PDB_ins_code 
_pdbx_unobs_or_zero_occ_atoms.auth_atom_id 
_pdbx_unobs_or_zero_occ_atoms.label_alt_id 
_pdbx_unobs_or_zero_occ_atoms.label_asym_id 
_pdbx_unobs_or_zero_occ_atoms.label_comp_id 
_pdbx_unobs_or_zero_occ_atoms.label_seq_id 
_pdbx_unobs_or_zero_occ_atoms.label_atom_id 
1 1 Y 1 A LYS 151 ? CD  ? A LYS 170 CD  
2 1 Y 1 A LYS 151 ? CE  ? A LYS 170 CE  
3 1 Y 1 A LYS 151 ? NZ  ? A LYS 170 NZ  
4 1 Y 1 A LYS 154 ? NZ  ? A LYS 173 NZ  
5 1 Y 1 A GLU 165 ? CB  ? A GLU 184 CB  
6 1 Y 1 A GLU 165 ? CG  ? A GLU 184 CG  
7 1 Y 1 A GLU 165 ? CD  ? A GLU 184 CD  
8 1 Y 1 A GLU 165 ? OE1 ? A GLU 184 OE1 
9 1 Y 1 A GLU 165 ? OE2 ? A GLU 184 OE2 
# 
loop_
_pdbx_unobs_or_zero_occ_residues.id 
_pdbx_unobs_or_zero_occ_residues.PDB_model_num 
_pdbx_unobs_or_zero_occ_residues.polymer_flag 
_pdbx_unobs_or_zero_occ_residues.occupancy_flag 
_pdbx_unobs_or_zero_occ_residues.auth_asym_id 
_pdbx_unobs_or_zero_occ_residues.auth_comp_id 
_pdbx_unobs_or_zero_occ_residues.auth_seq_id 
_pdbx_unobs_or_zero_occ_residues.PDB_ins_code 
_pdbx_unobs_or_zero_occ_residues.label_asym_id 
_pdbx_unobs_or_zero_occ_residues.label_comp_id 
_pdbx_unobs_or_zero_occ_residues.label_seq_id 
1  1 Y 1 A MET -18 ? A MET 1  
2  1 Y 1 A GLY -17 ? A GLY 2  
3  1 Y 1 A HIS -16 ? A HIS 3  
4  1 Y 1 A HIS -15 ? A HIS 4  
5  1 Y 1 A HIS -14 ? A HIS 5  
6  1 Y 1 A HIS -13 ? A HIS 6  
7  1 Y 1 A HIS -12 ? A HIS 7  
8  1 Y 1 A HIS -11 ? A HIS 8  
9  1 Y 1 A SER -10 ? A SER 9  
10 1 Y 1 A SER -9  ? A SER 10 
11 1 Y 1 A GLY -8  ? A GLY 11 
12 1 Y 1 A ARG -7  ? A ARG 12 
13 1 Y 1 A GLU -6  ? A GLU 13 
14 1 Y 1 A ASN -5  ? A ASN 14 
15 1 Y 1 A LEU -4  ? A LEU 15 
16 1 Y 1 A TYR -3  ? A TYR 16 
17 1 Y 1 A PHE -2  ? A PHE 17 
18 1 Y 1 A GLN -1  ? A GLN 18 
19 1 Y 1 A GLY 0   ? A GLY 19 
20 1 Y 1 A MET 1   ? A MET 20 
# 
loop_
_chem_comp_atom.comp_id 
_chem_comp_atom.atom_id 
_chem_comp_atom.type_symbol 
_chem_comp_atom.pdbx_aromatic_flag 
_chem_comp_atom.pdbx_stereo_config 
_chem_comp_atom.pdbx_ordinal 
ALA N    N N N 1   
ALA CA   C N S 2   
ALA C    C N N 3   
ALA O    O N N 4   
ALA CB   C N N 5   
ALA OXT  O N N 6   
ALA H    H N N 7   
ALA H2   H N N 8   
ALA HA   H N N 9   
ALA HB1  H N N 10  
ALA HB2  H N N 11  
ALA HB3  H N N 12  
ALA HXT  H N N 13  
ARG N    N N N 14  
ARG CA   C N S 15  
ARG C    C N N 16  
ARG O    O N N 17  
ARG CB   C N N 18  
ARG CG   C N N 19  
ARG CD   C N N 20  
ARG NE   N N N 21  
ARG CZ   C N N 22  
ARG NH1  N N N 23  
ARG NH2  N N N 24  
ARG OXT  O N N 25  
ARG H    H N N 26  
ARG H2   H N N 27  
ARG HA   H N N 28  
ARG HB2  H N N 29  
ARG HB3  H N N 30  
ARG HG2  H N N 31  
ARG HG3  H N N 32  
ARG HD2  H N N 33  
ARG HD3  H N N 34  
ARG HE   H N N 35  
ARG HH11 H N N 36  
ARG HH12 H N N 37  
ARG HH21 H N N 38  
ARG HH22 H N N 39  
ARG HXT  H N N 40  
ASN N    N N N 41  
ASN CA   C N S 42  
ASN C    C N N 43  
ASN O    O N N 44  
ASN CB   C N N 45  
ASN CG   C N N 46  
ASN OD1  O N N 47  
ASN ND2  N N N 48  
ASN OXT  O N N 49  
ASN H    H N N 50  
ASN H2   H N N 51  
ASN HA   H N N 52  
ASN HB2  H N N 53  
ASN HB3  H N N 54  
ASN HD21 H N N 55  
ASN HD22 H N N 56  
ASN HXT  H N N 57  
ASP N    N N N 58  
ASP CA   C N S 59  
ASP C    C N N 60  
ASP O    O N N 61  
ASP CB   C N N 62  
ASP CG   C N N 63  
ASP OD1  O N N 64  
ASP OD2  O N N 65  
ASP OXT  O N N 66  
ASP H    H N N 67  
ASP H2   H N N 68  
ASP HA   H N N 69  
ASP HB2  H N N 70  
ASP HB3  H N N 71  
ASP HD2  H N N 72  
ASP HXT  H N N 73  
CYS N    N N N 74  
CYS CA   C N R 75  
CYS C    C N N 76  
CYS O    O N N 77  
CYS CB   C N N 78  
CYS SG   S N N 79  
CYS OXT  O N N 80  
CYS H    H N N 81  
CYS H2   H N N 82  
CYS HA   H N N 83  
CYS HB2  H N N 84  
CYS HB3  H N N 85  
CYS HG   H N N 86  
CYS HXT  H N N 87  
EA4 C    C N N 88  
EA4 N    N N N 89  
EA4 O    O N N 90  
EA4 CA   C N N 91  
EA4 CAA  C N N 92  
EA4 NAB  N N N 93  
EA4 OAC  O N N 94  
EA4 CAE  C Y N 95  
EA4 CAF  C Y N 96  
EA4 CAG  C Y N 97  
EA4 CAH  C Y N 98  
EA4 CAI  C N N 99  
EA4 CAK  C N N 100 
EA4 NAM  N N N 101 
EA4 OAN  O N N 102 
EA4 CAO  C N N 103 
EA4 CAQ  C Y N 104 
EA4 CAR  C Y N 105 
EA4 HN   H N N 106 
EA4 HA   H N N 107 
EA4 HAA  H N N 108 
EA4 HAAA H N N 109 
EA4 HAAB H N N 110 
EA4 HAAC H N N 111 
EA4 HNAB H N N 112 
EA4 HNAA H N N 113 
EA4 HAE  H N N 114 
EA4 HAF  H N N 115 
EA4 HAG  H N N 116 
EA4 HAH  H N N 117 
EA4 HAI  H N N 118 
EA4 HAIA H N N 119 
EA4 HAK  H N N 120 
EA4 HAKA H N N 121 
EA4 HNAM H N N 122 
GLN N    N N N 123 
GLN CA   C N S 124 
GLN C    C N N 125 
GLN O    O N N 126 
GLN CB   C N N 127 
GLN CG   C N N 128 
GLN CD   C N N 129 
GLN OE1  O N N 130 
GLN NE2  N N N 131 
GLN OXT  O N N 132 
GLN H    H N N 133 
GLN H2   H N N 134 
GLN HA   H N N 135 
GLN HB2  H N N 136 
GLN HB3  H N N 137 
GLN HG2  H N N 138 
GLN HG3  H N N 139 
GLN HE21 H N N 140 
GLN HE22 H N N 141 
GLN HXT  H N N 142 
GLU N    N N N 143 
GLU CA   C N S 144 
GLU C    C N N 145 
GLU O    O N N 146 
GLU CB   C N N 147 
GLU CG   C N N 148 
GLU CD   C N N 149 
GLU OE1  O N N 150 
GLU OE2  O N N 151 
GLU OXT  O N N 152 
GLU H    H N N 153 
GLU H2   H N N 154 
GLU HA   H N N 155 
GLU HB2  H N N 156 
GLU HB3  H N N 157 
GLU HG2  H N N 158 
GLU HG3  H N N 159 
GLU HE2  H N N 160 
GLU HXT  H N N 161 
GLY N    N N N 162 
GLY CA   C N N 163 
GLY C    C N N 164 
GLY O    O N N 165 
GLY OXT  O N N 166 
GLY H    H N N 167 
GLY H2   H N N 168 
GLY HA2  H N N 169 
GLY HA3  H N N 170 
GLY HXT  H N N 171 
HIS N    N N N 172 
HIS CA   C N S 173 
HIS C    C N N 174 
HIS O    O N N 175 
HIS CB   C N N 176 
HIS CG   C Y N 177 
HIS ND1  N Y N 178 
HIS CD2  C Y N 179 
HIS CE1  C Y N 180 
HIS NE2  N Y N 181 
HIS OXT  O N N 182 
HIS H    H N N 183 
HIS H2   H N N 184 
HIS HA   H N N 185 
HIS HB2  H N N 186 
HIS HB3  H N N 187 
HIS HD1  H N N 188 
HIS HD2  H N N 189 
HIS HE1  H N N 190 
HIS HE2  H N N 191 
HIS HXT  H N N 192 
HOH O    O N N 193 
HOH H1   H N N 194 
HOH H2   H N N 195 
ILE N    N N N 196 
ILE CA   C N S 197 
ILE C    C N N 198 
ILE O    O N N 199 
ILE CB   C N S 200 
ILE CG1  C N N 201 
ILE CG2  C N N 202 
ILE CD1  C N N 203 
ILE OXT  O N N 204 
ILE H    H N N 205 
ILE H2   H N N 206 
ILE HA   H N N 207 
ILE HB   H N N 208 
ILE HG12 H N N 209 
ILE HG13 H N N 210 
ILE HG21 H N N 211 
ILE HG22 H N N 212 
ILE HG23 H N N 213 
ILE HD11 H N N 214 
ILE HD12 H N N 215 
ILE HD13 H N N 216 
ILE HXT  H N N 217 
LEU N    N N N 218 
LEU CA   C N S 219 
LEU C    C N N 220 
LEU O    O N N 221 
LEU CB   C N N 222 
LEU CG   C N N 223 
LEU CD1  C N N 224 
LEU CD2  C N N 225 
LEU OXT  O N N 226 
LEU H    H N N 227 
LEU H2   H N N 228 
LEU HA   H N N 229 
LEU HB2  H N N 230 
LEU HB3  H N N 231 
LEU HG   H N N 232 
LEU HD11 H N N 233 
LEU HD12 H N N 234 
LEU HD13 H N N 235 
LEU HD21 H N N 236 
LEU HD22 H N N 237 
LEU HD23 H N N 238 
LEU HXT  H N N 239 
LYS N    N N N 240 
LYS CA   C N S 241 
LYS C    C N N 242 
LYS O    O N N 243 
LYS CB   C N N 244 
LYS CG   C N N 245 
LYS CD   C N N 246 
LYS CE   C N N 247 
LYS NZ   N N N 248 
LYS OXT  O N N 249 
LYS H    H N N 250 
LYS H2   H N N 251 
LYS HA   H N N 252 
LYS HB2  H N N 253 
LYS HB3  H N N 254 
LYS HG2  H N N 255 
LYS HG3  H N N 256 
LYS HD2  H N N 257 
LYS HD3  H N N 258 
LYS HE2  H N N 259 
LYS HE3  H N N 260 
LYS HZ1  H N N 261 
LYS HZ2  H N N 262 
LYS HZ3  H N N 263 
LYS HXT  H N N 264 
MET N    N N N 265 
MET CA   C N S 266 
MET C    C N N 267 
MET O    O N N 268 
MET CB   C N N 269 
MET CG   C N N 270 
MET SD   S N N 271 
MET CE   C N N 272 
MET OXT  O N N 273 
MET H    H N N 274 
MET H2   H N N 275 
MET HA   H N N 276 
MET HB2  H N N 277 
MET HB3  H N N 278 
MET HG2  H N N 279 
MET HG3  H N N 280 
MET HE1  H N N 281 
MET HE2  H N N 282 
MET HE3  H N N 283 
MET HXT  H N N 284 
PHE N    N N N 285 
PHE CA   C N S 286 
PHE C    C N N 287 
PHE O    O N N 288 
PHE CB   C N N 289 
PHE CG   C Y N 290 
PHE CD1  C Y N 291 
PHE CD2  C Y N 292 
PHE CE1  C Y N 293 
PHE CE2  C Y N 294 
PHE CZ   C Y N 295 
PHE OXT  O N N 296 
PHE H    H N N 297 
PHE H2   H N N 298 
PHE HA   H N N 299 
PHE HB2  H N N 300 
PHE HB3  H N N 301 
PHE HD1  H N N 302 
PHE HD2  H N N 303 
PHE HE1  H N N 304 
PHE HE2  H N N 305 
PHE HZ   H N N 306 
PHE HXT  H N N 307 
PRO N    N N N 308 
PRO CA   C N S 309 
PRO C    C N N 310 
PRO O    O N N 311 
PRO CB   C N N 312 
PRO CG   C N N 313 
PRO CD   C N N 314 
PRO OXT  O N N 315 
PRO H    H N N 316 
PRO HA   H N N 317 
PRO HB2  H N N 318 
PRO HB3  H N N 319 
PRO HG2  H N N 320 
PRO HG3  H N N 321 
PRO HD2  H N N 322 
PRO HD3  H N N 323 
PRO HXT  H N N 324 
SER N    N N N 325 
SER CA   C N S 326 
SER C    C N N 327 
SER O    O N N 328 
SER CB   C N N 329 
SER OG   O N N 330 
SER OXT  O N N 331 
SER H    H N N 332 
SER H2   H N N 333 
SER HA   H N N 334 
SER HB2  H N N 335 
SER HB3  H N N 336 
SER HG   H N N 337 
SER HXT  H N N 338 
THR N    N N N 339 
THR CA   C N S 340 
THR C    C N N 341 
THR O    O N N 342 
THR CB   C N R 343 
THR OG1  O N N 344 
THR CG2  C N N 345 
THR OXT  O N N 346 
THR H    H N N 347 
THR H2   H N N 348 
THR HA   H N N 349 
THR HB   H N N 350 
THR HG1  H N N 351 
THR HG21 H N N 352 
THR HG22 H N N 353 
THR HG23 H N N 354 
THR HXT  H N N 355 
TRP N    N N N 356 
TRP CA   C N S 357 
TRP C    C N N 358 
TRP O    O N N 359 
TRP CB   C N N 360 
TRP CG   C Y N 361 
TRP CD1  C Y N 362 
TRP CD2  C Y N 363 
TRP NE1  N Y N 364 
TRP CE2  C Y N 365 
TRP CE3  C Y N 366 
TRP CZ2  C Y N 367 
TRP CZ3  C Y N 368 
TRP CH2  C Y N 369 
TRP OXT  O N N 370 
TRP H    H N N 371 
TRP H2   H N N 372 
TRP HA   H N N 373 
TRP HB2  H N N 374 
TRP HB3  H N N 375 
TRP HD1  H N N 376 
TRP HE1  H N N 377 
TRP HE3  H N N 378 
TRP HZ2  H N N 379 
TRP HZ3  H N N 380 
TRP HH2  H N N 381 
TRP HXT  H N N 382 
TYR N    N N N 383 
TYR CA   C N S 384 
TYR C    C N N 385 
TYR O    O N N 386 
TYR CB   C N N 387 
TYR CG   C Y N 388 
TYR CD1  C Y N 389 
TYR CD2  C Y N 390 
TYR CE1  C Y N 391 
TYR CE2  C Y N 392 
TYR CZ   C Y N 393 
TYR OH   O N N 394 
TYR OXT  O N N 395 
TYR H    H N N 396 
TYR H2   H N N 397 
TYR HA   H N N 398 
TYR HB2  H N N 399 
TYR HB3  H N N 400 
TYR HD1  H N N 401 
TYR HD2  H N N 402 
TYR HE1  H N N 403 
TYR HE2  H N N 404 
TYR HH   H N N 405 
TYR HXT  H N N 406 
VAL N    N N N 407 
VAL CA   C N S 408 
VAL C    C N N 409 
VAL O    O N N 410 
VAL CB   C N N 411 
VAL CG1  C N N 412 
VAL CG2  C N N 413 
VAL OXT  O N N 414 
VAL H    H N N 415 
VAL H2   H N N 416 
VAL HA   H N N 417 
VAL HB   H N N 418 
VAL HG11 H N N 419 
VAL HG12 H N N 420 
VAL HG13 H N N 421 
VAL HG21 H N N 422 
VAL HG22 H N N 423 
VAL HG23 H N N 424 
VAL HXT  H N N 425 
# 
loop_
_chem_comp_bond.comp_id 
_chem_comp_bond.atom_id_1 
_chem_comp_bond.atom_id_2 
_chem_comp_bond.value_order 
_chem_comp_bond.pdbx_aromatic_flag 
_chem_comp_bond.pdbx_stereo_config 
_chem_comp_bond.pdbx_ordinal 
ALA N   CA   sing N N 1   
ALA N   H    sing N N 2   
ALA N   H2   sing N N 3   
ALA CA  C    sing N N 4   
ALA CA  CB   sing N N 5   
ALA CA  HA   sing N N 6   
ALA C   O    doub N N 7   
ALA C   OXT  sing N N 8   
ALA CB  HB1  sing N N 9   
ALA CB  HB2  sing N N 10  
ALA CB  HB3  sing N N 11  
ALA OXT HXT  sing N N 12  
ARG N   CA   sing N N 13  
ARG N   H    sing N N 14  
ARG N   H2   sing N N 15  
ARG CA  C    sing N N 16  
ARG CA  CB   sing N N 17  
ARG CA  HA   sing N N 18  
ARG C   O    doub N N 19  
ARG C   OXT  sing N N 20  
ARG CB  CG   sing N N 21  
ARG CB  HB2  sing N N 22  
ARG CB  HB3  sing N N 23  
ARG CG  CD   sing N N 24  
ARG CG  HG2  sing N N 25  
ARG CG  HG3  sing N N 26  
ARG CD  NE   sing N N 27  
ARG CD  HD2  sing N N 28  
ARG CD  HD3  sing N N 29  
ARG NE  CZ   sing N N 30  
ARG NE  HE   sing N N 31  
ARG CZ  NH1  sing N N 32  
ARG CZ  NH2  doub N N 33  
ARG NH1 HH11 sing N N 34  
ARG NH1 HH12 sing N N 35  
ARG NH2 HH21 sing N N 36  
ARG NH2 HH22 sing N N 37  
ARG OXT HXT  sing N N 38  
ASN N   CA   sing N N 39  
ASN N   H    sing N N 40  
ASN N   H2   sing N N 41  
ASN CA  C    sing N N 42  
ASN CA  CB   sing N N 43  
ASN CA  HA   sing N N 44  
ASN C   O    doub N N 45  
ASN C   OXT  sing N N 46  
ASN CB  CG   sing N N 47  
ASN CB  HB2  sing N N 48  
ASN CB  HB3  sing N N 49  
ASN CG  OD1  doub N N 50  
ASN CG  ND2  sing N N 51  
ASN ND2 HD21 sing N N 52  
ASN ND2 HD22 sing N N 53  
ASN OXT HXT  sing N N 54  
ASP N   CA   sing N N 55  
ASP N   H    sing N N 56  
ASP N   H2   sing N N 57  
ASP CA  C    sing N N 58  
ASP CA  CB   sing N N 59  
ASP CA  HA   sing N N 60  
ASP C   O    doub N N 61  
ASP C   OXT  sing N N 62  
ASP CB  CG   sing N N 63  
ASP CB  HB2  sing N N 64  
ASP CB  HB3  sing N N 65  
ASP CG  OD1  doub N N 66  
ASP CG  OD2  sing N N 67  
ASP OD2 HD2  sing N N 68  
ASP OXT HXT  sing N N 69  
CYS N   CA   sing N N 70  
CYS N   H    sing N N 71  
CYS N   H2   sing N N 72  
CYS CA  C    sing N N 73  
CYS CA  CB   sing N N 74  
CYS CA  HA   sing N N 75  
CYS C   O    doub N N 76  
CYS C   OXT  sing N N 77  
CYS CB  SG   sing N N 78  
CYS CB  HB2  sing N N 79  
CYS CB  HB3  sing N N 80  
CYS SG  HG   sing N N 81  
CYS OXT HXT  sing N N 82  
EA4 C   O    doub N N 83  
EA4 C   CA   sing N N 84  
EA4 C   OAN  sing N N 85  
EA4 N   CA   sing N N 86  
EA4 N   CAO  sing N N 87  
EA4 CAA CAI  sing N N 88  
EA4 NAB CAQ  sing N N 89  
EA4 OAC CAO  doub N N 90  
EA4 CAE CAG  doub Y N 91  
EA4 CAE CAQ  sing Y N 92  
EA4 CAF CAH  sing Y N 93  
EA4 CAF CAQ  doub Y N 94  
EA4 CAG CAR  sing Y N 95  
EA4 CAH CAR  doub Y N 96  
EA4 CAI OAN  sing N N 97  
EA4 CAK NAM  sing N N 98  
EA4 CAK CAR  sing N N 99  
EA4 NAM CAO  sing N N 100 
EA4 N   HN   sing N N 101 
EA4 CA  HA   sing N N 102 
EA4 CA  HAA  sing N N 103 
EA4 CAA HAAA sing N N 104 
EA4 CAA HAAB sing N N 105 
EA4 CAA HAAC sing N N 106 
EA4 NAB HNAB sing N N 107 
EA4 NAB HNAA sing N N 108 
EA4 CAE HAE  sing N N 109 
EA4 CAF HAF  sing N N 110 
EA4 CAG HAG  sing N N 111 
EA4 CAH HAH  sing N N 112 
EA4 CAI HAI  sing N N 113 
EA4 CAI HAIA sing N N 114 
EA4 CAK HAK  sing N N 115 
EA4 CAK HAKA sing N N 116 
EA4 NAM HNAM sing N N 117 
GLN N   CA   sing N N 118 
GLN N   H    sing N N 119 
GLN N   H2   sing N N 120 
GLN CA  C    sing N N 121 
GLN CA  CB   sing N N 122 
GLN CA  HA   sing N N 123 
GLN C   O    doub N N 124 
GLN C   OXT  sing N N 125 
GLN CB  CG   sing N N 126 
GLN CB  HB2  sing N N 127 
GLN CB  HB3  sing N N 128 
GLN CG  CD   sing N N 129 
GLN CG  HG2  sing N N 130 
GLN CG  HG3  sing N N 131 
GLN CD  OE1  doub N N 132 
GLN CD  NE2  sing N N 133 
GLN NE2 HE21 sing N N 134 
GLN NE2 HE22 sing N N 135 
GLN OXT HXT  sing N N 136 
GLU N   CA   sing N N 137 
GLU N   H    sing N N 138 
GLU N   H2   sing N N 139 
GLU CA  C    sing N N 140 
GLU CA  CB   sing N N 141 
GLU CA  HA   sing N N 142 
GLU C   O    doub N N 143 
GLU C   OXT  sing N N 144 
GLU CB  CG   sing N N 145 
GLU CB  HB2  sing N N 146 
GLU CB  HB3  sing N N 147 
GLU CG  CD   sing N N 148 
GLU CG  HG2  sing N N 149 
GLU CG  HG3  sing N N 150 
GLU CD  OE1  doub N N 151 
GLU CD  OE2  sing N N 152 
GLU OE2 HE2  sing N N 153 
GLU OXT HXT  sing N N 154 
GLY N   CA   sing N N 155 
GLY N   H    sing N N 156 
GLY N   H2   sing N N 157 
GLY CA  C    sing N N 158 
GLY CA  HA2  sing N N 159 
GLY CA  HA3  sing N N 160 
GLY C   O    doub N N 161 
GLY C   OXT  sing N N 162 
GLY OXT HXT  sing N N 163 
HIS N   CA   sing N N 164 
HIS N   H    sing N N 165 
HIS N   H2   sing N N 166 
HIS CA  C    sing N N 167 
HIS CA  CB   sing N N 168 
HIS CA  HA   sing N N 169 
HIS C   O    doub N N 170 
HIS C   OXT  sing N N 171 
HIS CB  CG   sing N N 172 
HIS CB  HB2  sing N N 173 
HIS CB  HB3  sing N N 174 
HIS CG  ND1  sing Y N 175 
HIS CG  CD2  doub Y N 176 
HIS ND1 CE1  doub Y N 177 
HIS ND1 HD1  sing N N 178 
HIS CD2 NE2  sing Y N 179 
HIS CD2 HD2  sing N N 180 
HIS CE1 NE2  sing Y N 181 
HIS CE1 HE1  sing N N 182 
HIS NE2 HE2  sing N N 183 
HIS OXT HXT  sing N N 184 
HOH O   H1   sing N N 185 
HOH O   H2   sing N N 186 
ILE N   CA   sing N N 187 
ILE N   H    sing N N 188 
ILE N   H2   sing N N 189 
ILE CA  C    sing N N 190 
ILE CA  CB   sing N N 191 
ILE CA  HA   sing N N 192 
ILE C   O    doub N N 193 
ILE C   OXT  sing N N 194 
ILE CB  CG1  sing N N 195 
ILE CB  CG2  sing N N 196 
ILE CB  HB   sing N N 197 
ILE CG1 CD1  sing N N 198 
ILE CG1 HG12 sing N N 199 
ILE CG1 HG13 sing N N 200 
ILE CG2 HG21 sing N N 201 
ILE CG2 HG22 sing N N 202 
ILE CG2 HG23 sing N N 203 
ILE CD1 HD11 sing N N 204 
ILE CD1 HD12 sing N N 205 
ILE CD1 HD13 sing N N 206 
ILE OXT HXT  sing N N 207 
LEU N   CA   sing N N 208 
LEU N   H    sing N N 209 
LEU N   H2   sing N N 210 
LEU CA  C    sing N N 211 
LEU CA  CB   sing N N 212 
LEU CA  HA   sing N N 213 
LEU C   O    doub N N 214 
LEU C   OXT  sing N N 215 
LEU CB  CG   sing N N 216 
LEU CB  HB2  sing N N 217 
LEU CB  HB3  sing N N 218 
LEU CG  CD1  sing N N 219 
LEU CG  CD2  sing N N 220 
LEU CG  HG   sing N N 221 
LEU CD1 HD11 sing N N 222 
LEU CD1 HD12 sing N N 223 
LEU CD1 HD13 sing N N 224 
LEU CD2 HD21 sing N N 225 
LEU CD2 HD22 sing N N 226 
LEU CD2 HD23 sing N N 227 
LEU OXT HXT  sing N N 228 
LYS N   CA   sing N N 229 
LYS N   H    sing N N 230 
LYS N   H2   sing N N 231 
LYS CA  C    sing N N 232 
LYS CA  CB   sing N N 233 
LYS CA  HA   sing N N 234 
LYS C   O    doub N N 235 
LYS C   OXT  sing N N 236 
LYS CB  CG   sing N N 237 
LYS CB  HB2  sing N N 238 
LYS CB  HB3  sing N N 239 
LYS CG  CD   sing N N 240 
LYS CG  HG2  sing N N 241 
LYS CG  HG3  sing N N 242 
LYS CD  CE   sing N N 243 
LYS CD  HD2  sing N N 244 
LYS CD  HD3  sing N N 245 
LYS CE  NZ   sing N N 246 
LYS CE  HE2  sing N N 247 
LYS CE  HE3  sing N N 248 
LYS NZ  HZ1  sing N N 249 
LYS NZ  HZ2  sing N N 250 
LYS NZ  HZ3  sing N N 251 
LYS OXT HXT  sing N N 252 
MET N   CA   sing N N 253 
MET N   H    sing N N 254 
MET N   H2   sing N N 255 
MET CA  C    sing N N 256 
MET CA  CB   sing N N 257 
MET CA  HA   sing N N 258 
MET C   O    doub N N 259 
MET C   OXT  sing N N 260 
MET CB  CG   sing N N 261 
MET CB  HB2  sing N N 262 
MET CB  HB3  sing N N 263 
MET CG  SD   sing N N 264 
MET CG  HG2  sing N N 265 
MET CG  HG3  sing N N 266 
MET SD  CE   sing N N 267 
MET CE  HE1  sing N N 268 
MET CE  HE2  sing N N 269 
MET CE  HE3  sing N N 270 
MET OXT HXT  sing N N 271 
PHE N   CA   sing N N 272 
PHE N   H    sing N N 273 
PHE N   H2   sing N N 274 
PHE CA  C    sing N N 275 
PHE CA  CB   sing N N 276 
PHE CA  HA   sing N N 277 
PHE C   O    doub N N 278 
PHE C   OXT  sing N N 279 
PHE CB  CG   sing N N 280 
PHE CB  HB2  sing N N 281 
PHE CB  HB3  sing N N 282 
PHE CG  CD1  doub Y N 283 
PHE CG  CD2  sing Y N 284 
PHE CD1 CE1  sing Y N 285 
PHE CD1 HD1  sing N N 286 
PHE CD2 CE2  doub Y N 287 
PHE CD2 HD2  sing N N 288 
PHE CE1 CZ   doub Y N 289 
PHE CE1 HE1  sing N N 290 
PHE CE2 CZ   sing Y N 291 
PHE CE2 HE2  sing N N 292 
PHE CZ  HZ   sing N N 293 
PHE OXT HXT  sing N N 294 
PRO N   CA   sing N N 295 
PRO N   CD   sing N N 296 
PRO N   H    sing N N 297 
PRO CA  C    sing N N 298 
PRO CA  CB   sing N N 299 
PRO CA  HA   sing N N 300 
PRO C   O    doub N N 301 
PRO C   OXT  sing N N 302 
PRO CB  CG   sing N N 303 
PRO CB  HB2  sing N N 304 
PRO CB  HB3  sing N N 305 
PRO CG  CD   sing N N 306 
PRO CG  HG2  sing N N 307 
PRO CG  HG3  sing N N 308 
PRO CD  HD2  sing N N 309 
PRO CD  HD3  sing N N 310 
PRO OXT HXT  sing N N 311 
SER N   CA   sing N N 312 
SER N   H    sing N N 313 
SER N   H2   sing N N 314 
SER CA  C    sing N N 315 
SER CA  CB   sing N N 316 
SER CA  HA   sing N N 317 
SER C   O    doub N N 318 
SER C   OXT  sing N N 319 
SER CB  OG   sing N N 320 
SER CB  HB2  sing N N 321 
SER CB  HB3  sing N N 322 
SER OG  HG   sing N N 323 
SER OXT HXT  sing N N 324 
THR N   CA   sing N N 325 
THR N   H    sing N N 326 
THR N   H2   sing N N 327 
THR CA  C    sing N N 328 
THR CA  CB   sing N N 329 
THR CA  HA   sing N N 330 
THR C   O    doub N N 331 
THR C   OXT  sing N N 332 
THR CB  OG1  sing N N 333 
THR CB  CG2  sing N N 334 
THR CB  HB   sing N N 335 
THR OG1 HG1  sing N N 336 
THR CG2 HG21 sing N N 337 
THR CG2 HG22 sing N N 338 
THR CG2 HG23 sing N N 339 
THR OXT HXT  sing N N 340 
TRP N   CA   sing N N 341 
TRP N   H    sing N N 342 
TRP N   H2   sing N N 343 
TRP CA  C    sing N N 344 
TRP CA  CB   sing N N 345 
TRP CA  HA   sing N N 346 
TRP C   O    doub N N 347 
TRP C   OXT  sing N N 348 
TRP CB  CG   sing N N 349 
TRP CB  HB2  sing N N 350 
TRP CB  HB3  sing N N 351 
TRP CG  CD1  doub Y N 352 
TRP CG  CD2  sing Y N 353 
TRP CD1 NE1  sing Y N 354 
TRP CD1 HD1  sing N N 355 
TRP CD2 CE2  doub Y N 356 
TRP CD2 CE3  sing Y N 357 
TRP NE1 CE2  sing Y N 358 
TRP NE1 HE1  sing N N 359 
TRP CE2 CZ2  sing Y N 360 
TRP CE3 CZ3  doub Y N 361 
TRP CE3 HE3  sing N N 362 
TRP CZ2 CH2  doub Y N 363 
TRP CZ2 HZ2  sing N N 364 
TRP CZ3 CH2  sing Y N 365 
TRP CZ3 HZ3  sing N N 366 
TRP CH2 HH2  sing N N 367 
TRP OXT HXT  sing N N 368 
TYR N   CA   sing N N 369 
TYR N   H    sing N N 370 
TYR N   H2   sing N N 371 
TYR CA  C    sing N N 372 
TYR CA  CB   sing N N 373 
TYR CA  HA   sing N N 374 
TYR C   O    doub N N 375 
TYR C   OXT  sing N N 376 
TYR CB  CG   sing N N 377 
TYR CB  HB2  sing N N 378 
TYR CB  HB3  sing N N 379 
TYR CG  CD1  doub Y N 380 
TYR CG  CD2  sing Y N 381 
TYR CD1 CE1  sing Y N 382 
TYR CD1 HD1  sing N N 383 
TYR CD2 CE2  doub Y N 384 
TYR CD2 HD2  sing N N 385 
TYR CE1 CZ   doub Y N 386 
TYR CE1 HE1  sing N N 387 
TYR CE2 CZ   sing Y N 388 
TYR CE2 HE2  sing N N 389 
TYR CZ  OH   sing N N 390 
TYR OH  HH   sing N N 391 
TYR OXT HXT  sing N N 392 
VAL N   CA   sing N N 393 
VAL N   H    sing N N 394 
VAL N   H2   sing N N 395 
VAL CA  C    sing N N 396 
VAL CA  CB   sing N N 397 
VAL CA  HA   sing N N 398 
VAL C   O    doub N N 399 
VAL C   OXT  sing N N 400 
VAL CB  CG1  sing N N 401 
VAL CB  CG2  sing N N 402 
VAL CB  HB   sing N N 403 
VAL CG1 HG11 sing N N 404 
VAL CG1 HG12 sing N N 405 
VAL CG1 HG13 sing N N 406 
VAL CG2 HG21 sing N N 407 
VAL CG2 HG22 sing N N 408 
VAL CG2 HG23 sing N N 409 
VAL OXT HXT  sing N N 410 
# 
loop_
_pdbx_entity_nonpoly.entity_id 
_pdbx_entity_nonpoly.name 
_pdbx_entity_nonpoly.comp_id 
2 'ethyl N-[(4-aminobenzyl)carbamoyl]glycinate' EA4 
3 water                                         HOH 
# 
_pdbx_initial_refinement_model.id               1 
_pdbx_initial_refinement_model.entity_id_list   ? 
_pdbx_initial_refinement_model.type             'experimental model' 
_pdbx_initial_refinement_model.source_name      PDB 
_pdbx_initial_refinement_model.accession_code   2CYH 
_pdbx_initial_refinement_model.details          'PDB ENTRY 2CYH' 
# 
